data_1GNR
# 
_entry.id   1GNR 
# 
_audit_conform.dict_name       mmcif_pdbx.dic 
_audit_conform.dict_version    5.385 
_audit_conform.dict_location   http://mmcif.pdb.org/dictionaries/ascii/mmcif_pdbx.dic 
# 
loop_
_database_2.database_id 
_database_2.database_code 
_database_2.pdbx_database_accession 
_database_2.pdbx_DOI 
PDB   1GNR         pdb_00001gnr 10.2210/pdb1gnr/pdb 
WWPDB D_1000173639 ?            ?                   
# 
loop_
_pdbx_audit_revision_history.ordinal 
_pdbx_audit_revision_history.data_content_type 
_pdbx_audit_revision_history.major_revision 
_pdbx_audit_revision_history.minor_revision 
_pdbx_audit_revision_history.revision_date 
1 'Structure model' 1 0 1995-07-31 
2 'Structure model' 1 1 2008-03-24 
3 'Structure model' 1 2 2011-07-13 
4 'Structure model' 1 3 2024-02-07 
# 
_pdbx_audit_revision_details.ordinal             1 
_pdbx_audit_revision_details.revision_ordinal    1 
_pdbx_audit_revision_details.data_content_type   'Structure model' 
_pdbx_audit_revision_details.provider            repository 
_pdbx_audit_revision_details.type                'Initial release' 
_pdbx_audit_revision_details.description         ? 
_pdbx_audit_revision_details.details             ? 
# 
loop_
_pdbx_audit_revision_group.ordinal 
_pdbx_audit_revision_group.revision_ordinal 
_pdbx_audit_revision_group.data_content_type 
_pdbx_audit_revision_group.group 
1 2 'Structure model' 'Version format compliance' 
2 3 'Structure model' 'Version format compliance' 
3 4 'Structure model' 'Data collection'           
4 4 'Structure model' 'Database references'       
5 4 'Structure model' 'Derived calculations'      
6 4 'Structure model' Other                       
# 
loop_
_pdbx_audit_revision_category.ordinal 
_pdbx_audit_revision_category.revision_ordinal 
_pdbx_audit_revision_category.data_content_type 
_pdbx_audit_revision_category.category 
1 4 'Structure model' chem_comp_atom         
2 4 'Structure model' chem_comp_bond         
3 4 'Structure model' database_2             
4 4 'Structure model' pdbx_database_status   
5 4 'Structure model' pdbx_struct_conn_angle 
6 4 'Structure model' struct_conn            
7 4 'Structure model' struct_site            
# 
loop_
_pdbx_audit_revision_item.ordinal 
_pdbx_audit_revision_item.revision_ordinal 
_pdbx_audit_revision_item.data_content_type 
_pdbx_audit_revision_item.item 
1  4 'Structure model' '_database_2.pdbx_DOI'                        
2  4 'Structure model' '_database_2.pdbx_database_accession'         
3  4 'Structure model' '_pdbx_database_status.process_site'          
4  4 'Structure model' '_pdbx_struct_conn_angle.ptnr1_auth_comp_id'  
5  4 'Structure model' '_pdbx_struct_conn_angle.ptnr1_auth_seq_id'   
6  4 'Structure model' '_pdbx_struct_conn_angle.ptnr1_label_asym_id' 
7  4 'Structure model' '_pdbx_struct_conn_angle.ptnr1_label_atom_id' 
8  4 'Structure model' '_pdbx_struct_conn_angle.ptnr1_label_comp_id' 
9  4 'Structure model' '_pdbx_struct_conn_angle.ptnr1_label_seq_id'  
10 4 'Structure model' '_pdbx_struct_conn_angle.ptnr3_auth_comp_id'  
11 4 'Structure model' '_pdbx_struct_conn_angle.ptnr3_auth_seq_id'   
12 4 'Structure model' '_pdbx_struct_conn_angle.ptnr3_label_asym_id' 
13 4 'Structure model' '_pdbx_struct_conn_angle.ptnr3_label_atom_id' 
14 4 'Structure model' '_pdbx_struct_conn_angle.ptnr3_label_comp_id' 
15 4 'Structure model' '_pdbx_struct_conn_angle.ptnr3_label_seq_id'  
16 4 'Structure model' '_pdbx_struct_conn_angle.value'               
17 4 'Structure model' '_struct_conn.pdbx_dist_value'                
18 4 'Structure model' '_struct_conn.pdbx_ptnr1_label_alt_id'        
19 4 'Structure model' '_struct_conn.pdbx_ptnr2_label_alt_id'        
20 4 'Structure model' '_struct_conn.ptnr1_auth_comp_id'             
21 4 'Structure model' '_struct_conn.ptnr1_auth_seq_id'              
22 4 'Structure model' '_struct_conn.ptnr1_label_asym_id'            
23 4 'Structure model' '_struct_conn.ptnr1_label_atom_id'            
24 4 'Structure model' '_struct_conn.ptnr1_label_comp_id'            
25 4 'Structure model' '_struct_conn.ptnr1_label_seq_id'             
26 4 'Structure model' '_struct_conn.ptnr2_auth_comp_id'             
27 4 'Structure model' '_struct_conn.ptnr2_auth_seq_id'              
28 4 'Structure model' '_struct_conn.ptnr2_label_asym_id'            
29 4 'Structure model' '_struct_conn.ptnr2_label_atom_id'            
30 4 'Structure model' '_struct_conn.ptnr2_label_comp_id'            
31 4 'Structure model' '_struct_conn.ptnr2_label_seq_id'             
32 4 'Structure model' '_struct_site.pdbx_auth_asym_id'              
33 4 'Structure model' '_struct_site.pdbx_auth_comp_id'              
34 4 'Structure model' '_struct_site.pdbx_auth_seq_id'               
# 
_pdbx_database_status.status_code                     REL 
_pdbx_database_status.entry_id                        1GNR 
_pdbx_database_status.recvd_initial_deposition_date   1995-05-11 
_pdbx_database_status.deposit_site                    ? 
_pdbx_database_status.process_site                    BNL 
_pdbx_database_status.SG_entry                        . 
_pdbx_database_status.pdb_format_compatible           Y 
_pdbx_database_status.status_code_mr                  ? 
_pdbx_database_status.status_code_sf                  ? 
_pdbx_database_status.status_code_cs                  ? 
_pdbx_database_status.status_code_nmr_data            ? 
_pdbx_database_status.methods_development_category    ? 
# 
loop_
_audit_author.name 
_audit_author.pdbx_ordinal 
'Scheidig, A.'     1 
'Franken, S.M.'    2 
'Corrie, J.E.T.'   3 
'Reid, G.P.'       4 
'Wittinghofer, A.' 5 
'Pai, E.F.'        6 
'Goody, R.S.'      7 
# 
loop_
_citation.id 
_citation.title 
_citation.journal_abbrev 
_citation.journal_volume 
_citation.page_first 
_citation.page_last 
_citation.year 
_citation.journal_id_ASTM 
_citation.country 
_citation.journal_id_ISSN 
_citation.journal_id_CSD 
_citation.book_publisher 
_citation.pdbx_database_id_PubMed 
_citation.pdbx_database_id_DOI 
primary 
;X-ray crystal structure analysis of the catalytic domain of the oncogene product p21H-ras complexed with caged GTP and mant dGppNHp.
;
J.Mol.Biol.                253 132 150 1995 JMOBAK UK 0022-2836 0070 ? 7473708 10.1006/jmbi.1995.0541 
1       
;Crystallographic Studies on P21H-Ras Using Synchrotron Laue Method: Improvement of Crystal Quality and Monitoring of the Gtpase Reaction at Different Time Points
;
'Acta Crystallogr.,Sect.D' 50  512 ?   1994 ABCRE6 DK 0907-4449 0766 ? ?       ?                      
# 
loop_
_citation_author.citation_id 
_citation_author.name 
_citation_author.ordinal 
_citation_author.identifier_ORCID 
primary 'Scheidig, A.J.'       1  ? 
primary 'Franken, S.M.'        2  ? 
primary 'Corrie, J.E.'         3  ? 
primary 'Reid, G.P.'           4  ? 
primary 'Wittinghofer, A.'     5  ? 
primary 'Pai, E.F.'            6  ? 
primary 'Goody, R.S.'          7  ? 
1       'Scheidig, A.J.'       8  ? 
1       'Sanchez-Llorente, A.' 9  ? 
1       'Lautwein, A.'         10 ? 
1       'Pai, E.F.'            11 ? 
1       'Corrie, J.E.T.'       12 ? 
1       'Reid, G.P.'           13 ? 
1       'Wittinghofer, A.'     14 ? 
1       'Goody, R.S.'          15 ? 
# 
loop_
_entity.id 
_entity.type 
_entity.src_method 
_entity.pdbx_description 
_entity.formula_weight 
_entity.pdbx_number_of_molecules 
_entity.pdbx_ec 
_entity.pdbx_mutation 
_entity.pdbx_fragment 
_entity.details 
1 polymer     man 'C-H-RAS P21 PROTEIN'                                         18875.191 1   ? ? ? ? 
2 non-polymer syn 'MAGNESIUM ION'                                               24.305    1   ? ? ? ? 
3 non-polymer syn 
;GUANOSINE 5'-TRIPHOSPHATE P3-[1-(2-NITROPHENYL)ETHYL ESTER]
;
672.327   1   ? ? ? ? 
4 water       nat water                                                         18.015    100 ? ? ? ? 
# 
_entity_poly.entity_id                      1 
_entity_poly.type                           'polypeptide(L)' 
_entity_poly.nstd_linkage                   no 
_entity_poly.nstd_monomer                   no 
_entity_poly.pdbx_seq_one_letter_code       
;MTEYKLVVVGAGGVGKSALTIQLIQNHFVDEYDPTIEDSYRKQVVIDGETCLLDILDTAGQEEYSAMRDQYMRTGEGFLC
VFAINNTKSFEDIHQYREQIKRVKDSDDVPMVLVGNKCDLAARTVESRQAQDLARSYGIPYIETSAKTRQGVEDAFYTLV
REIRQH
;
_entity_poly.pdbx_seq_one_letter_code_can   
;MTEYKLVVVGAGGVGKSALTIQLIQNHFVDEYDPTIEDSYRKQVVIDGETCLLDILDTAGQEEYSAMRDQYMRTGEGFLC
VFAINNTKSFEDIHQYREQIKRVKDSDDVPMVLVGNKCDLAARTVESRQAQDLARSYGIPYIETSAKTRQGVEDAFYTLV
REIRQH
;
_entity_poly.pdbx_strand_id                 A 
_entity_poly.pdbx_target_identifier         ? 
# 
loop_
_pdbx_entity_nonpoly.entity_id 
_pdbx_entity_nonpoly.name 
_pdbx_entity_nonpoly.comp_id 
2 'MAGNESIUM ION'                                               MG  
3 
;GUANOSINE 5'-TRIPHOSPHATE P3-[1-(2-NITROPHENYL)ETHYL ESTER]
;
CAG 
4 water                                                         HOH 
# 
loop_
_entity_poly_seq.entity_id 
_entity_poly_seq.num 
_entity_poly_seq.mon_id 
_entity_poly_seq.hetero 
1 1   MET n 
1 2   THR n 
1 3   GLU n 
1 4   TYR n 
1 5   LYS n 
1 6   LEU n 
1 7   VAL n 
1 8   VAL n 
1 9   VAL n 
1 10  GLY n 
1 11  ALA n 
1 12  GLY n 
1 13  GLY n 
1 14  VAL n 
1 15  GLY n 
1 16  LYS n 
1 17  SER n 
1 18  ALA n 
1 19  LEU n 
1 20  THR n 
1 21  ILE n 
1 22  GLN n 
1 23  LEU n 
1 24  ILE n 
1 25  GLN n 
1 26  ASN n 
1 27  HIS n 
1 28  PHE n 
1 29  VAL n 
1 30  ASP n 
1 31  GLU n 
1 32  TYR n 
1 33  ASP n 
1 34  PRO n 
1 35  THR n 
1 36  ILE n 
1 37  GLU n 
1 38  ASP n 
1 39  SER n 
1 40  TYR n 
1 41  ARG n 
1 42  LYS n 
1 43  GLN n 
1 44  VAL n 
1 45  VAL n 
1 46  ILE n 
1 47  ASP n 
1 48  GLY n 
1 49  GLU n 
1 50  THR n 
1 51  CYS n 
1 52  LEU n 
1 53  LEU n 
1 54  ASP n 
1 55  ILE n 
1 56  LEU n 
1 57  ASP n 
1 58  THR n 
1 59  ALA n 
1 60  GLY n 
1 61  GLN n 
1 62  GLU n 
1 63  GLU n 
1 64  TYR n 
1 65  SER n 
1 66  ALA n 
1 67  MET n 
1 68  ARG n 
1 69  ASP n 
1 70  GLN n 
1 71  TYR n 
1 72  MET n 
1 73  ARG n 
1 74  THR n 
1 75  GLY n 
1 76  GLU n 
1 77  GLY n 
1 78  PHE n 
1 79  LEU n 
1 80  CYS n 
1 81  VAL n 
1 82  PHE n 
1 83  ALA n 
1 84  ILE n 
1 85  ASN n 
1 86  ASN n 
1 87  THR n 
1 88  LYS n 
1 89  SER n 
1 90  PHE n 
1 91  GLU n 
1 92  ASP n 
1 93  ILE n 
1 94  HIS n 
1 95  GLN n 
1 96  TYR n 
1 97  ARG n 
1 98  GLU n 
1 99  GLN n 
1 100 ILE n 
1 101 LYS n 
1 102 ARG n 
1 103 VAL n 
1 104 LYS n 
1 105 ASP n 
1 106 SER n 
1 107 ASP n 
1 108 ASP n 
1 109 VAL n 
1 110 PRO n 
1 111 MET n 
1 112 VAL n 
1 113 LEU n 
1 114 VAL n 
1 115 GLY n 
1 116 ASN n 
1 117 LYS n 
1 118 CYS n 
1 119 ASP n 
1 120 LEU n 
1 121 ALA n 
1 122 ALA n 
1 123 ARG n 
1 124 THR n 
1 125 VAL n 
1 126 GLU n 
1 127 SER n 
1 128 ARG n 
1 129 GLN n 
1 130 ALA n 
1 131 GLN n 
1 132 ASP n 
1 133 LEU n 
1 134 ALA n 
1 135 ARG n 
1 136 SER n 
1 137 TYR n 
1 138 GLY n 
1 139 ILE n 
1 140 PRO n 
1 141 TYR n 
1 142 ILE n 
1 143 GLU n 
1 144 THR n 
1 145 SER n 
1 146 ALA n 
1 147 LYS n 
1 148 THR n 
1 149 ARG n 
1 150 GLN n 
1 151 GLY n 
1 152 VAL n 
1 153 GLU n 
1 154 ASP n 
1 155 ALA n 
1 156 PHE n 
1 157 TYR n 
1 158 THR n 
1 159 LEU n 
1 160 VAL n 
1 161 ARG n 
1 162 GLU n 
1 163 ILE n 
1 164 ARG n 
1 165 GLN n 
1 166 HIS n 
# 
_entity_src_gen.entity_id                          1 
_entity_src_gen.pdbx_src_id                        1 
_entity_src_gen.pdbx_alt_source_flag               sample 
_entity_src_gen.pdbx_seq_type                      ? 
_entity_src_gen.pdbx_beg_seq_num                   ? 
_entity_src_gen.pdbx_end_seq_num                   ? 
_entity_src_gen.gene_src_common_name               human 
_entity_src_gen.gene_src_genus                     Homo 
_entity_src_gen.pdbx_gene_src_gene                 ? 
_entity_src_gen.gene_src_species                   ? 
_entity_src_gen.gene_src_strain                    ? 
_entity_src_gen.gene_src_tissue                    ? 
_entity_src_gen.gene_src_tissue_fraction           ? 
_entity_src_gen.gene_src_details                   ? 
_entity_src_gen.pdbx_gene_src_fragment             ? 
_entity_src_gen.pdbx_gene_src_scientific_name      'Homo sapiens' 
_entity_src_gen.pdbx_gene_src_ncbi_taxonomy_id     9606 
_entity_src_gen.pdbx_gene_src_variant              ? 
_entity_src_gen.pdbx_gene_src_cell_line            ? 
_entity_src_gen.pdbx_gene_src_atcc                 ? 
_entity_src_gen.pdbx_gene_src_organ                ? 
_entity_src_gen.pdbx_gene_src_organelle            ? 
_entity_src_gen.pdbx_gene_src_cell                 ? 
_entity_src_gen.pdbx_gene_src_cellular_location    ? 
_entity_src_gen.host_org_common_name               ? 
_entity_src_gen.pdbx_host_org_scientific_name      ? 
_entity_src_gen.pdbx_host_org_ncbi_taxonomy_id     ? 
_entity_src_gen.host_org_genus                     ? 
_entity_src_gen.pdbx_host_org_gene                 ? 
_entity_src_gen.pdbx_host_org_organ                ? 
_entity_src_gen.host_org_species                   ? 
_entity_src_gen.pdbx_host_org_tissue               ? 
_entity_src_gen.pdbx_host_org_tissue_fraction      ? 
_entity_src_gen.pdbx_host_org_strain               ? 
_entity_src_gen.pdbx_host_org_variant              ? 
_entity_src_gen.pdbx_host_org_cell_line            ? 
_entity_src_gen.pdbx_host_org_atcc                 ? 
_entity_src_gen.pdbx_host_org_culture_collection   ? 
_entity_src_gen.pdbx_host_org_cell                 ? 
_entity_src_gen.pdbx_host_org_organelle            ? 
_entity_src_gen.pdbx_host_org_cellular_location    ? 
_entity_src_gen.pdbx_host_org_vector_type          ? 
_entity_src_gen.pdbx_host_org_vector               ? 
_entity_src_gen.host_org_details                   ? 
_entity_src_gen.expression_system_id               ? 
_entity_src_gen.plasmid_name                       ? 
_entity_src_gen.plasmid_details                    ? 
_entity_src_gen.pdbx_description                   ? 
# 
loop_
_chem_comp.id 
_chem_comp.type 
_chem_comp.mon_nstd_flag 
_chem_comp.name 
_chem_comp.pdbx_synonyms 
_chem_comp.formula 
_chem_comp.formula_weight 
ALA 'L-peptide linking' y ALANINE                                                       ? 'C3 H7 N O2'        89.093  
ARG 'L-peptide linking' y ARGININE                                                      ? 'C6 H15 N4 O2 1'    175.209 
ASN 'L-peptide linking' y ASPARAGINE                                                    ? 'C4 H8 N2 O3'       132.118 
ASP 'L-peptide linking' y 'ASPARTIC ACID'                                               ? 'C4 H7 N O4'        133.103 
CAG non-polymer         . 
;GUANOSINE 5'-TRIPHOSPHATE P3-[1-(2-NITROPHENYL)ETHYL ESTER]
;
? 'C18 H23 N6 O16 P3' 672.327 
CYS 'L-peptide linking' y CYSTEINE                                                      ? 'C3 H7 N O2 S'      121.158 
GLN 'L-peptide linking' y GLUTAMINE                                                     ? 'C5 H10 N2 O3'      146.144 
GLU 'L-peptide linking' y 'GLUTAMIC ACID'                                               ? 'C5 H9 N O4'        147.129 
GLY 'peptide linking'   y GLYCINE                                                       ? 'C2 H5 N O2'        75.067  
HIS 'L-peptide linking' y HISTIDINE                                                     ? 'C6 H10 N3 O2 1'    156.162 
HOH non-polymer         . WATER                                                         ? 'H2 O'              18.015  
ILE 'L-peptide linking' y ISOLEUCINE                                                    ? 'C6 H13 N O2'       131.173 
LEU 'L-peptide linking' y LEUCINE                                                       ? 'C6 H13 N O2'       131.173 
LYS 'L-peptide linking' y LYSINE                                                        ? 'C6 H15 N2 O2 1'    147.195 
MET 'L-peptide linking' y METHIONINE                                                    ? 'C5 H11 N O2 S'     149.211 
MG  non-polymer         . 'MAGNESIUM ION'                                               ? 'Mg 2'              24.305  
PHE 'L-peptide linking' y PHENYLALANINE                                                 ? 'C9 H11 N O2'       165.189 
PRO 'L-peptide linking' y PROLINE                                                       ? 'C5 H9 N O2'        115.130 
SER 'L-peptide linking' y SERINE                                                        ? 'C3 H7 N O3'        105.093 
THR 'L-peptide linking' y THREONINE                                                     ? 'C4 H9 N O3'        119.119 
TYR 'L-peptide linking' y TYROSINE                                                      ? 'C9 H11 N O3'       181.189 
VAL 'L-peptide linking' y VALINE                                                        ? 'C5 H11 N O2'       117.146 
# 
loop_
_pdbx_poly_seq_scheme.asym_id 
_pdbx_poly_seq_scheme.entity_id 
_pdbx_poly_seq_scheme.seq_id 
_pdbx_poly_seq_scheme.mon_id 
_pdbx_poly_seq_scheme.ndb_seq_num 
_pdbx_poly_seq_scheme.pdb_seq_num 
_pdbx_poly_seq_scheme.auth_seq_num 
_pdbx_poly_seq_scheme.pdb_mon_id 
_pdbx_poly_seq_scheme.auth_mon_id 
_pdbx_poly_seq_scheme.pdb_strand_id 
_pdbx_poly_seq_scheme.pdb_ins_code 
_pdbx_poly_seq_scheme.hetero 
A 1 1   MET 1   1   1   MET MET A . n 
A 1 2   THR 2   2   2   THR THR A . n 
A 1 3   GLU 3   3   3   GLU GLU A . n 
A 1 4   TYR 4   4   4   TYR TYR A . n 
A 1 5   LYS 5   5   5   LYS LYS A . n 
A 1 6   LEU 6   6   6   LEU LEU A . n 
A 1 7   VAL 7   7   7   VAL VAL A . n 
A 1 8   VAL 8   8   8   VAL VAL A . n 
A 1 9   VAL 9   9   9   VAL VAL A . n 
A 1 10  GLY 10  10  10  GLY GLY A . n 
A 1 11  ALA 11  11  11  ALA ALA A . n 
A 1 12  GLY 12  12  12  GLY GLY A . n 
A 1 13  GLY 13  13  13  GLY GLY A . n 
A 1 14  VAL 14  14  14  VAL VAL A . n 
A 1 15  GLY 15  15  15  GLY GLY A . n 
A 1 16  LYS 16  16  16  LYS LYS A . n 
A 1 17  SER 17  17  17  SER SER A . n 
A 1 18  ALA 18  18  18  ALA ALA A . n 
A 1 19  LEU 19  19  19  LEU LEU A . n 
A 1 20  THR 20  20  20  THR THR A . n 
A 1 21  ILE 21  21  21  ILE ILE A . n 
A 1 22  GLN 22  22  22  GLN GLN A . n 
A 1 23  LEU 23  23  23  LEU LEU A . n 
A 1 24  ILE 24  24  24  ILE ILE A . n 
A 1 25  GLN 25  25  25  GLN GLN A . n 
A 1 26  ASN 26  26  26  ASN ASN A . n 
A 1 27  HIS 27  27  27  HIS HIS A . n 
A 1 28  PHE 28  28  28  PHE PHE A . n 
A 1 29  VAL 29  29  29  VAL VAL A . n 
A 1 30  ASP 30  30  30  ASP ASP A . n 
A 1 31  GLU 31  31  31  GLU GLU A . n 
A 1 32  TYR 32  32  32  TYR TYR A . n 
A 1 33  ASP 33  33  33  ASP ASP A . n 
A 1 34  PRO 34  34  34  PRO PRO A . n 
A 1 35  THR 35  35  35  THR THR A . n 
A 1 36  ILE 36  36  36  ILE ILE A . n 
A 1 37  GLU 37  37  37  GLU GLU A . n 
A 1 38  ASP 38  38  38  ASP ASP A . n 
A 1 39  SER 39  39  39  SER SER A . n 
A 1 40  TYR 40  40  40  TYR TYR A . n 
A 1 41  ARG 41  41  41  ARG ARG A . n 
A 1 42  LYS 42  42  42  LYS LYS A . n 
A 1 43  GLN 43  43  43  GLN GLN A . n 
A 1 44  VAL 44  44  44  VAL VAL A . n 
A 1 45  VAL 45  45  45  VAL VAL A . n 
A 1 46  ILE 46  46  46  ILE ILE A . n 
A 1 47  ASP 47  47  47  ASP ASP A . n 
A 1 48  GLY 48  48  48  GLY GLY A . n 
A 1 49  GLU 49  49  49  GLU GLU A . n 
A 1 50  THR 50  50  50  THR THR A . n 
A 1 51  CYS 51  51  51  CYS CYS A . n 
A 1 52  LEU 52  52  52  LEU LEU A . n 
A 1 53  LEU 53  53  53  LEU LEU A . n 
A 1 54  ASP 54  54  54  ASP ASP A . n 
A 1 55  ILE 55  55  55  ILE ILE A . n 
A 1 56  LEU 56  56  56  LEU LEU A . n 
A 1 57  ASP 57  57  57  ASP ASP A . n 
A 1 58  THR 58  58  58  THR THR A . n 
A 1 59  ALA 59  59  59  ALA ALA A . n 
A 1 60  GLY 60  60  60  GLY GLY A . n 
A 1 61  GLN 61  61  61  GLN GLN A . n 
A 1 62  GLU 62  62  62  GLU GLU A . n 
A 1 63  GLU 63  63  63  GLU GLU A . n 
A 1 64  TYR 64  64  64  TYR TYR A . n 
A 1 65  SER 65  65  65  SER SER A . n 
A 1 66  ALA 66  66  66  ALA ALA A . n 
A 1 67  MET 67  67  67  MET MET A . n 
A 1 68  ARG 68  68  68  ARG ARG A . n 
A 1 69  ASP 69  69  69  ASP ASP A . n 
A 1 70  GLN 70  70  70  GLN GLN A . n 
A 1 71  TYR 71  71  71  TYR TYR A . n 
A 1 72  MET 72  72  72  MET MET A . n 
A 1 73  ARG 73  73  73  ARG ARG A . n 
A 1 74  THR 74  74  74  THR THR A . n 
A 1 75  GLY 75  75  75  GLY GLY A . n 
A 1 76  GLU 76  76  76  GLU GLU A . n 
A 1 77  GLY 77  77  77  GLY GLY A . n 
A 1 78  PHE 78  78  78  PHE PHE A . n 
A 1 79  LEU 79  79  79  LEU LEU A . n 
A 1 80  CYS 80  80  80  CYS CYS A . n 
A 1 81  VAL 81  81  81  VAL VAL A . n 
A 1 82  PHE 82  82  82  PHE PHE A . n 
A 1 83  ALA 83  83  83  ALA ALA A . n 
A 1 84  ILE 84  84  84  ILE ILE A . n 
A 1 85  ASN 85  85  85  ASN ASN A . n 
A 1 86  ASN 86  86  86  ASN ASN A . n 
A 1 87  THR 87  87  87  THR THR A . n 
A 1 88  LYS 88  88  88  LYS LYS A . n 
A 1 89  SER 89  89  89  SER SER A . n 
A 1 90  PHE 90  90  90  PHE PHE A . n 
A 1 91  GLU 91  91  91  GLU GLU A . n 
A 1 92  ASP 92  92  92  ASP ASP A . n 
A 1 93  ILE 93  93  93  ILE ILE A . n 
A 1 94  HIS 94  94  94  HIS HIS A . n 
A 1 95  GLN 95  95  95  GLN GLN A . n 
A 1 96  TYR 96  96  96  TYR TYR A . n 
A 1 97  ARG 97  97  97  ARG ARG A . n 
A 1 98  GLU 98  98  98  GLU GLU A . n 
A 1 99  GLN 99  99  99  GLN GLN A . n 
A 1 100 ILE 100 100 100 ILE ILE A . n 
A 1 101 LYS 101 101 101 LYS LYS A . n 
A 1 102 ARG 102 102 102 ARG ARG A . n 
A 1 103 VAL 103 103 103 VAL VAL A . n 
A 1 104 LYS 104 104 104 LYS LYS A . n 
A 1 105 ASP 105 105 105 ASP ASP A . n 
A 1 106 SER 106 106 106 SER SER A . n 
A 1 107 ASP 107 107 107 ASP ASP A . n 
A 1 108 ASP 108 108 108 ASP ASP A . n 
A 1 109 VAL 109 109 109 VAL VAL A . n 
A 1 110 PRO 110 110 110 PRO PRO A . n 
A 1 111 MET 111 111 111 MET MET A . n 
A 1 112 VAL 112 112 112 VAL VAL A . n 
A 1 113 LEU 113 113 113 LEU LEU A . n 
A 1 114 VAL 114 114 114 VAL VAL A . n 
A 1 115 GLY 115 115 115 GLY GLY A . n 
A 1 116 ASN 116 116 116 ASN ASN A . n 
A 1 117 LYS 117 117 117 LYS LYS A . n 
A 1 118 CYS 118 118 118 CYS CYS A . n 
A 1 119 ASP 119 119 119 ASP ASP A . n 
A 1 120 LEU 120 120 120 LEU LEU A . n 
A 1 121 ALA 121 121 121 ALA ALA A . n 
A 1 122 ALA 122 122 122 ALA ALA A . n 
A 1 123 ARG 123 123 123 ARG ARG A . n 
A 1 124 THR 124 124 124 THR THR A . n 
A 1 125 VAL 125 125 125 VAL VAL A . n 
A 1 126 GLU 126 126 126 GLU GLU A . n 
A 1 127 SER 127 127 127 SER SER A . n 
A 1 128 ARG 128 128 128 ARG ARG A . n 
A 1 129 GLN 129 129 129 GLN GLN A . n 
A 1 130 ALA 130 130 130 ALA ALA A . n 
A 1 131 GLN 131 131 131 GLN GLN A . n 
A 1 132 ASP 132 132 132 ASP ASP A . n 
A 1 133 LEU 133 133 133 LEU LEU A . n 
A 1 134 ALA 134 134 134 ALA ALA A . n 
A 1 135 ARG 135 135 135 ARG ARG A . n 
A 1 136 SER 136 136 136 SER SER A . n 
A 1 137 TYR 137 137 137 TYR TYR A . n 
A 1 138 GLY 138 138 138 GLY GLY A . n 
A 1 139 ILE 139 139 139 ILE ILE A . n 
A 1 140 PRO 140 140 140 PRO PRO A . n 
A 1 141 TYR 141 141 141 TYR TYR A . n 
A 1 142 ILE 142 142 142 ILE ILE A . n 
A 1 143 GLU 143 143 143 GLU GLU A . n 
A 1 144 THR 144 144 144 THR THR A . n 
A 1 145 SER 145 145 145 SER SER A . n 
A 1 146 ALA 146 146 146 ALA ALA A . n 
A 1 147 LYS 147 147 147 LYS LYS A . n 
A 1 148 THR 148 148 148 THR THR A . n 
A 1 149 ARG 149 149 149 ARG ARG A . n 
A 1 150 GLN 150 150 150 GLN GLN A . n 
A 1 151 GLY 151 151 151 GLY GLY A . n 
A 1 152 VAL 152 152 152 VAL VAL A . n 
A 1 153 GLU 153 153 153 GLU GLU A . n 
A 1 154 ASP 154 154 154 ASP ASP A . n 
A 1 155 ALA 155 155 155 ALA ALA A . n 
A 1 156 PHE 156 156 156 PHE PHE A . n 
A 1 157 TYR 157 157 157 TYR TYR A . n 
A 1 158 THR 158 158 158 THR THR A . n 
A 1 159 LEU 159 159 159 LEU LEU A . n 
A 1 160 VAL 160 160 160 VAL VAL A . n 
A 1 161 ARG 161 161 161 ARG ARG A . n 
A 1 162 GLU 162 162 162 GLU GLU A . n 
A 1 163 ILE 163 163 163 ILE ILE A . n 
A 1 164 ARG 164 164 164 ARG ARG A . n 
A 1 165 GLN 165 165 165 GLN GLN A . n 
A 1 166 HIS 166 166 166 HIS HIS A . n 
# 
loop_
_pdbx_nonpoly_scheme.asym_id 
_pdbx_nonpoly_scheme.entity_id 
_pdbx_nonpoly_scheme.mon_id 
_pdbx_nonpoly_scheme.ndb_seq_num 
_pdbx_nonpoly_scheme.pdb_seq_num 
_pdbx_nonpoly_scheme.auth_seq_num 
_pdbx_nonpoly_scheme.pdb_mon_id 
_pdbx_nonpoly_scheme.auth_mon_id 
_pdbx_nonpoly_scheme.pdb_strand_id 
_pdbx_nonpoly_scheme.pdb_ins_code 
B 2 MG  1   168 168 MG  MG  A . 
C 3 CAG 1   167 167 CAG CAG A . 
D 4 HOH 1   170 170 HOH HOH A . 
D 4 HOH 2   172 172 HOH HOH A . 
D 4 HOH 3   173 173 HOH HOH A . 
D 4 HOH 4   177 177 HOH HOH A . 
D 4 HOH 5   178 178 HOH HOH A . 
D 4 HOH 6   179 179 HOH HOH A . 
D 4 HOH 7   180 180 HOH HOH A . 
D 4 HOH 8   181 181 HOH HOH A . 
D 4 HOH 9   184 184 HOH HOH A . 
D 4 HOH 10  186 186 HOH HOH A . 
D 4 HOH 11  193 193 HOH HOH A . 
D 4 HOH 12  195 195 HOH HOH A . 
D 4 HOH 13  196 196 HOH HOH A . 
D 4 HOH 14  201 201 HOH HOH A . 
D 4 HOH 15  202 202 HOH HOH A . 
D 4 HOH 16  204 204 HOH HOH A . 
D 4 HOH 17  210 210 HOH HOH A . 
D 4 HOH 18  213 213 HOH HOH A . 
D 4 HOH 19  215 215 HOH HOH A . 
D 4 HOH 20  220 220 HOH HOH A . 
D 4 HOH 21  222 222 HOH HOH A . 
D 4 HOH 22  228 228 HOH HOH A . 
D 4 HOH 23  231 231 HOH HOH A . 
D 4 HOH 24  235 235 HOH HOH A . 
D 4 HOH 25  237 237 HOH HOH A . 
D 4 HOH 26  246 246 HOH HOH A . 
D 4 HOH 27  247 247 HOH HOH A . 
D 4 HOH 28  257 257 HOH HOH A . 
D 4 HOH 29  259 259 HOH HOH A . 
D 4 HOH 30  262 262 HOH HOH A . 
D 4 HOH 31  263 263 HOH HOH A . 
D 4 HOH 32  264 264 HOH HOH A . 
D 4 HOH 33  265 265 HOH HOH A . 
D 4 HOH 34  267 267 HOH HOH A . 
D 4 HOH 35  273 273 HOH HOH A . 
D 4 HOH 36  276 276 HOH HOH A . 
D 4 HOH 37  277 277 HOH HOH A . 
D 4 HOH 38  281 281 HOH HOH A . 
D 4 HOH 39  282 282 HOH HOH A . 
D 4 HOH 40  305 305 HOH HOH A . 
D 4 HOH 41  309 309 HOH HOH A . 
D 4 HOH 42  316 316 HOH HOH A . 
D 4 HOH 43  320 320 HOH HOH A . 
D 4 HOH 44  335 335 HOH HOH A . 
D 4 HOH 45  338 338 HOH HOH A . 
D 4 HOH 46  343 343 HOH HOH A . 
D 4 HOH 47  367 367 HOH HOH A . 
D 4 HOH 48  378 378 HOH HOH A . 
D 4 HOH 49  381 381 HOH HOH A . 
D 4 HOH 50  389 389 HOH HOH A . 
D 4 HOH 51  394 394 HOH HOH A . 
D 4 HOH 52  395 395 HOH HOH A . 
D 4 HOH 53  397 397 HOH HOH A . 
D 4 HOH 54  409 409 HOH HOH A . 
D 4 HOH 55  410 410 HOH HOH A . 
D 4 HOH 56  411 411 HOH HOH A . 
D 4 HOH 57  414 414 HOH HOH A . 
D 4 HOH 58  423 423 HOH HOH A . 
D 4 HOH 59  432 432 HOH HOH A . 
D 4 HOH 60  434 434 HOH HOH A . 
D 4 HOH 61  439 439 HOH HOH A . 
D 4 HOH 62  448 448 HOH HOH A . 
D 4 HOH 63  450 450 HOH HOH A . 
D 4 HOH 64  452 452 HOH HOH A . 
D 4 HOH 65  455 455 HOH HOH A . 
D 4 HOH 66  456 456 HOH HOH A . 
D 4 HOH 67  457 457 HOH HOH A . 
D 4 HOH 68  460 460 HOH HOH A . 
D 4 HOH 69  461 461 HOH HOH A . 
D 4 HOH 70  465 465 HOH HOH A . 
D 4 HOH 71  466 466 HOH HOH A . 
D 4 HOH 72  468 468 HOH HOH A . 
D 4 HOH 73  470 470 HOH HOH A . 
D 4 HOH 74  471 471 HOH HOH A . 
D 4 HOH 75  472 472 HOH HOH A . 
D 4 HOH 76  474 474 HOH HOH A . 
D 4 HOH 77  476 476 HOH HOH A . 
D 4 HOH 78  478 478 HOH HOH A . 
D 4 HOH 79  482 482 HOH HOH A . 
D 4 HOH 80  483 483 HOH HOH A . 
D 4 HOH 81  486 486 HOH HOH A . 
D 4 HOH 82  488 488 HOH HOH A . 
D 4 HOH 83  489 489 HOH HOH A . 
D 4 HOH 84  492 492 HOH HOH A . 
D 4 HOH 85  493 493 HOH HOH A . 
D 4 HOH 86  499 499 HOH HOH A . 
D 4 HOH 87  500 500 HOH HOH A . 
D 4 HOH 88  501 501 HOH HOH A . 
D 4 HOH 89  504 504 HOH HOH A . 
D 4 HOH 90  505 505 HOH HOH A . 
D 4 HOH 91  506 506 HOH HOH A . 
D 4 HOH 92  507 507 HOH HOH A . 
D 4 HOH 93  510 510 HOH HOH A . 
D 4 HOH 94  511 511 HOH HOH A . 
D 4 HOH 95  513 513 HOH HOH A . 
D 4 HOH 96  515 515 HOH HOH A . 
D 4 HOH 97  518 518 HOH HOH A . 
D 4 HOH 98  520 520 HOH HOH A . 
D 4 HOH 99  521 521 HOH HOH A . 
D 4 HOH 100 523 523 HOH HOH A . 
# 
loop_
_software.name 
_software.classification 
_software.version 
_software.citation_id 
_software.pdbx_ordinal 
X-PLOR 'model building' 3.0 ? 1 
X-PLOR refinement       3.0 ? 2 
XDS    'data reduction' .   ? 3 
X-PLOR phasing          3.0 ? 4 
# 
_cell.entry_id           1GNR 
_cell.length_a           40.400 
_cell.length_b           40.400 
_cell.length_c           158.800 
_cell.angle_alpha        90.00 
_cell.angle_beta         90.00 
_cell.angle_gamma        120.00 
_cell.Z_PDB              6 
_cell.pdbx_unique_axis   ? 
# 
_symmetry.entry_id                         1GNR 
_symmetry.space_group_name_H-M             'P 32 2 1' 
_symmetry.pdbx_full_space_group_name_H-M   ? 
_symmetry.cell_setting                     ? 
_symmetry.Int_Tables_number                154 
# 
_exptl.entry_id          1GNR 
_exptl.method            'X-RAY DIFFRACTION' 
_exptl.crystals_number   ? 
# 
_exptl_crystal.id                    1 
_exptl_crystal.density_meas          ? 
_exptl_crystal.density_Matthews      1.98 
_exptl_crystal.density_percent_sol   37.93 
_exptl_crystal.description           ? 
# 
_diffrn.id                     1 
_diffrn.ambient_temp           277 
_diffrn.ambient_temp_details   ? 
_diffrn.crystal_id             1 
# 
_diffrn_detector.diffrn_id              1 
_diffrn_detector.detector               'AREA DETECTOR' 
_diffrn_detector.type                   XENTRONICS 
_diffrn_detector.pdbx_collection_date   1992 
_diffrn_detector.details                ? 
# 
_diffrn_radiation.diffrn_id                        1 
_diffrn_radiation.wavelength_id                    1 
_diffrn_radiation.pdbx_monochromatic_or_laue_m_l   M 
_diffrn_radiation.monochromator                    ? 
_diffrn_radiation.pdbx_diffrn_protocol             ? 
_diffrn_radiation.pdbx_scattering_type             x-ray 
# 
_diffrn_radiation_wavelength.id           1 
_diffrn_radiation_wavelength.wavelength   1.54 
_diffrn_radiation_wavelength.wt           1.0 
# 
_diffrn_source.diffrn_id                   1 
_diffrn_source.source                      ? 
_diffrn_source.type                        ? 
_diffrn_source.pdbx_synchrotron_site       ? 
_diffrn_source.pdbx_synchrotron_beamline   ? 
_diffrn_source.pdbx_wavelength             1.54 
_diffrn_source.pdbx_wavelength_list        ? 
# 
_reflns.entry_id                     1GNR 
_reflns.observed_criterion_sigma_I   0.0 
_reflns.observed_criterion_sigma_F   ? 
_reflns.d_resolution_low             ? 
_reflns.d_resolution_high            ? 
_reflns.number_obs                   13998 
_reflns.number_all                   ? 
_reflns.percent_possible_obs         80.0 
_reflns.pdbx_Rmerge_I_obs            0.078 
_reflns.pdbx_Rsym_value              ? 
_reflns.pdbx_netI_over_sigmaI        ? 
_reflns.B_iso_Wilson_estimate        ? 
_reflns.pdbx_redundancy              2.3 
_reflns.pdbx_diffrn_id               1 
_reflns.pdbx_ordinal                 1 
# 
_refine.entry_id                                 1GNR 
_refine.ls_number_reflns_obs                     11161 
_refine.ls_number_reflns_all                     ? 
_refine.pdbx_ls_sigma_I                          ? 
_refine.pdbx_ls_sigma_F                          2.0 
_refine.pdbx_data_cutoff_high_absF               ? 
_refine.pdbx_data_cutoff_low_absF                ? 
_refine.pdbx_data_cutoff_high_rms_absF           ? 
_refine.ls_d_res_low                             8.0 
_refine.ls_d_res_high                            1.85 
_refine.ls_percent_reflns_obs                    83.2 
_refine.ls_R_factor_obs                          0.206 
_refine.ls_R_factor_all                          ? 
_refine.ls_R_factor_R_work                       0.206 
_refine.ls_R_factor_R_free                       0.257 
_refine.ls_R_factor_R_free_error                 ? 
_refine.ls_R_factor_R_free_error_details         ? 
_refine.ls_percent_reflns_R_free                 ? 
_refine.ls_number_reflns_R_free                  ? 
_refine.ls_number_parameters                     ? 
_refine.ls_number_restraints                     ? 
_refine.occupancy_min                            ? 
_refine.occupancy_max                            ? 
_refine.B_iso_mean                               ? 
_refine.aniso_B[1][1]                            ? 
_refine.aniso_B[2][2]                            ? 
_refine.aniso_B[3][3]                            ? 
_refine.aniso_B[1][2]                            ? 
_refine.aniso_B[1][3]                            ? 
_refine.aniso_B[2][3]                            ? 
_refine.solvent_model_details                    ? 
_refine.solvent_model_param_ksol                 ? 
_refine.solvent_model_param_bsol                 ? 
_refine.pdbx_ls_cross_valid_method               ? 
_refine.details                                  
;THE LOOP FROM RESIDUE GLU 31 TO ILE 36 HAS TWO ALTERNATE
CONFORMATIONS.
;
_refine.pdbx_starting_model                      ? 
_refine.pdbx_method_to_determine_struct          ? 
_refine.pdbx_isotropic_thermal_model             ? 
_refine.pdbx_stereochemistry_target_values       ? 
_refine.pdbx_stereochem_target_val_spec_case     ? 
_refine.pdbx_R_Free_selection_details            ? 
_refine.pdbx_overall_ESU_R                       ? 
_refine.pdbx_overall_ESU_R_Free                  ? 
_refine.overall_SU_ML                            ? 
_refine.overall_SU_B                             ? 
_refine.pdbx_refine_id                           'X-RAY DIFFRACTION' 
_refine.pdbx_diffrn_id                           1 
_refine.pdbx_TLS_residual_ADP_flag               ? 
_refine.correlation_coeff_Fo_to_Fc               ? 
_refine.correlation_coeff_Fo_to_Fc_free          ? 
_refine.pdbx_solvent_vdw_probe_radii             ? 
_refine.pdbx_solvent_ion_probe_radii             ? 
_refine.pdbx_solvent_shrinkage_radii             ? 
_refine.pdbx_overall_phase_error                 ? 
_refine.overall_SU_R_Cruickshank_DPI             ? 
_refine.pdbx_overall_SU_R_free_Cruickshank_DPI   ? 
_refine.pdbx_overall_SU_R_Blow_DPI               ? 
_refine.pdbx_overall_SU_R_free_Blow_DPI          ? 
# 
_refine_hist.pdbx_refine_id                   'X-RAY DIFFRACTION' 
_refine_hist.cycle_id                         LAST 
_refine_hist.pdbx_number_atoms_protein        1374 
_refine_hist.pdbx_number_atoms_nucleic_acid   0 
_refine_hist.pdbx_number_atoms_ligand         44 
_refine_hist.number_atoms_solvent             100 
_refine_hist.number_atoms_total               1518 
_refine_hist.d_res_high                       1.85 
_refine_hist.d_res_low                        8.0 
# 
loop_
_refine_ls_restr.type 
_refine_ls_restr.dev_ideal 
_refine_ls_restr.dev_ideal_target 
_refine_ls_restr.weight 
_refine_ls_restr.number 
_refine_ls_restr.pdbx_refine_id 
_refine_ls_restr.pdbx_restraint_function 
x_bond_d                0.008 ? ? ? 'X-RAY DIFFRACTION' ? 
x_bond_d_na             ?     ? ? ? 'X-RAY DIFFRACTION' ? 
x_bond_d_prot           ?     ? ? ? 'X-RAY DIFFRACTION' ? 
x_angle_d               ?     ? ? ? 'X-RAY DIFFRACTION' ? 
x_angle_d_na            ?     ? ? ? 'X-RAY DIFFRACTION' ? 
x_angle_d_prot          ?     ? ? ? 'X-RAY DIFFRACTION' ? 
x_angle_deg             1.5   ? ? ? 'X-RAY DIFFRACTION' ? 
x_angle_deg_na          ?     ? ? ? 'X-RAY DIFFRACTION' ? 
x_angle_deg_prot        ?     ? ? ? 'X-RAY DIFFRACTION' ? 
x_dihedral_angle_d      27.4  ? ? ? 'X-RAY DIFFRACTION' ? 
x_dihedral_angle_d_na   ?     ? ? ? 'X-RAY DIFFRACTION' ? 
x_dihedral_angle_d_prot ?     ? ? ? 'X-RAY DIFFRACTION' ? 
x_improper_angle_d      2.04  ? ? ? 'X-RAY DIFFRACTION' ? 
x_improper_angle_d_na   ?     ? ? ? 'X-RAY DIFFRACTION' ? 
x_improper_angle_d_prot ?     ? ? ? 'X-RAY DIFFRACTION' ? 
x_mcbond_it             ?     ? ? ? 'X-RAY DIFFRACTION' ? 
x_mcangle_it            ?     ? ? ? 'X-RAY DIFFRACTION' ? 
x_scbond_it             ?     ? ? ? 'X-RAY DIFFRACTION' ? 
x_scangle_it            ?     ? ? ? 'X-RAY DIFFRACTION' ? 
# 
_struct.entry_id                  1GNR 
_struct.title                     
'X-RAY CRYSTAL STRUCTURE ANALYSIS OF THE CATALYTIC DOMAIN OF THE ONCOGENE PRODUCT P21H-RAS COMPLEXED WITH CAGED GTP AND MANT DGPPNHP' 
_struct.pdbx_model_details        ? 
_struct.pdbx_CASP_flag            ? 
_struct.pdbx_model_type_details   ? 
# 
_struct_keywords.entry_id        1GNR 
_struct_keywords.pdbx_keywords   'GTP BINDING PROTEIN' 
_struct_keywords.text            'GTP BINDING PROTEIN' 
# 
loop_
_struct_asym.id 
_struct_asym.pdbx_blank_PDB_chainid_flag 
_struct_asym.pdbx_modified 
_struct_asym.entity_id 
_struct_asym.details 
A N N 1 ? 
B N N 2 ? 
C N N 3 ? 
D N N 4 ? 
# 
_struct_ref.id                         1 
_struct_ref.db_name                    UNP 
_struct_ref.db_code                    RASH_HUMAN 
_struct_ref.entity_id                  1 
_struct_ref.pdbx_db_accession          P01112 
_struct_ref.pdbx_align_begin           1 
_struct_ref.pdbx_seq_one_letter_code   
;MTEYKLVVVGAGGVGKSALTIQLIQNHFVDEYDPTIEDSYRKQVVIDGETCLLDILDTAGQEEYSAMRDQYMRTGEGFLC
VFAINNTKSFEDIHQYREQIKRVKDSDDVPMVLVGNKCDLAARTVESRQAQDLARSYGIPYIETSAKTRQGVEDAFYTLV
REIRQHKLRKLNPPDESGPGCMSCKCVLS
;
_struct_ref.pdbx_db_isoform            ? 
# 
_struct_ref_seq.align_id                      1 
_struct_ref_seq.ref_id                        1 
_struct_ref_seq.pdbx_PDB_id_code              1GNR 
_struct_ref_seq.pdbx_strand_id                A 
_struct_ref_seq.seq_align_beg                 1 
_struct_ref_seq.pdbx_seq_align_beg_ins_code   ? 
_struct_ref_seq.seq_align_end                 166 
_struct_ref_seq.pdbx_seq_align_end_ins_code   ? 
_struct_ref_seq.pdbx_db_accession             P01112 
_struct_ref_seq.db_align_beg                  1 
_struct_ref_seq.pdbx_db_align_beg_ins_code    ? 
_struct_ref_seq.db_align_end                  166 
_struct_ref_seq.pdbx_db_align_end_ins_code    ? 
_struct_ref_seq.pdbx_auth_seq_align_beg       1 
_struct_ref_seq.pdbx_auth_seq_align_end       166 
# 
_pdbx_struct_assembly.id                   1 
_pdbx_struct_assembly.details              author_defined_assembly 
_pdbx_struct_assembly.method_details       ? 
_pdbx_struct_assembly.oligomeric_details   dimeric 
_pdbx_struct_assembly.oligomeric_count     2 
# 
_pdbx_struct_assembly_gen.assembly_id       1 
_pdbx_struct_assembly_gen.oper_expression   1,2 
_pdbx_struct_assembly_gen.asym_id_list      A,B,C,D 
# 
loop_
_pdbx_struct_oper_list.id 
_pdbx_struct_oper_list.type 
_pdbx_struct_oper_list.name 
_pdbx_struct_oper_list.symmetry_operation 
_pdbx_struct_oper_list.matrix[1][1] 
_pdbx_struct_oper_list.matrix[1][2] 
_pdbx_struct_oper_list.matrix[1][3] 
_pdbx_struct_oper_list.vector[1] 
_pdbx_struct_oper_list.matrix[2][1] 
_pdbx_struct_oper_list.matrix[2][2] 
_pdbx_struct_oper_list.matrix[2][3] 
_pdbx_struct_oper_list.vector[2] 
_pdbx_struct_oper_list.matrix[3][1] 
_pdbx_struct_oper_list.matrix[3][2] 
_pdbx_struct_oper_list.matrix[3][3] 
_pdbx_struct_oper_list.vector[3] 
1 'identity operation'         1_555 x,y,z  1.0000000000 0.0000000000  0.0000000000  0.0000000000   0.0000000000  1.0000000000  0.0000000000 0.0000000000 0.0000000000  0.0000000000 1.0000000000  0.0000000000   
2 'crystal symmetry operation' 4_555 y,x,-z 0.3833272393 -0.1235262974 -0.9153149630 -14.5479661285 -0.1235262974 -0.9889695325 0.0817344335 8.8575500903 -0.9153149630 0.0817344335 -0.3943577068 -23.1818980867 
# 
_struct_biol.id   1 
# 
loop_
_struct_conf.conf_type_id 
_struct_conf.id 
_struct_conf.pdbx_PDB_helix_id 
_struct_conf.beg_label_comp_id 
_struct_conf.beg_label_asym_id 
_struct_conf.beg_label_seq_id 
_struct_conf.pdbx_beg_PDB_ins_code 
_struct_conf.end_label_comp_id 
_struct_conf.end_label_asym_id 
_struct_conf.end_label_seq_id 
_struct_conf.pdbx_end_PDB_ins_code 
_struct_conf.beg_auth_comp_id 
_struct_conf.beg_auth_asym_id 
_struct_conf.beg_auth_seq_id 
_struct_conf.end_auth_comp_id 
_struct_conf.end_auth_asym_id 
_struct_conf.end_auth_seq_id 
_struct_conf.pdbx_PDB_helix_class 
_struct_conf.details 
_struct_conf.pdbx_PDB_helix_length 
HELX_P HELX_P1 A1  LYS A 16  ? GLN A 25  ? LYS A 16  GLN A 25  1 ? 10 
HELX_P HELX_P2 A2A GLU A 62  ? MET A 67  ? GLU A 62  MET A 67  5 ? 6  
HELX_P HELX_P3 A2B ARG A 68  ? THR A 74  ? ARG A 68  THR A 74  1 ? 7  
HELX_P HELX_P4 A3  THR A 87  ? VAL A 103 ? THR A 87  VAL A 103 1 ? 17 
HELX_P HELX_P5 A4  SER A 127 ? TYR A 137 ? SER A 127 TYR A 137 1 ? 11 
HELX_P HELX_P6 A5  VAL A 152 ? GLN A 165 ? VAL A 152 GLN A 165 1 ? 14 
# 
_struct_conf_type.id          HELX_P 
_struct_conf_type.criteria    ? 
_struct_conf_type.reference   ? 
# 
loop_
_struct_conn.id 
_struct_conn.conn_type_id 
_struct_conn.pdbx_leaving_atom_flag 
_struct_conn.pdbx_PDB_id 
_struct_conn.ptnr1_label_asym_id 
_struct_conn.ptnr1_label_comp_id 
_struct_conn.ptnr1_label_seq_id 
_struct_conn.ptnr1_label_atom_id 
_struct_conn.pdbx_ptnr1_label_alt_id 
_struct_conn.pdbx_ptnr1_PDB_ins_code 
_struct_conn.pdbx_ptnr1_standard_comp_id 
_struct_conn.ptnr1_symmetry 
_struct_conn.ptnr2_label_asym_id 
_struct_conn.ptnr2_label_comp_id 
_struct_conn.ptnr2_label_seq_id 
_struct_conn.ptnr2_label_atom_id 
_struct_conn.pdbx_ptnr2_label_alt_id 
_struct_conn.pdbx_ptnr2_PDB_ins_code 
_struct_conn.ptnr1_auth_asym_id 
_struct_conn.ptnr1_auth_comp_id 
_struct_conn.ptnr1_auth_seq_id 
_struct_conn.ptnr2_auth_asym_id 
_struct_conn.ptnr2_auth_comp_id 
_struct_conn.ptnr2_auth_seq_id 
_struct_conn.ptnr2_symmetry 
_struct_conn.pdbx_ptnr3_label_atom_id 
_struct_conn.pdbx_ptnr3_label_seq_id 
_struct_conn.pdbx_ptnr3_label_comp_id 
_struct_conn.pdbx_ptnr3_label_asym_id 
_struct_conn.pdbx_ptnr3_label_alt_id 
_struct_conn.pdbx_ptnr3_PDB_ins_code 
_struct_conn.details 
_struct_conn.pdbx_dist_value 
_struct_conn.pdbx_value_order 
_struct_conn.pdbx_role 
metalc1 metalc ? ? A SER 17 OG  ? ? ? 1_555 B MG  . MG ? ? A SER 17  A MG  168 1_555 ? ? ? ? ? ? ? 2.212 ? ? 
metalc2 metalc ? ? A THR 35 OG1 A ? ? 1_555 B MG  . MG ? ? A THR 35  A MG  168 1_555 ? ? ? ? ? ? ? 2.378 ? ? 
metalc3 metalc ? ? A THR 35 OG1 B ? ? 1_555 B MG  . MG ? ? A THR 35  A MG  168 1_555 ? ? ? ? ? ? ? 2.297 ? ? 
metalc4 metalc ? ? C CAG .  O1G ? ? ? 1_555 B MG  . MG ? ? A CAG 167 A MG  168 1_555 ? ? ? ? ? ? ? 2.342 ? ? 
metalc5 metalc ? ? C CAG .  O2B ? ? ? 1_555 B MG  . MG ? ? A CAG 167 A MG  168 1_555 ? ? ? ? ? ? ? 2.262 ? ? 
metalc6 metalc ? ? B MG  .  MG  ? ? ? 1_555 D HOH . O  ? ? A MG  168 A HOH 172 1_555 ? ? ? ? ? ? ? 2.361 ? ? 
metalc7 metalc ? ? B MG  .  MG  ? ? ? 1_555 D HOH . O  ? ? A MG  168 A HOH 173 1_555 ? ? ? ? ? ? ? 2.285 ? ? 
# 
_struct_conn_type.id          metalc 
_struct_conn_type.criteria    ? 
_struct_conn_type.reference   ? 
# 
loop_
_pdbx_struct_conn_angle.id 
_pdbx_struct_conn_angle.ptnr1_label_atom_id 
_pdbx_struct_conn_angle.ptnr1_label_alt_id 
_pdbx_struct_conn_angle.ptnr1_label_asym_id 
_pdbx_struct_conn_angle.ptnr1_label_comp_id 
_pdbx_struct_conn_angle.ptnr1_label_seq_id 
_pdbx_struct_conn_angle.ptnr1_auth_atom_id 
_pdbx_struct_conn_angle.ptnr1_auth_asym_id 
_pdbx_struct_conn_angle.ptnr1_auth_comp_id 
_pdbx_struct_conn_angle.ptnr1_auth_seq_id 
_pdbx_struct_conn_angle.ptnr1_PDB_ins_code 
_pdbx_struct_conn_angle.ptnr1_symmetry 
_pdbx_struct_conn_angle.ptnr2_label_atom_id 
_pdbx_struct_conn_angle.ptnr2_label_alt_id 
_pdbx_struct_conn_angle.ptnr2_label_asym_id 
_pdbx_struct_conn_angle.ptnr2_label_comp_id 
_pdbx_struct_conn_angle.ptnr2_label_seq_id 
_pdbx_struct_conn_angle.ptnr2_auth_atom_id 
_pdbx_struct_conn_angle.ptnr2_auth_asym_id 
_pdbx_struct_conn_angle.ptnr2_auth_comp_id 
_pdbx_struct_conn_angle.ptnr2_auth_seq_id 
_pdbx_struct_conn_angle.ptnr2_PDB_ins_code 
_pdbx_struct_conn_angle.ptnr2_symmetry 
_pdbx_struct_conn_angle.ptnr3_label_atom_id 
_pdbx_struct_conn_angle.ptnr3_label_alt_id 
_pdbx_struct_conn_angle.ptnr3_label_asym_id 
_pdbx_struct_conn_angle.ptnr3_label_comp_id 
_pdbx_struct_conn_angle.ptnr3_label_seq_id 
_pdbx_struct_conn_angle.ptnr3_auth_atom_id 
_pdbx_struct_conn_angle.ptnr3_auth_asym_id 
_pdbx_struct_conn_angle.ptnr3_auth_comp_id 
_pdbx_struct_conn_angle.ptnr3_auth_seq_id 
_pdbx_struct_conn_angle.ptnr3_PDB_ins_code 
_pdbx_struct_conn_angle.ptnr3_symmetry 
_pdbx_struct_conn_angle.value 
_pdbx_struct_conn_angle.value_esd 
1  OG  ? A SER 17 ? A SER 17  ? 1_555 MG ? B MG . ? A MG 168 ? 1_555 OG1 A A THR 35 ? A THR 35  ? 1_555 105.8 ? 
2  OG  ? A SER 17 ? A SER 17  ? 1_555 MG ? B MG . ? A MG 168 ? 1_555 OG1 B A THR 35 ? A THR 35  ? 1_555 86.1  ? 
3  OG1 A A THR 35 ? A THR 35  ? 1_555 MG ? B MG . ? A MG 168 ? 1_555 OG1 B A THR 35 ? A THR 35  ? 1_555 19.8  ? 
4  OG  ? A SER 17 ? A SER 17  ? 1_555 MG ? B MG . ? A MG 168 ? 1_555 O1G ? C CAG .  ? A CAG 167 ? 1_555 161.6 ? 
5  OG1 A A THR 35 ? A THR 35  ? 1_555 MG ? B MG . ? A MG 168 ? 1_555 O1G ? C CAG .  ? A CAG 167 ? 1_555 92.5  ? 
6  OG1 B A THR 35 ? A THR 35  ? 1_555 MG ? B MG . ? A MG 168 ? 1_555 O1G ? C CAG .  ? A CAG 167 ? 1_555 112.1 ? 
7  OG  ? A SER 17 ? A SER 17  ? 1_555 MG ? B MG . ? A MG 168 ? 1_555 O2B ? C CAG .  ? A CAG 167 ? 1_555 92.6  ? 
8  OG1 A A THR 35 ? A THR 35  ? 1_555 MG ? B MG . ? A MG 168 ? 1_555 O2B ? C CAG .  ? A CAG 167 ? 1_555 153.5 ? 
9  OG1 B A THR 35 ? A THR 35  ? 1_555 MG ? B MG . ? A MG 168 ? 1_555 O2B ? C CAG .  ? A CAG 167 ? 1_555 162.1 ? 
10 O1G ? C CAG .  ? A CAG 167 ? 1_555 MG ? B MG . ? A MG 168 ? 1_555 O2B ? C CAG .  ? A CAG 167 ? 1_555 71.1  ? 
11 OG  ? A SER 17 ? A SER 17  ? 1_555 MG ? B MG . ? A MG 168 ? 1_555 O   ? D HOH .  ? A HOH 172 ? 1_555 85.8  ? 
12 OG1 A A THR 35 ? A THR 35  ? 1_555 MG ? B MG . ? A MG 168 ? 1_555 O   ? D HOH .  ? A HOH 172 ? 1_555 76.7  ? 
13 OG1 B A THR 35 ? A THR 35  ? 1_555 MG ? B MG . ? A MG 168 ? 1_555 O   ? D HOH .  ? A HOH 172 ? 1_555 76.1  ? 
14 O1G ? C CAG .  ? A CAG 167 ? 1_555 MG ? B MG . ? A MG 168 ? 1_555 O   ? D HOH .  ? A HOH 172 ? 1_555 101.1 ? 
15 O2B ? C CAG .  ? A CAG 167 ? 1_555 MG ? B MG . ? A MG 168 ? 1_555 O   ? D HOH .  ? A HOH 172 ? 1_555 85.9  ? 
16 OG  ? A SER 17 ? A SER 17  ? 1_555 MG ? B MG . ? A MG 168 ? 1_555 O   ? D HOH .  ? A HOH 173 ? 1_555 86.5  ? 
17 OG1 A A THR 35 ? A THR 35  ? 1_555 MG ? B MG . ? A MG 168 ? 1_555 O   ? D HOH .  ? A HOH 173 ? 1_555 119.8 ? 
18 OG1 B A THR 35 ? A THR 35  ? 1_555 MG ? B MG . ? A MG 168 ? 1_555 O   ? D HOH .  ? A HOH 173 ? 1_555 118.1 ? 
19 O1G ? C CAG .  ? A CAG 167 ? 1_555 MG ? B MG . ? A MG 168 ? 1_555 O   ? D HOH .  ? A HOH 173 ? 1_555 82.3  ? 
20 O2B ? C CAG .  ? A CAG 167 ? 1_555 MG ? B MG . ? A MG 168 ? 1_555 O   ? D HOH .  ? A HOH 173 ? 1_555 79.6  ? 
21 O   ? D HOH .  ? A HOH 172 ? 1_555 MG ? B MG . ? A MG 168 ? 1_555 O   ? D HOH .  ? A HOH 173 ? 1_555 163.2 ? 
# 
_struct_sheet.id               S 
_struct_sheet.type             ? 
_struct_sheet.number_strands   6 
_struct_sheet.details          ? 
# 
loop_
_struct_sheet_order.sheet_id 
_struct_sheet_order.range_id_1 
_struct_sheet_order.range_id_2 
_struct_sheet_order.offset 
_struct_sheet_order.sense 
S 1 2 ? anti-parallel 
S 2 3 ? parallel      
S 3 4 ? parallel      
S 4 5 ? parallel      
S 5 6 ? parallel      
# 
loop_
_struct_sheet_range.sheet_id 
_struct_sheet_range.id 
_struct_sheet_range.beg_label_comp_id 
_struct_sheet_range.beg_label_asym_id 
_struct_sheet_range.beg_label_seq_id 
_struct_sheet_range.pdbx_beg_PDB_ins_code 
_struct_sheet_range.end_label_comp_id 
_struct_sheet_range.end_label_asym_id 
_struct_sheet_range.end_label_seq_id 
_struct_sheet_range.pdbx_end_PDB_ins_code 
_struct_sheet_range.beg_auth_comp_id 
_struct_sheet_range.beg_auth_asym_id 
_struct_sheet_range.beg_auth_seq_id 
_struct_sheet_range.end_auth_comp_id 
_struct_sheet_range.end_auth_asym_id 
_struct_sheet_range.end_auth_seq_id 
S 1 GLU A 37  ? ILE A 46  ? GLU A 37  ILE A 46  
S 2 GLU A 49  ? THR A 58  ? GLU A 49  THR A 58  
S 3 THR A 2   ? GLY A 10  ? THR A 2   GLY A 10  
S 4 GLY A 77  ? ALA A 83  ? GLY A 77  ALA A 83  
S 5 MET A 111 ? ASN A 116 ? MET A 111 ASN A 116 
S 6 TYR A 141 ? GLU A 143 ? TYR A 141 GLU A 143 
# 
loop_
_pdbx_struct_sheet_hbond.sheet_id 
_pdbx_struct_sheet_hbond.range_id_1 
_pdbx_struct_sheet_hbond.range_id_2 
_pdbx_struct_sheet_hbond.range_1_label_atom_id 
_pdbx_struct_sheet_hbond.range_1_label_comp_id 
_pdbx_struct_sheet_hbond.range_1_label_asym_id 
_pdbx_struct_sheet_hbond.range_1_label_seq_id 
_pdbx_struct_sheet_hbond.range_1_PDB_ins_code 
_pdbx_struct_sheet_hbond.range_1_auth_atom_id 
_pdbx_struct_sheet_hbond.range_1_auth_comp_id 
_pdbx_struct_sheet_hbond.range_1_auth_asym_id 
_pdbx_struct_sheet_hbond.range_1_auth_seq_id 
_pdbx_struct_sheet_hbond.range_2_label_atom_id 
_pdbx_struct_sheet_hbond.range_2_label_comp_id 
_pdbx_struct_sheet_hbond.range_2_label_asym_id 
_pdbx_struct_sheet_hbond.range_2_label_seq_id 
_pdbx_struct_sheet_hbond.range_2_PDB_ins_code 
_pdbx_struct_sheet_hbond.range_2_auth_atom_id 
_pdbx_struct_sheet_hbond.range_2_auth_comp_id 
_pdbx_struct_sheet_hbond.range_2_auth_asym_id 
_pdbx_struct_sheet_hbond.range_2_auth_seq_id 
S 1 2 N LYS A 42  ? N LYS A 42  O LEU A 53  ? O LEU A 53  
S 2 3 O ASP A 54  ? O ASP A 54  N LEU A 6   ? N LEU A 6   
S 3 4 O VAL A 7   ? O VAL A 7   N LEU A 79  ? N LEU A 79  
S 4 5 O CYS A 80  ? O CYS A 80  N VAL A 114 ? N VAL A 114 
S 5 6 O LEU A 113 ? O LEU A 113 N ILE A 142 ? N ILE A 142 
# 
loop_
_struct_site.id 
_struct_site.pdbx_evidence_code 
_struct_site.pdbx_auth_asym_id 
_struct_site.pdbx_auth_comp_id 
_struct_site.pdbx_auth_seq_id 
_struct_site.pdbx_auth_ins_code 
_struct_site.pdbx_num_residues 
_struct_site.details 
AC1 Software A MG  168 ? 5  'BINDING SITE FOR RESIDUE MG A 168'  
AC2 Software A CAG 167 ? 29 'BINDING SITE FOR RESIDUE CAG A 167' 
# 
loop_
_struct_site_gen.id 
_struct_site_gen.site_id 
_struct_site_gen.pdbx_num_res 
_struct_site_gen.label_comp_id 
_struct_site_gen.label_asym_id 
_struct_site_gen.label_seq_id 
_struct_site_gen.pdbx_auth_ins_code 
_struct_site_gen.auth_comp_id 
_struct_site_gen.auth_asym_id 
_struct_site_gen.auth_seq_id 
_struct_site_gen.label_atom_id 
_struct_site_gen.label_alt_id 
_struct_site_gen.symmetry 
_struct_site_gen.details 
1  AC1 5  SER A 17  ? SER A 17  . ? 1_555 ? 
2  AC1 5  THR A 35  ? THR A 35  . ? 1_555 ? 
3  AC1 5  CAG C .   ? CAG A 167 . ? 1_555 ? 
4  AC1 5  HOH D .   ? HOH A 172 . ? 1_555 ? 
5  AC1 5  HOH D .   ? HOH A 173 . ? 1_555 ? 
6  AC2 29 GLY A 12  ? GLY A 12  . ? 1_555 ? 
7  AC2 29 GLY A 13  ? GLY A 13  . ? 1_555 ? 
8  AC2 29 VAL A 14  ? VAL A 14  . ? 1_555 ? 
9  AC2 29 GLY A 15  ? GLY A 15  . ? 1_555 ? 
10 AC2 29 LYS A 16  ? LYS A 16  . ? 1_555 ? 
11 AC2 29 SER A 17  ? SER A 17  . ? 1_555 ? 
12 AC2 29 ALA A 18  ? ALA A 18  . ? 1_555 ? 
13 AC2 29 PHE A 28  ? PHE A 28  . ? 1_555 ? 
14 AC2 29 VAL A 29  ? VAL A 29  . ? 1_555 ? 
15 AC2 29 ASP A 30  ? ASP A 30  . ? 1_555 ? 
16 AC2 29 TYR A 32  ? TYR A 32  . ? 5_675 ? 
17 AC2 29 TYR A 32  ? TYR A 32  . ? 1_555 ? 
18 AC2 29 ASP A 33  ? ASP A 33  . ? 1_555 ? 
19 AC2 29 ASP A 33  ? ASP A 33  . ? 5_675 ? 
20 AC2 29 PRO A 34  ? PRO A 34  . ? 5_675 ? 
21 AC2 29 THR A 35  ? THR A 35  . ? 1_555 ? 
22 AC2 29 GLY A 60  ? GLY A 60  . ? 1_555 ? 
23 AC2 29 ASN A 116 ? ASN A 116 . ? 1_555 ? 
24 AC2 29 LYS A 117 ? LYS A 117 . ? 1_555 ? 
25 AC2 29 ASP A 119 ? ASP A 119 . ? 1_555 ? 
26 AC2 29 SER A 145 ? SER A 145 . ? 1_555 ? 
27 AC2 29 ALA A 146 ? ALA A 146 . ? 1_555 ? 
28 AC2 29 LYS A 147 ? LYS A 147 . ? 1_555 ? 
29 AC2 29 MG  B .   ? MG  A 168 . ? 1_555 ? 
30 AC2 29 HOH D .   ? HOH A 172 . ? 1_555 ? 
31 AC2 29 HOH D .   ? HOH A 173 . ? 1_555 ? 
32 AC2 29 HOH D .   ? HOH A 281 . ? 1_555 ? 
33 AC2 29 HOH D .   ? HOH A 282 . ? 1_555 ? 
34 AC2 29 HOH D .   ? HOH A 523 . ? 1_555 ? 
# 
_pdbx_validate_rmsd_bond.id                        1 
_pdbx_validate_rmsd_bond.PDB_model_num             1 
_pdbx_validate_rmsd_bond.auth_atom_id_1            C 
_pdbx_validate_rmsd_bond.auth_asym_id_1            A 
_pdbx_validate_rmsd_bond.auth_comp_id_1            ILE 
_pdbx_validate_rmsd_bond.auth_seq_id_1             36 
_pdbx_validate_rmsd_bond.PDB_ins_code_1            ? 
_pdbx_validate_rmsd_bond.label_alt_id_1            B 
_pdbx_validate_rmsd_bond.auth_atom_id_2            N 
_pdbx_validate_rmsd_bond.auth_asym_id_2            A 
_pdbx_validate_rmsd_bond.auth_comp_id_2            GLU 
_pdbx_validate_rmsd_bond.auth_seq_id_2             37 
_pdbx_validate_rmsd_bond.PDB_ins_code_2            ? 
_pdbx_validate_rmsd_bond.label_alt_id_2            ? 
_pdbx_validate_rmsd_bond.bond_value                1.614 
_pdbx_validate_rmsd_bond.bond_target_value         1.336 
_pdbx_validate_rmsd_bond.bond_deviation            0.278 
_pdbx_validate_rmsd_bond.bond_standard_deviation   0.023 
_pdbx_validate_rmsd_bond.linker_flag               Y 
# 
loop_
_pdbx_validate_torsion.id 
_pdbx_validate_torsion.PDB_model_num 
_pdbx_validate_torsion.auth_comp_id 
_pdbx_validate_torsion.auth_asym_id 
_pdbx_validate_torsion.auth_seq_id 
_pdbx_validate_torsion.PDB_ins_code 
_pdbx_validate_torsion.label_alt_id 
_pdbx_validate_torsion.phi 
_pdbx_validate_torsion.psi 
1  1 ASP A 30  ? ? -94.71  38.07   
2  1 GLU A 31  ? B -138.43 -147.41 
3  1 TYR A 32  ? B 79.15   -135.68 
4  1 ASP A 33  ? B 160.33  -146.22 
5  1 PRO A 34  ? A -36.23  137.50  
6  1 PRO A 34  ? B -37.16  167.44  
7  1 THR A 35  ? A -147.13 57.42   
8  1 THR A 35  ? B -165.63 105.05  
9  1 ILE A 36  ? A -123.94 -124.76 
10 1 ILE A 36  ? B -97.73  -127.22 
11 1 GLN A 61  ? ? -44.86  153.77  
12 1 GLU A 62  ? ? -90.27  38.37   
13 1 TYR A 64  ? ? -73.82  39.12   
14 1 SER A 65  ? ? -46.27  -84.44  
15 1 LYS A 117 ? ? 71.52   38.60   
16 1 ALA A 122 ? ? -100.47 68.94   
17 1 ARG A 149 ? ? 80.26   -0.14   
# 
loop_
_pdbx_validate_peptide_omega.id 
_pdbx_validate_peptide_omega.PDB_model_num 
_pdbx_validate_peptide_omega.auth_comp_id_1 
_pdbx_validate_peptide_omega.auth_asym_id_1 
_pdbx_validate_peptide_omega.auth_seq_id_1 
_pdbx_validate_peptide_omega.PDB_ins_code_1 
_pdbx_validate_peptide_omega.label_alt_id_1 
_pdbx_validate_peptide_omega.auth_comp_id_2 
_pdbx_validate_peptide_omega.auth_asym_id_2 
_pdbx_validate_peptide_omega.auth_seq_id_2 
_pdbx_validate_peptide_omega.PDB_ins_code_2 
_pdbx_validate_peptide_omega.label_alt_id_2 
_pdbx_validate_peptide_omega.omega 
1 1 ASP A 33 ? A PRO A 34 ? A 146.31 
2 1 ASP A 33 ? B PRO A 34 ? B 149.48 
# 
_pdbx_validate_main_chain_plane.id                       1 
_pdbx_validate_main_chain_plane.PDB_model_num            1 
_pdbx_validate_main_chain_plane.auth_comp_id             ASP 
_pdbx_validate_main_chain_plane.auth_asym_id             A 
_pdbx_validate_main_chain_plane.auth_seq_id              30 
_pdbx_validate_main_chain_plane.PDB_ins_code             ? 
_pdbx_validate_main_chain_plane.label_alt_id             ? 
_pdbx_validate_main_chain_plane.improper_torsion_angle   -15.21 
# 
_pdbx_validate_polymer_linkage.id               1 
_pdbx_validate_polymer_linkage.PDB_model_num    1 
_pdbx_validate_polymer_linkage.auth_atom_id_1   C 
_pdbx_validate_polymer_linkage.auth_asym_id_1   A 
_pdbx_validate_polymer_linkage.auth_comp_id_1   ILE 
_pdbx_validate_polymer_linkage.auth_seq_id_1    36 
_pdbx_validate_polymer_linkage.PDB_ins_code_1   ? 
_pdbx_validate_polymer_linkage.label_alt_id_1   B 
_pdbx_validate_polymer_linkage.auth_atom_id_2   N 
_pdbx_validate_polymer_linkage.auth_asym_id_2   A 
_pdbx_validate_polymer_linkage.auth_comp_id_2   GLU 
_pdbx_validate_polymer_linkage.auth_seq_id_2    37 
_pdbx_validate_polymer_linkage.PDB_ins_code_2   ? 
_pdbx_validate_polymer_linkage.label_alt_id_2   ? 
_pdbx_validate_polymer_linkage.dist             1.61 
# 
_pdbx_entry_details.entry_id                 1GNR 
_pdbx_entry_details.compound_details         
;SECONDARY STRUCTURE ELEMENTS HAVE BEEN ASSIGNED ACCORDING
TO THE PROGRAM DSSP (KABSCH, W. & SANDER, C. (1983)
BIOPOLYMERS 22, PP 2577-2637).
;
_pdbx_entry_details.source_details           ? 
_pdbx_entry_details.nonpolymer_details       ? 
_pdbx_entry_details.sequence_details         ? 
_pdbx_entry_details.has_ligand_of_interest   ? 
# 
loop_
_chem_comp_atom.comp_id 
_chem_comp_atom.atom_id 
_chem_comp_atom.type_symbol 
_chem_comp_atom.pdbx_aromatic_flag 
_chem_comp_atom.pdbx_stereo_config 
_chem_comp_atom.pdbx_ordinal 
ALA N      N  N N 1   
ALA CA     C  N S 2   
ALA C      C  N N 3   
ALA O      O  N N 4   
ALA CB     C  N N 5   
ALA OXT    O  N N 6   
ALA H      H  N N 7   
ALA H2     H  N N 8   
ALA HA     H  N N 9   
ALA HB1    H  N N 10  
ALA HB2    H  N N 11  
ALA HB3    H  N N 12  
ALA HXT    H  N N 13  
ARG N      N  N N 14  
ARG CA     C  N S 15  
ARG C      C  N N 16  
ARG O      O  N N 17  
ARG CB     C  N N 18  
ARG CG     C  N N 19  
ARG CD     C  N N 20  
ARG NE     N  N N 21  
ARG CZ     C  N N 22  
ARG NH1    N  N N 23  
ARG NH2    N  N N 24  
ARG OXT    O  N N 25  
ARG H      H  N N 26  
ARG H2     H  N N 27  
ARG HA     H  N N 28  
ARG HB2    H  N N 29  
ARG HB3    H  N N 30  
ARG HG2    H  N N 31  
ARG HG3    H  N N 32  
ARG HD2    H  N N 33  
ARG HD3    H  N N 34  
ARG HE     H  N N 35  
ARG HH11   H  N N 36  
ARG HH12   H  N N 37  
ARG HH21   H  N N 38  
ARG HH22   H  N N 39  
ARG HXT    H  N N 40  
ASN N      N  N N 41  
ASN CA     C  N S 42  
ASN C      C  N N 43  
ASN O      O  N N 44  
ASN CB     C  N N 45  
ASN CG     C  N N 46  
ASN OD1    O  N N 47  
ASN ND2    N  N N 48  
ASN OXT    O  N N 49  
ASN H      H  N N 50  
ASN H2     H  N N 51  
ASN HA     H  N N 52  
ASN HB2    H  N N 53  
ASN HB3    H  N N 54  
ASN HD21   H  N N 55  
ASN HD22   H  N N 56  
ASN HXT    H  N N 57  
ASP N      N  N N 58  
ASP CA     C  N S 59  
ASP C      C  N N 60  
ASP O      O  N N 61  
ASP CB     C  N N 62  
ASP CG     C  N N 63  
ASP OD1    O  N N 64  
ASP OD2    O  N N 65  
ASP OXT    O  N N 66  
ASP H      H  N N 67  
ASP H2     H  N N 68  
ASP HA     H  N N 69  
ASP HB2    H  N N 70  
ASP HB3    H  N N 71  
ASP HD2    H  N N 72  
ASP HXT    H  N N 73  
CAG PG     P  N S 74  
CAG O1G    O  N N 75  
CAG O2G    O  N N 76  
CAG O3G    O  N N 77  
CAG PB     P  N S 78  
CAG O1B    O  N N 79  
CAG O2B    O  N N 80  
CAG O3B    O  N N 81  
CAG PA     P  N S 82  
CAG O1A    O  N N 83  
CAG O2A    O  N N 84  
CAG O3A    O  N N 85  
CAG "O5'"  O  N N 86  
CAG C5B    C  N N 87  
CAG C4B    C  N R 88  
CAG "O4'"  O  N N 89  
CAG C3B    C  N S 90  
CAG "O3'"  O  N N 91  
CAG C2B    C  N R 92  
CAG "O2'"  O  N N 93  
CAG C1B    C  N R 94  
CAG N9     N  Y N 95  
CAG C8     C  Y N 96  
CAG N7     N  Y N 97  
CAG C5     C  Y N 98  
CAG C6     C  Y N 99  
CAG O6     O  N N 100 
CAG N1     N  Y N 101 
CAG C2     C  Y N 102 
CAG N2     N  N N 103 
CAG N3     N  Y N 104 
CAG C4     C  Y N 105 
CAG "C'"   C  N R 106 
CAG "CM'"  C  N N 107 
CAG "C1'"  C  Y N 108 
CAG "C2'"  C  Y N 109 
CAG "N2'"  N  N N 110 
CAG "O'L"  O  N N 111 
CAG "O'M"  O  N N 112 
CAG "C3'"  C  Y N 113 
CAG "C4'"  C  Y N 114 
CAG "C5'"  C  Y N 115 
CAG "C6'"  C  Y N 116 
CAG HOG2   H  N N 117 
CAG HOB2   H  N N 118 
CAG HOA2   H  N N 119 
CAG "H5'1" H  N N 120 
CAG "H5'2" H  N N 121 
CAG H4B    H  N N 122 
CAG H3B    H  N N 123 
CAG HO3    H  N N 124 
CAG "H2'"  H  N N 125 
CAG HO2    H  N N 126 
CAG "H1'"  H  N N 127 
CAG H8     H  N N 128 
CAG H1     H  N N 129 
CAG H21    H  N N 130 
CAG H22    H  N N 131 
CAG "H'"   H  N N 132 
CAG HCM1   H  N N 133 
CAG HCM2   H  N N 134 
CAG HCM3   H  N N 135 
CAG "H3'"  H  N N 136 
CAG "H4'"  H  N N 137 
CAG "H5'"  H  N N 138 
CAG "H6'"  H  N N 139 
CYS N      N  N N 140 
CYS CA     C  N R 141 
CYS C      C  N N 142 
CYS O      O  N N 143 
CYS CB     C  N N 144 
CYS SG     S  N N 145 
CYS OXT    O  N N 146 
CYS H      H  N N 147 
CYS H2     H  N N 148 
CYS HA     H  N N 149 
CYS HB2    H  N N 150 
CYS HB3    H  N N 151 
CYS HG     H  N N 152 
CYS HXT    H  N N 153 
GLN N      N  N N 154 
GLN CA     C  N S 155 
GLN C      C  N N 156 
GLN O      O  N N 157 
GLN CB     C  N N 158 
GLN CG     C  N N 159 
GLN CD     C  N N 160 
GLN OE1    O  N N 161 
GLN NE2    N  N N 162 
GLN OXT    O  N N 163 
GLN H      H  N N 164 
GLN H2     H  N N 165 
GLN HA     H  N N 166 
GLN HB2    H  N N 167 
GLN HB3    H  N N 168 
GLN HG2    H  N N 169 
GLN HG3    H  N N 170 
GLN HE21   H  N N 171 
GLN HE22   H  N N 172 
GLN HXT    H  N N 173 
GLU N      N  N N 174 
GLU CA     C  N S 175 
GLU C      C  N N 176 
GLU O      O  N N 177 
GLU CB     C  N N 178 
GLU CG     C  N N 179 
GLU CD     C  N N 180 
GLU OE1    O  N N 181 
GLU OE2    O  N N 182 
GLU OXT    O  N N 183 
GLU H      H  N N 184 
GLU H2     H  N N 185 
GLU HA     H  N N 186 
GLU HB2    H  N N 187 
GLU HB3    H  N N 188 
GLU HG2    H  N N 189 
GLU HG3    H  N N 190 
GLU HE2    H  N N 191 
GLU HXT    H  N N 192 
GLY N      N  N N 193 
GLY CA     C  N N 194 
GLY C      C  N N 195 
GLY O      O  N N 196 
GLY OXT    O  N N 197 
GLY H      H  N N 198 
GLY H2     H  N N 199 
GLY HA2    H  N N 200 
GLY HA3    H  N N 201 
GLY HXT    H  N N 202 
HIS N      N  N N 203 
HIS CA     C  N S 204 
HIS C      C  N N 205 
HIS O      O  N N 206 
HIS CB     C  N N 207 
HIS CG     C  Y N 208 
HIS ND1    N  Y N 209 
HIS CD2    C  Y N 210 
HIS CE1    C  Y N 211 
HIS NE2    N  Y N 212 
HIS OXT    O  N N 213 
HIS H      H  N N 214 
HIS H2     H  N N 215 
HIS HA     H  N N 216 
HIS HB2    H  N N 217 
HIS HB3    H  N N 218 
HIS HD1    H  N N 219 
HIS HD2    H  N N 220 
HIS HE1    H  N N 221 
HIS HE2    H  N N 222 
HIS HXT    H  N N 223 
HOH O      O  N N 224 
HOH H1     H  N N 225 
HOH H2     H  N N 226 
ILE N      N  N N 227 
ILE CA     C  N S 228 
ILE C      C  N N 229 
ILE O      O  N N 230 
ILE CB     C  N S 231 
ILE CG1    C  N N 232 
ILE CG2    C  N N 233 
ILE CD1    C  N N 234 
ILE OXT    O  N N 235 
ILE H      H  N N 236 
ILE H2     H  N N 237 
ILE HA     H  N N 238 
ILE HB     H  N N 239 
ILE HG12   H  N N 240 
ILE HG13   H  N N 241 
ILE HG21   H  N N 242 
ILE HG22   H  N N 243 
ILE HG23   H  N N 244 
ILE HD11   H  N N 245 
ILE HD12   H  N N 246 
ILE HD13   H  N N 247 
ILE HXT    H  N N 248 
LEU N      N  N N 249 
LEU CA     C  N S 250 
LEU C      C  N N 251 
LEU O      O  N N 252 
LEU CB     C  N N 253 
LEU CG     C  N N 254 
LEU CD1    C  N N 255 
LEU CD2    C  N N 256 
LEU OXT    O  N N 257 
LEU H      H  N N 258 
LEU H2     H  N N 259 
LEU HA     H  N N 260 
LEU HB2    H  N N 261 
LEU HB3    H  N N 262 
LEU HG     H  N N 263 
LEU HD11   H  N N 264 
LEU HD12   H  N N 265 
LEU HD13   H  N N 266 
LEU HD21   H  N N 267 
LEU HD22   H  N N 268 
LEU HD23   H  N N 269 
LEU HXT    H  N N 270 
LYS N      N  N N 271 
LYS CA     C  N S 272 
LYS C      C  N N 273 
LYS O      O  N N 274 
LYS CB     C  N N 275 
LYS CG     C  N N 276 
LYS CD     C  N N 277 
LYS CE     C  N N 278 
LYS NZ     N  N N 279 
LYS OXT    O  N N 280 
LYS H      H  N N 281 
LYS H2     H  N N 282 
LYS HA     H  N N 283 
LYS HB2    H  N N 284 
LYS HB3    H  N N 285 
LYS HG2    H  N N 286 
LYS HG3    H  N N 287 
LYS HD2    H  N N 288 
LYS HD3    H  N N 289 
LYS HE2    H  N N 290 
LYS HE3    H  N N 291 
LYS HZ1    H  N N 292 
LYS HZ2    H  N N 293 
LYS HZ3    H  N N 294 
LYS HXT    H  N N 295 
MET N      N  N N 296 
MET CA     C  N S 297 
MET C      C  N N 298 
MET O      O  N N 299 
MET CB     C  N N 300 
MET CG     C  N N 301 
MET SD     S  N N 302 
MET CE     C  N N 303 
MET OXT    O  N N 304 
MET H      H  N N 305 
MET H2     H  N N 306 
MET HA     H  N N 307 
MET HB2    H  N N 308 
MET HB3    H  N N 309 
MET HG2    H  N N 310 
MET HG3    H  N N 311 
MET HE1    H  N N 312 
MET HE2    H  N N 313 
MET HE3    H  N N 314 
MET HXT    H  N N 315 
MG  MG     MG N N 316 
PHE N      N  N N 317 
PHE CA     C  N S 318 
PHE C      C  N N 319 
PHE O      O  N N 320 
PHE CB     C  N N 321 
PHE CG     C  Y N 322 
PHE CD1    C  Y N 323 
PHE CD2    C  Y N 324 
PHE CE1    C  Y N 325 
PHE CE2    C  Y N 326 
PHE CZ     C  Y N 327 
PHE OXT    O  N N 328 
PHE H      H  N N 329 
PHE H2     H  N N 330 
PHE HA     H  N N 331 
PHE HB2    H  N N 332 
PHE HB3    H  N N 333 
PHE HD1    H  N N 334 
PHE HD2    H  N N 335 
PHE HE1    H  N N 336 
PHE HE2    H  N N 337 
PHE HZ     H  N N 338 
PHE HXT    H  N N 339 
PRO N      N  N N 340 
PRO CA     C  N S 341 
PRO C      C  N N 342 
PRO O      O  N N 343 
PRO CB     C  N N 344 
PRO CG     C  N N 345 
PRO CD     C  N N 346 
PRO OXT    O  N N 347 
PRO H      H  N N 348 
PRO HA     H  N N 349 
PRO HB2    H  N N 350 
PRO HB3    H  N N 351 
PRO HG2    H  N N 352 
PRO HG3    H  N N 353 
PRO HD2    H  N N 354 
PRO HD3    H  N N 355 
PRO HXT    H  N N 356 
SER N      N  N N 357 
SER CA     C  N S 358 
SER C      C  N N 359 
SER O      O  N N 360 
SER CB     C  N N 361 
SER OG     O  N N 362 
SER OXT    O  N N 363 
SER H      H  N N 364 
SER H2     H  N N 365 
SER HA     H  N N 366 
SER HB2    H  N N 367 
SER HB3    H  N N 368 
SER HG     H  N N 369 
SER HXT    H  N N 370 
THR N      N  N N 371 
THR CA     C  N S 372 
THR C      C  N N 373 
THR O      O  N N 374 
THR CB     C  N R 375 
THR OG1    O  N N 376 
THR CG2    C  N N 377 
THR OXT    O  N N 378 
THR H      H  N N 379 
THR H2     H  N N 380 
THR HA     H  N N 381 
THR HB     H  N N 382 
THR HG1    H  N N 383 
THR HG21   H  N N 384 
THR HG22   H  N N 385 
THR HG23   H  N N 386 
THR HXT    H  N N 387 
TYR N      N  N N 388 
TYR CA     C  N S 389 
TYR C      C  N N 390 
TYR O      O  N N 391 
TYR CB     C  N N 392 
TYR CG     C  Y N 393 
TYR CD1    C  Y N 394 
TYR CD2    C  Y N 395 
TYR CE1    C  Y N 396 
TYR CE2    C  Y N 397 
TYR CZ     C  Y N 398 
TYR OH     O  N N 399 
TYR OXT    O  N N 400 
TYR H      H  N N 401 
TYR H2     H  N N 402 
TYR HA     H  N N 403 
TYR HB2    H  N N 404 
TYR HB3    H  N N 405 
TYR HD1    H  N N 406 
TYR HD2    H  N N 407 
TYR HE1    H  N N 408 
TYR HE2    H  N N 409 
TYR HH     H  N N 410 
TYR HXT    H  N N 411 
VAL N      N  N N 412 
VAL CA     C  N S 413 
VAL C      C  N N 414 
VAL O      O  N N 415 
VAL CB     C  N N 416 
VAL CG1    C  N N 417 
VAL CG2    C  N N 418 
VAL OXT    O  N N 419 
VAL H      H  N N 420 
VAL H2     H  N N 421 
VAL HA     H  N N 422 
VAL HB     H  N N 423 
VAL HG11   H  N N 424 
VAL HG12   H  N N 425 
VAL HG13   H  N N 426 
VAL HG21   H  N N 427 
VAL HG22   H  N N 428 
VAL HG23   H  N N 429 
VAL HXT    H  N N 430 
# 
loop_
_chem_comp_bond.comp_id 
_chem_comp_bond.atom_id_1 
_chem_comp_bond.atom_id_2 
_chem_comp_bond.value_order 
_chem_comp_bond.pdbx_aromatic_flag 
_chem_comp_bond.pdbx_stereo_config 
_chem_comp_bond.pdbx_ordinal 
ALA N     CA     sing N N 1   
ALA N     H      sing N N 2   
ALA N     H2     sing N N 3   
ALA CA    C      sing N N 4   
ALA CA    CB     sing N N 5   
ALA CA    HA     sing N N 6   
ALA C     O      doub N N 7   
ALA C     OXT    sing N N 8   
ALA CB    HB1    sing N N 9   
ALA CB    HB2    sing N N 10  
ALA CB    HB3    sing N N 11  
ALA OXT   HXT    sing N N 12  
ARG N     CA     sing N N 13  
ARG N     H      sing N N 14  
ARG N     H2     sing N N 15  
ARG CA    C      sing N N 16  
ARG CA    CB     sing N N 17  
ARG CA    HA     sing N N 18  
ARG C     O      doub N N 19  
ARG C     OXT    sing N N 20  
ARG CB    CG     sing N N 21  
ARG CB    HB2    sing N N 22  
ARG CB    HB3    sing N N 23  
ARG CG    CD     sing N N 24  
ARG CG    HG2    sing N N 25  
ARG CG    HG3    sing N N 26  
ARG CD    NE     sing N N 27  
ARG CD    HD2    sing N N 28  
ARG CD    HD3    sing N N 29  
ARG NE    CZ     sing N N 30  
ARG NE    HE     sing N N 31  
ARG CZ    NH1    sing N N 32  
ARG CZ    NH2    doub N N 33  
ARG NH1   HH11   sing N N 34  
ARG NH1   HH12   sing N N 35  
ARG NH2   HH21   sing N N 36  
ARG NH2   HH22   sing N N 37  
ARG OXT   HXT    sing N N 38  
ASN N     CA     sing N N 39  
ASN N     H      sing N N 40  
ASN N     H2     sing N N 41  
ASN CA    C      sing N N 42  
ASN CA    CB     sing N N 43  
ASN CA    HA     sing N N 44  
ASN C     O      doub N N 45  
ASN C     OXT    sing N N 46  
ASN CB    CG     sing N N 47  
ASN CB    HB2    sing N N 48  
ASN CB    HB3    sing N N 49  
ASN CG    OD1    doub N N 50  
ASN CG    ND2    sing N N 51  
ASN ND2   HD21   sing N N 52  
ASN ND2   HD22   sing N N 53  
ASN OXT   HXT    sing N N 54  
ASP N     CA     sing N N 55  
ASP N     H      sing N N 56  
ASP N     H2     sing N N 57  
ASP CA    C      sing N N 58  
ASP CA    CB     sing N N 59  
ASP CA    HA     sing N N 60  
ASP C     O      doub N N 61  
ASP C     OXT    sing N N 62  
ASP CB    CG     sing N N 63  
ASP CB    HB2    sing N N 64  
ASP CB    HB3    sing N N 65  
ASP CG    OD1    doub N N 66  
ASP CG    OD2    sing N N 67  
ASP OD2   HD2    sing N N 68  
ASP OXT   HXT    sing N N 69  
CAG PG    O1G    doub N N 70  
CAG PG    O2G    sing N N 71  
CAG PG    O3G    sing N N 72  
CAG PG    O3B    sing N N 73  
CAG O2G   HOG2   sing N N 74  
CAG O3G   "C'"   sing N N 75  
CAG PB    O1B    doub N N 76  
CAG PB    O2B    sing N N 77  
CAG PB    O3B    sing N N 78  
CAG PB    O3A    sing N N 79  
CAG O2B   HOB2   sing N N 80  
CAG PA    O1A    doub N N 81  
CAG PA    O2A    sing N N 82  
CAG PA    O3A    sing N N 83  
CAG PA    "O5'"  sing N N 84  
CAG O2A   HOA2   sing N N 85  
CAG "O5'" C5B    sing N N 86  
CAG C5B   C4B    sing N N 87  
CAG C5B   "H5'1" sing N N 88  
CAG C5B   "H5'2" sing N N 89  
CAG C4B   "O4'"  sing N N 90  
CAG C4B   C3B    sing N N 91  
CAG C4B   H4B    sing N N 92  
CAG "O4'" C1B    sing N N 93  
CAG C3B   "O3'"  sing N N 94  
CAG C3B   C2B    sing N N 95  
CAG C3B   H3B    sing N N 96  
CAG "O3'" HO3    sing N N 97  
CAG C2B   "O2'"  sing N N 98  
CAG C2B   C1B    sing N N 99  
CAG C2B   "H2'"  sing N N 100 
CAG "O2'" HO2    sing N N 101 
CAG C1B   N9     sing N N 102 
CAG C1B   "H1'"  sing N N 103 
CAG N9    C8     sing Y N 104 
CAG N9    C4     sing Y N 105 
CAG C8    N7     doub Y N 106 
CAG C8    H8     sing N N 107 
CAG N7    C5     sing Y N 108 
CAG C5    C6     sing Y N 109 
CAG C5    C4     doub Y N 110 
CAG C6    O6     doub N N 111 
CAG C6    N1     sing Y N 112 
CAG N1    C2     sing Y N 113 
CAG N1    H1     sing N N 114 
CAG C2    N2     sing N N 115 
CAG C2    N3     doub Y N 116 
CAG N2    H21    sing N N 117 
CAG N2    H22    sing N N 118 
CAG N3    C4     sing Y N 119 
CAG "C'"  "CM'"  sing N N 120 
CAG "C'"  "C1'"  sing N N 121 
CAG "C'"  "H'"   sing N N 122 
CAG "CM'" HCM1   sing N N 123 
CAG "CM'" HCM2   sing N N 124 
CAG "CM'" HCM3   sing N N 125 
CAG "C1'" "C2'"  doub Y N 126 
CAG "C1'" "C6'"  sing Y N 127 
CAG "C2'" "N2'"  sing N N 128 
CAG "C2'" "C3'"  sing Y N 129 
CAG "N2'" "O'L"  sing N N 130 
CAG "N2'" "O'M"  doub N N 131 
CAG "C3'" "C4'"  doub Y N 132 
CAG "C3'" "H3'"  sing N N 133 
CAG "C4'" "C5'"  sing Y N 134 
CAG "C4'" "H4'"  sing N N 135 
CAG "C5'" "C6'"  doub Y N 136 
CAG "C5'" "H5'"  sing N N 137 
CAG "C6'" "H6'"  sing N N 138 
CYS N     CA     sing N N 139 
CYS N     H      sing N N 140 
CYS N     H2     sing N N 141 
CYS CA    C      sing N N 142 
CYS CA    CB     sing N N 143 
CYS CA    HA     sing N N 144 
CYS C     O      doub N N 145 
CYS C     OXT    sing N N 146 
CYS CB    SG     sing N N 147 
CYS CB    HB2    sing N N 148 
CYS CB    HB3    sing N N 149 
CYS SG    HG     sing N N 150 
CYS OXT   HXT    sing N N 151 
GLN N     CA     sing N N 152 
GLN N     H      sing N N 153 
GLN N     H2     sing N N 154 
GLN CA    C      sing N N 155 
GLN CA    CB     sing N N 156 
GLN CA    HA     sing N N 157 
GLN C     O      doub N N 158 
GLN C     OXT    sing N N 159 
GLN CB    CG     sing N N 160 
GLN CB    HB2    sing N N 161 
GLN CB    HB3    sing N N 162 
GLN CG    CD     sing N N 163 
GLN CG    HG2    sing N N 164 
GLN CG    HG3    sing N N 165 
GLN CD    OE1    doub N N 166 
GLN CD    NE2    sing N N 167 
GLN NE2   HE21   sing N N 168 
GLN NE2   HE22   sing N N 169 
GLN OXT   HXT    sing N N 170 
GLU N     CA     sing N N 171 
GLU N     H      sing N N 172 
GLU N     H2     sing N N 173 
GLU CA    C      sing N N 174 
GLU CA    CB     sing N N 175 
GLU CA    HA     sing N N 176 
GLU C     O      doub N N 177 
GLU C     OXT    sing N N 178 
GLU CB    CG     sing N N 179 
GLU CB    HB2    sing N N 180 
GLU CB    HB3    sing N N 181 
GLU CG    CD     sing N N 182 
GLU CG    HG2    sing N N 183 
GLU CG    HG3    sing N N 184 
GLU CD    OE1    doub N N 185 
GLU CD    OE2    sing N N 186 
GLU OE2   HE2    sing N N 187 
GLU OXT   HXT    sing N N 188 
GLY N     CA     sing N N 189 
GLY N     H      sing N N 190 
GLY N     H2     sing N N 191 
GLY CA    C      sing N N 192 
GLY CA    HA2    sing N N 193 
GLY CA    HA3    sing N N 194 
GLY C     O      doub N N 195 
GLY C     OXT    sing N N 196 
GLY OXT   HXT    sing N N 197 
HIS N     CA     sing N N 198 
HIS N     H      sing N N 199 
HIS N     H2     sing N N 200 
HIS CA    C      sing N N 201 
HIS CA    CB     sing N N 202 
HIS CA    HA     sing N N 203 
HIS C     O      doub N N 204 
HIS C     OXT    sing N N 205 
HIS CB    CG     sing N N 206 
HIS CB    HB2    sing N N 207 
HIS CB    HB3    sing N N 208 
HIS CG    ND1    sing Y N 209 
HIS CG    CD2    doub Y N 210 
HIS ND1   CE1    doub Y N 211 
HIS ND1   HD1    sing N N 212 
HIS CD2   NE2    sing Y N 213 
HIS CD2   HD2    sing N N 214 
HIS CE1   NE2    sing Y N 215 
HIS CE1   HE1    sing N N 216 
HIS NE2   HE2    sing N N 217 
HIS OXT   HXT    sing N N 218 
HOH O     H1     sing N N 219 
HOH O     H2     sing N N 220 
ILE N     CA     sing N N 221 
ILE N     H      sing N N 222 
ILE N     H2     sing N N 223 
ILE CA    C      sing N N 224 
ILE CA    CB     sing N N 225 
ILE CA    HA     sing N N 226 
ILE C     O      doub N N 227 
ILE C     OXT    sing N N 228 
ILE CB    CG1    sing N N 229 
ILE CB    CG2    sing N N 230 
ILE CB    HB     sing N N 231 
ILE CG1   CD1    sing N N 232 
ILE CG1   HG12   sing N N 233 
ILE CG1   HG13   sing N N 234 
ILE CG2   HG21   sing N N 235 
ILE CG2   HG22   sing N N 236 
ILE CG2   HG23   sing N N 237 
ILE CD1   HD11   sing N N 238 
ILE CD1   HD12   sing N N 239 
ILE CD1   HD13   sing N N 240 
ILE OXT   HXT    sing N N 241 
LEU N     CA     sing N N 242 
LEU N     H      sing N N 243 
LEU N     H2     sing N N 244 
LEU CA    C      sing N N 245 
LEU CA    CB     sing N N 246 
LEU CA    HA     sing N N 247 
LEU C     O      doub N N 248 
LEU C     OXT    sing N N 249 
LEU CB    CG     sing N N 250 
LEU CB    HB2    sing N N 251 
LEU CB    HB3    sing N N 252 
LEU CG    CD1    sing N N 253 
LEU CG    CD2    sing N N 254 
LEU CG    HG     sing N N 255 
LEU CD1   HD11   sing N N 256 
LEU CD1   HD12   sing N N 257 
LEU CD1   HD13   sing N N 258 
LEU CD2   HD21   sing N N 259 
LEU CD2   HD22   sing N N 260 
LEU CD2   HD23   sing N N 261 
LEU OXT   HXT    sing N N 262 
LYS N     CA     sing N N 263 
LYS N     H      sing N N 264 
LYS N     H2     sing N N 265 
LYS CA    C      sing N N 266 
LYS CA    CB     sing N N 267 
LYS CA    HA     sing N N 268 
LYS C     O      doub N N 269 
LYS C     OXT    sing N N 270 
LYS CB    CG     sing N N 271 
LYS CB    HB2    sing N N 272 
LYS CB    HB3    sing N N 273 
LYS CG    CD     sing N N 274 
LYS CG    HG2    sing N N 275 
LYS CG    HG3    sing N N 276 
LYS CD    CE     sing N N 277 
LYS CD    HD2    sing N N 278 
LYS CD    HD3    sing N N 279 
LYS CE    NZ     sing N N 280 
LYS CE    HE2    sing N N 281 
LYS CE    HE3    sing N N 282 
LYS NZ    HZ1    sing N N 283 
LYS NZ    HZ2    sing N N 284 
LYS NZ    HZ3    sing N N 285 
LYS OXT   HXT    sing N N 286 
MET N     CA     sing N N 287 
MET N     H      sing N N 288 
MET N     H2     sing N N 289 
MET CA    C      sing N N 290 
MET CA    CB     sing N N 291 
MET CA    HA     sing N N 292 
MET C     O      doub N N 293 
MET C     OXT    sing N N 294 
MET CB    CG     sing N N 295 
MET CB    HB2    sing N N 296 
MET CB    HB3    sing N N 297 
MET CG    SD     sing N N 298 
MET CG    HG2    sing N N 299 
MET CG    HG3    sing N N 300 
MET SD    CE     sing N N 301 
MET CE    HE1    sing N N 302 
MET CE    HE2    sing N N 303 
MET CE    HE3    sing N N 304 
MET OXT   HXT    sing N N 305 
PHE N     CA     sing N N 306 
PHE N     H      sing N N 307 
PHE N     H2     sing N N 308 
PHE CA    C      sing N N 309 
PHE CA    CB     sing N N 310 
PHE CA    HA     sing N N 311 
PHE C     O      doub N N 312 
PHE C     OXT    sing N N 313 
PHE CB    CG     sing N N 314 
PHE CB    HB2    sing N N 315 
PHE CB    HB3    sing N N 316 
PHE CG    CD1    doub Y N 317 
PHE CG    CD2    sing Y N 318 
PHE CD1   CE1    sing Y N 319 
PHE CD1   HD1    sing N N 320 
PHE CD2   CE2    doub Y N 321 
PHE CD2   HD2    sing N N 322 
PHE CE1   CZ     doub Y N 323 
PHE CE1   HE1    sing N N 324 
PHE CE2   CZ     sing Y N 325 
PHE CE2   HE2    sing N N 326 
PHE CZ    HZ     sing N N 327 
PHE OXT   HXT    sing N N 328 
PRO N     CA     sing N N 329 
PRO N     CD     sing N N 330 
PRO N     H      sing N N 331 
PRO CA    C      sing N N 332 
PRO CA    CB     sing N N 333 
PRO CA    HA     sing N N 334 
PRO C     O      doub N N 335 
PRO C     OXT    sing N N 336 
PRO CB    CG     sing N N 337 
PRO CB    HB2    sing N N 338 
PRO CB    HB3    sing N N 339 
PRO CG    CD     sing N N 340 
PRO CG    HG2    sing N N 341 
PRO CG    HG3    sing N N 342 
PRO CD    HD2    sing N N 343 
PRO CD    HD3    sing N N 344 
PRO OXT   HXT    sing N N 345 
SER N     CA     sing N N 346 
SER N     H      sing N N 347 
SER N     H2     sing N N 348 
SER CA    C      sing N N 349 
SER CA    CB     sing N N 350 
SER CA    HA     sing N N 351 
SER C     O      doub N N 352 
SER C     OXT    sing N N 353 
SER CB    OG     sing N N 354 
SER CB    HB2    sing N N 355 
SER CB    HB3    sing N N 356 
SER OG    HG     sing N N 357 
SER OXT   HXT    sing N N 358 
THR N     CA     sing N N 359 
THR N     H      sing N N 360 
THR N     H2     sing N N 361 
THR CA    C      sing N N 362 
THR CA    CB     sing N N 363 
THR CA    HA     sing N N 364 
THR C     O      doub N N 365 
THR C     OXT    sing N N 366 
THR CB    OG1    sing N N 367 
THR CB    CG2    sing N N 368 
THR CB    HB     sing N N 369 
THR OG1   HG1    sing N N 370 
THR CG2   HG21   sing N N 371 
THR CG2   HG22   sing N N 372 
THR CG2   HG23   sing N N 373 
THR OXT   HXT    sing N N 374 
TYR N     CA     sing N N 375 
TYR N     H      sing N N 376 
TYR N     H2     sing N N 377 
TYR CA    C      sing N N 378 
TYR CA    CB     sing N N 379 
TYR CA    HA     sing N N 380 
TYR C     O      doub N N 381 
TYR C     OXT    sing N N 382 
TYR CB    CG     sing N N 383 
TYR CB    HB2    sing N N 384 
TYR CB    HB3    sing N N 385 
TYR CG    CD1    doub Y N 386 
TYR CG    CD2    sing Y N 387 
TYR CD1   CE1    sing Y N 388 
TYR CD1   HD1    sing N N 389 
TYR CD2   CE2    doub Y N 390 
TYR CD2   HD2    sing N N 391 
TYR CE1   CZ     doub Y N 392 
TYR CE1   HE1    sing N N 393 
TYR CE2   CZ     sing Y N 394 
TYR CE2   HE2    sing N N 395 
TYR CZ    OH     sing N N 396 
TYR OH    HH     sing N N 397 
TYR OXT   HXT    sing N N 398 
VAL N     CA     sing N N 399 
VAL N     H      sing N N 400 
VAL N     H2     sing N N 401 
VAL CA    C      sing N N 402 
VAL CA    CB     sing N N 403 
VAL CA    HA     sing N N 404 
VAL C     O      doub N N 405 
VAL C     OXT    sing N N 406 
VAL CB    CG1    sing N N 407 
VAL CB    CG2    sing N N 408 
VAL CB    HB     sing N N 409 
VAL CG1   HG11   sing N N 410 
VAL CG1   HG12   sing N N 411 
VAL CG1   HG13   sing N N 412 
VAL CG2   HG21   sing N N 413 
VAL CG2   HG22   sing N N 414 
VAL CG2   HG23   sing N N 415 
VAL OXT   HXT    sing N N 416 
# 
_atom_sites.entry_id                    1GNR 
_atom_sites.fract_transf_matrix[1][1]   0.01391318 
_atom_sites.fract_transf_matrix[1][2]   -0.01083972 
_atom_sites.fract_transf_matrix[1][3]   -0.02249040 
_atom_sites.fract_transf_matrix[2][1]   0.02725870 
_atom_sites.fract_transf_matrix[2][2]   0.00716365 
_atom_sites.fract_transf_matrix[2][3]   -0.00475146 
_atom_sites.fract_transf_matrix[3][1]   0.00189248 
_atom_sites.fract_transf_matrix[3][2]   -0.00486832 
_atom_sites.fract_transf_matrix[3][3]   0.00351713 
_atom_sites.fract_transf_vector[1]      0.517608 
_atom_sites.fract_transf_vector[2]      0.740570 
_atom_sites.fract_transf_vector[3]      0.076093 
# 
_atom_sites_footnote.id     1 
_atom_sites_footnote.text   
'ASP      33  - PRO      34               OMEGA = 146.32 PEPTIDE BOND DEVIATES SIGNIFICANTLY FROM TRANS CONFORMATION' 
# 
loop_
_atom_type.symbol 
C  
MG 
N  
O  
P  
S  
# 
loop_
_atom_site.group_PDB 
_atom_site.id 
_atom_site.type_symbol 
_atom_site.label_atom_id 
_atom_site.label_alt_id 
_atom_site.label_comp_id 
_atom_site.label_asym_id 
_atom_site.label_entity_id 
_atom_site.label_seq_id 
_atom_site.pdbx_PDB_ins_code 
_atom_site.Cartn_x 
_atom_site.Cartn_y 
_atom_site.Cartn_z 
_atom_site.occupancy 
_atom_site.B_iso_or_equiv 
_atom_site.pdbx_formal_charge 
_atom_site.auth_seq_id 
_atom_site.auth_comp_id 
_atom_site.auth_asym_id 
_atom_site.auth_atom_id 
_atom_site.pdbx_PDB_model_num 
ATOM   1    N  N     . MET A 1 1   ? 0.733   23.965  -1.519  1.00 36.96 ? 1   MET A N     1 
ATOM   2    C  CA    . MET A 1 1   ? 0.141   22.960  -2.396  1.00 32.58 ? 1   MET A CA    1 
ATOM   3    C  C     . MET A 1 1   ? -0.604  21.917  -1.574  1.00 30.89 ? 1   MET A C     1 
ATOM   4    O  O     . MET A 1 1   ? -0.357  21.755  -0.370  1.00 27.08 ? 1   MET A O     1 
ATOM   5    C  CB    . MET A 1 1   ? 1.219   22.278  -3.267  1.00 30.63 ? 1   MET A CB    1 
ATOM   6    C  CG    . MET A 1 1   ? 2.235   21.397  -2.518  1.00 24.23 ? 1   MET A CG    1 
ATOM   7    S  SD    . MET A 1 1   ? 3.494   20.624  -3.584  1.00 25.28 ? 1   MET A SD    1 
ATOM   8    C  CE    . MET A 1 1   ? 4.155   22.036  -4.444  1.00 26.55 ? 1   MET A CE    1 
ATOM   9    N  N     . THR A 1 2   ? -1.561  21.262  -2.224  1.00 31.98 ? 2   THR A N     1 
ATOM   10   C  CA    . THR A 1 2   ? -2.212  20.092  -1.656  1.00 28.99 ? 2   THR A CA    1 
ATOM   11   C  C     . THR A 1 2   ? -1.186  19.002  -1.366  1.00 27.89 ? 2   THR A C     1 
ATOM   12   O  O     . THR A 1 2   ? -0.406  18.607  -2.239  1.00 30.78 ? 2   THR A O     1 
ATOM   13   C  CB    . THR A 1 2   ? -3.253  19.519  -2.615  1.00 24.55 ? 2   THR A CB    1 
ATOM   14   O  OG1   . THR A 1 2   ? -3.922  20.595  -3.281  1.00 36.29 ? 2   THR A OG1   1 
ATOM   15   C  CG2   . THR A 1 2   ? -4.258  18.675  -1.848  1.00 15.18 ? 2   THR A CG2   1 
ATOM   16   N  N     . GLU A 1 3   ? -1.222  18.487  -0.151  1.00 19.95 ? 3   GLU A N     1 
ATOM   17   C  CA    . GLU A 1 3   ? -0.345  17.402  0.240   1.00 21.47 ? 3   GLU A CA    1 
ATOM   18   C  C     . GLU A 1 3   ? -1.156  16.148  0.618   1.00 21.11 ? 3   GLU A C     1 
ATOM   19   O  O     . GLU A 1 3   ? -2.255  16.248  1.171   1.00 16.47 ? 3   GLU A O     1 
ATOM   20   C  CB    . GLU A 1 3   ? 0.518   17.876  1.399   1.00 20.63 ? 3   GLU A CB    1 
ATOM   21   C  CG    . GLU A 1 3   ? 1.057   16.784  2.268   1.00 32.36 ? 3   GLU A CG    1 
ATOM   22   C  CD    . GLU A 1 3   ? 2.219   17.256  3.079   1.00 36.57 ? 3   GLU A CD    1 
ATOM   23   O  OE1   . GLU A 1 3   ? 2.218   18.431  3.498   1.00 37.35 ? 3   GLU A OE1   1 
ATOM   24   O  OE2   . GLU A 1 3   ? 3.150   16.458  3.274   1.00 42.07 ? 3   GLU A OE2   1 
ATOM   25   N  N     . TYR A 1 4   ? -0.650  14.974  0.256   1.00 15.07 ? 4   TYR A N     1 
ATOM   26   C  CA    . TYR A 1 4   ? -1.379  13.750  0.519   1.00 13.34 ? 4   TYR A CA    1 
ATOM   27   C  C     . TYR A 1 4   ? -0.532  12.753  1.305   1.00 11.81 ? 4   TYR A C     1 
ATOM   28   O  O     . TYR A 1 4   ? 0.496   12.276  0.827   1.00 9.57  ? 4   TYR A O     1 
ATOM   29   C  CB    . TYR A 1 4   ? -1.838  13.111  -0.784  1.00 11.70 ? 4   TYR A CB    1 
ATOM   30   C  CG    . TYR A 1 4   ? -2.817  13.926  -1.597  1.00 15.45 ? 4   TYR A CG    1 
ATOM   31   C  CD1   . TYR A 1 4   ? -4.181  13.878  -1.338  1.00 16.22 ? 4   TYR A CD1   1 
ATOM   32   C  CD2   . TYR A 1 4   ? -2.381  14.658  -2.692  1.00 12.72 ? 4   TYR A CD2   1 
ATOM   33   C  CE1   . TYR A 1 4   ? -5.076  14.513  -2.153  1.00 13.55 ? 4   TYR A CE1   1 
ATOM   34   C  CE2   . TYR A 1 4   ? -3.272  15.290  -3.519  1.00 15.48 ? 4   TYR A CE2   1 
ATOM   35   C  CZ    . TYR A 1 4   ? -4.614  15.220  -3.241  1.00 16.10 ? 4   TYR A CZ    1 
ATOM   36   O  OH    . TYR A 1 4   ? -5.479  15.904  -4.055  1.00 19.13 ? 4   TYR A OH    1 
ATOM   37   N  N     . LYS A 1 5   ? -1.023  12.387  2.482   1.00 12.84 ? 5   LYS A N     1 
ATOM   38   C  CA    . LYS A 1 5   ? -0.279  11.539  3.405   1.00 15.06 ? 5   LYS A CA    1 
ATOM   39   C  C     . LYS A 1 5   ? -0.769  10.108  3.257   1.00 14.11 ? 5   LYS A C     1 
ATOM   40   O  O     . LYS A 1 5   ? -1.917  9.797   3.602   1.00 6.24  ? 5   LYS A O     1 
ATOM   41   C  CB    . LYS A 1 5   ? -0.483  12.040  4.828   1.00 18.28 ? 5   LYS A CB    1 
ATOM   42   C  CG    . LYS A 1 5   ? -0.376  13.550  4.930   1.00 26.21 ? 5   LYS A CG    1 
ATOM   43   C  CD    . LYS A 1 5   ? 0.092   13.987  6.301   1.00 43.02 ? 5   LYS A CD    1 
ATOM   44   C  CE    . LYS A 1 5   ? 0.743   15.351  6.219   1.00 45.62 ? 5   LYS A CE    1 
ATOM   45   N  NZ    . LYS A 1 5   ? 1.916   15.301  5.302   1.00 48.25 ? 5   LYS A NZ    1 
ATOM   46   N  N     . LEU A 1 6   ? 0.078   9.283   2.643   1.00 11.49 ? 6   LEU A N     1 
ATOM   47   C  CA    . LEU A 1 6   ? -0.283  7.941   2.210   1.00 12.03 ? 6   LEU A CA    1 
ATOM   48   C  C     . LEU A 1 6   ? 0.510   6.976   3.061   1.00 10.30 ? 6   LEU A C     1 
ATOM   49   O  O     . LEU A 1 6   ? 1.693   7.210   3.305   1.00 14.71 ? 6   LEU A O     1 
ATOM   50   C  CB    . LEU A 1 6   ? 0.110   7.734   0.736   1.00 7.99  ? 6   LEU A CB    1 
ATOM   51   C  CG    . LEU A 1 6   ? -0.367  8.686   -0.379  1.00 11.97 ? 6   LEU A CG    1 
ATOM   52   C  CD1   . LEU A 1 6   ? -0.029  8.070   -1.718  1.00 16.10 ? 6   LEU A CD1   1 
ATOM   53   C  CD2   . LEU A 1 6   ? -1.855  8.915   -0.303  1.00 5.26  ? 6   LEU A CD2   1 
ATOM   54   N  N     . VAL A 1 7   ? -0.113  5.876   3.464   1.00 5.00  ? 7   VAL A N     1 
ATOM   55   C  CA    . VAL A 1 7   ? 0.563   4.850   4.255   1.00 5.44  ? 7   VAL A CA    1 
ATOM   56   C  C     . VAL A 1 7   ? 0.485   3.496   3.538   1.00 6.12  ? 7   VAL A C     1 
ATOM   57   O  O     . VAL A 1 7   ? -0.599  3.007   3.228   1.00 10.95 ? 7   VAL A O     1 
ATOM   58   C  CB    . VAL A 1 7   ? -0.086  4.742   5.670   1.00 11.08 ? 7   VAL A CB    1 
ATOM   59   C  CG1   . VAL A 1 7   ? 0.625   3.717   6.546   1.00 12.73 ? 7   VAL A CG1   1 
ATOM   60   C  CG2   . VAL A 1 7   ? -0.021  6.095   6.362   1.00 13.53 ? 7   VAL A CG2   1 
ATOM   61   N  N     . VAL A 1 8   ? 1.638   2.911   3.242   1.00 6.02  ? 8   VAL A N     1 
ATOM   62   C  CA    . VAL A 1 8   ? 1.695   1.578   2.636   1.00 5.63  ? 8   VAL A CA    1 
ATOM   63   C  C     . VAL A 1 8   ? 1.746   0.462   3.706   1.00 13.05 ? 8   VAL A C     1 
ATOM   64   O  O     . VAL A 1 8   ? 2.613   0.463   4.582   1.00 15.14 ? 8   VAL A O     1 
ATOM   65   C  CB    . VAL A 1 8   ? 2.918   1.463   1.692   1.00 9.95  ? 8   VAL A CB    1 
ATOM   66   C  CG1   . VAL A 1 8   ? 2.910   0.133   0.972   1.00 5.00  ? 8   VAL A CG1   1 
ATOM   67   C  CG2   . VAL A 1 8   ? 2.886   2.605   0.661   1.00 6.09  ? 8   VAL A CG2   1 
ATOM   68   N  N     . VAL A 1 9   ? 0.810   -0.479  3.631   1.00 18.33 ? 9   VAL A N     1 
ATOM   69   C  CA    . VAL A 1 9   ? 0.546   -1.402  4.723   1.00 11.86 ? 9   VAL A CA    1 
ATOM   70   C  C     . VAL A 1 9   ? 0.358   -2.803  4.162   1.00 13.69 ? 9   VAL A C     1 
ATOM   71   O  O     . VAL A 1 9   ? 0.062   -2.953  2.984   1.00 7.84  ? 9   VAL A O     1 
ATOM   72   C  CB    . VAL A 1 9   ? -0.714  -0.950  5.478   1.00 15.97 ? 9   VAL A CB    1 
ATOM   73   C  CG1   . VAL A 1 9   ? -1.317  -2.095  6.274   1.00 19.26 ? 9   VAL A CG1   1 
ATOM   74   C  CG2   . VAL A 1 9   ? -0.362  0.199   6.403   1.00 5.78  ? 9   VAL A CG2   1 
ATOM   75   N  N     . GLY A 1 10  ? 0.740   -3.806  4.939   1.00 7.83  ? 10  GLY A N     1 
ATOM   76   C  CA    . GLY A 1 10  ? 0.639   -5.185  4.497   1.00 13.11 ? 10  GLY A CA    1 
ATOM   77   C  C     . GLY A 1 10  ? 1.569   -6.090  5.288   1.00 15.56 ? 10  GLY A C     1 
ATOM   78   O  O     . GLY A 1 10  ? 2.361   -5.592  6.089   1.00 15.27 ? 10  GLY A O     1 
ATOM   79   N  N     . ALA A 1 11  ? 1.502   -7.399  5.039   1.00 17.92 ? 11  ALA A N     1 
ATOM   80   C  CA    . ALA A 1 11  ? 2.285   -8.382  5.802   1.00 17.08 ? 11  ALA A CA    1 
ATOM   81   C  C     . ALA A 1 11  ? 3.753   -8.371  5.405   1.00 15.56 ? 11  ALA A C     1 
ATOM   82   O  O     . ALA A 1 11  ? 4.117   -7.862  4.341   1.00 14.57 ? 11  ALA A O     1 
ATOM   83   C  CB    . ALA A 1 11  ? 1.724   -9.776  5.620   1.00 11.34 ? 11  ALA A CB    1 
ATOM   84   N  N     . GLY A 1 12  ? 4.594   -8.947  6.252   1.00 11.50 ? 12  GLY A N     1 
ATOM   85   C  CA    . GLY A 1 12  ? 6.008   -9.008  5.935   1.00 20.10 ? 12  GLY A CA    1 
ATOM   86   C  C     . GLY A 1 12  ? 6.241   -9.631  4.565   1.00 17.54 ? 12  GLY A C     1 
ATOM   87   O  O     . GLY A 1 12  ? 5.588   -10.620 4.226   1.00 25.33 ? 12  GLY A O     1 
ATOM   88   N  N     . GLY A 1 13  ? 7.030   -8.958  3.723   1.00 13.79 ? 13  GLY A N     1 
ATOM   89   C  CA    . GLY A 1 13  ? 7.452   -9.552  2.468   1.00 9.83  ? 13  GLY A CA    1 
ATOM   90   C  C     . GLY A 1 13  ? 6.719   -9.194  1.186   1.00 16.22 ? 13  GLY A C     1 
ATOM   91   O  O     . GLY A 1 13  ? 7.220   -9.463  0.086   1.00 13.39 ? 13  GLY A O     1 
ATOM   92   N  N     . VAL A 1 14  ? 5.531   -8.611  1.304   1.00 11.36 ? 14  VAL A N     1 
ATOM   93   C  CA    . VAL A 1 14  ? 4.654   -8.495  0.143   1.00 10.86 ? 14  VAL A CA    1 
ATOM   94   C  C     . VAL A 1 14  ? 5.109   -7.514  -0.936  1.00 12.01 ? 14  VAL A C     1 
ATOM   95   O  O     . VAL A 1 14  ? 4.710   -7.649  -2.079  1.00 11.87 ? 14  VAL A O     1 
ATOM   96   C  CB    . VAL A 1 14  ? 3.224   -8.170  0.556   1.00 7.67  ? 14  VAL A CB    1 
ATOM   97   C  CG1   . VAL A 1 14  ? 2.689   -9.316  1.384   1.00 11.17 ? 14  VAL A CG1   1 
ATOM   98   C  CG2   . VAL A 1 14  ? 3.181   -6.867  1.339   1.00 8.75  ? 14  VAL A CG2   1 
ATOM   99   N  N     . GLY A 1 15  ? 6.070   -6.652  -0.626  1.00 9.00  ? 15  GLY A N     1 
ATOM   100  C  CA    . GLY A 1 15  ? 6.540   -5.707  -1.625  1.00 10.25 ? 15  GLY A CA    1 
ATOM   101  C  C     . GLY A 1 15  ? 6.191   -4.252  -1.335  1.00 12.95 ? 15  GLY A C     1 
ATOM   102  O  O     . GLY A 1 15  ? 6.231   -3.401  -2.238  1.00 13.16 ? 15  GLY A O     1 
ATOM   103  N  N     . LYS A 1 16  ? 5.947   -3.940  -0.064  1.00 6.54  ? 16  LYS A N     1 
ATOM   104  C  CA    . LYS A 1 16  ? 5.629   -2.577  0.360   1.00 10.43 ? 16  LYS A CA    1 
ATOM   105  C  C     . LYS A 1 16  ? 6.710   -1.559  -0.037  1.00 17.08 ? 16  LYS A C     1 
ATOM   106  O  O     . LYS A 1 16  ? 6.418   -0.504  -0.604  1.00 12.84 ? 16  LYS A O     1 
ATOM   107  C  CB    . LYS A 1 16  ? 5.425   -2.533  1.883   1.00 6.63  ? 16  LYS A CB    1 
ATOM   108  C  CG    . LYS A 1 16  ? 4.277   -3.405  2.386   1.00 9.33  ? 16  LYS A CG    1 
ATOM   109  C  CD    . LYS A 1 16  ? 3.974   -3.118  3.836   1.00 7.68  ? 16  LYS A CD    1 
ATOM   110  C  CE    . LYS A 1 16  ? 5.031   -3.730  4.754   1.00 14.90 ? 16  LYS A CE    1 
ATOM   111  N  NZ    . LYS A 1 16  ? 5.254   -5.175  4.461   1.00 8.50  ? 16  LYS A NZ    1 
ATOM   112  N  N     . SER A 1 17  ? 7.951   -1.877  0.310   1.00 12.75 ? 17  SER A N     1 
ATOM   113  C  CA    . SER A 1 17  ? 9.106   -1.044  0.002   1.00 13.63 ? 17  SER A CA    1 
ATOM   114  C  C     . SER A 1 17  ? 9.391   -0.995  -1.486  1.00 13.95 ? 17  SER A C     1 
ATOM   115  O  O     . SER A 1 17  ? 9.719   0.053   -2.032  1.00 9.13  ? 17  SER A O     1 
ATOM   116  C  CB    . SER A 1 17  ? 10.336  -1.585  0.724   1.00 11.30 ? 17  SER A CB    1 
ATOM   117  O  OG    . SER A 1 17  ? 10.269  -1.262  2.091   1.00 8.58  ? 17  SER A OG    1 
ATOM   118  N  N     . ALA A 1 18  ? 9.248   -2.133  -2.148  1.00 11.58 ? 18  ALA A N     1 
ATOM   119  C  CA    . ALA A 1 18  ? 9.605   -2.212  -3.553  1.00 14.79 ? 18  ALA A CA    1 
ATOM   120  C  C     . ALA A 1 18  ? 8.628   -1.382  -4.399  1.00 9.54  ? 18  ALA A C     1 
ATOM   121  O  O     . ALA A 1 18  ? 9.050   -0.590  -5.240  1.00 13.81 ? 18  ALA A O     1 
ATOM   122  C  CB    . ALA A 1 18  ? 9.660   -3.686  -4.012  1.00 14.29 ? 18  ALA A CB    1 
ATOM   123  N  N     . LEU A 1 19  ? 7.357   -1.382  -4.016  1.00 16.28 ? 19  LEU A N     1 
ATOM   124  C  CA    . LEU A 1 19  ? 6.387   -0.483  -4.637  1.00 12.48 ? 19  LEU A CA    1 
ATOM   125  C  C     . LEU A 1 19  ? 6.762   0.992   -4.443  1.00 16.49 ? 19  LEU A C     1 
ATOM   126  O  O     . LEU A 1 19  ? 6.744   1.774   -5.389  1.00 11.73 ? 19  LEU A O     1 
ATOM   127  C  CB    . LEU A 1 19  ? 4.990   -0.749  -4.081  1.00 16.86 ? 19  LEU A CB    1 
ATOM   128  C  CG    . LEU A 1 19  ? 4.393   -2.074  -4.562  1.00 8.07  ? 19  LEU A CG    1 
ATOM   129  C  CD1   . LEU A 1 19  ? 3.136   -2.392  -3.762  1.00 12.01 ? 19  LEU A CD1   1 
ATOM   130  C  CD2   . LEU A 1 19  ? 4.110   -2.009  -6.057  1.00 19.32 ? 19  LEU A CD2   1 
ATOM   131  N  N     . THR A 1 20  ? 7.111   1.371   -3.220  1.00 18.22 ? 20  THR A N     1 
ATOM   132  C  CA    . THR A 1 20  ? 7.481   2.751   -2.931  1.00 18.73 ? 20  THR A CA    1 
ATOM   133  C  C     . THR A 1 20  ? 8.786   3.183   -3.609  1.00 24.42 ? 20  THR A C     1 
ATOM   134  O  O     . THR A 1 20  ? 8.893   4.311   -4.103  1.00 24.91 ? 20  THR A O     1 
ATOM   135  C  CB    . THR A 1 20  ? 7.618   2.985   -1.427  1.00 17.02 ? 20  THR A CB    1 
ATOM   136  O  OG1   . THR A 1 20  ? 6.442   2.490   -0.767  1.00 14.18 ? 20  THR A OG1   1 
ATOM   137  C  CG2   . THR A 1 20  ? 7.794   4.483   -1.136  1.00 16.93 ? 20  THR A CG2   1 
ATOM   138  N  N     . ILE A 1 21  ? 9.781   2.306   -3.618  1.00 19.38 ? 21  ILE A N     1 
ATOM   139  C  CA    . ILE A 1 21  ? 11.046  2.653   -4.235  1.00 22.18 ? 21  ILE A CA    1 
ATOM   140  C  C     . ILE A 1 21  ? 10.831  2.780   -5.735  1.00 23.52 ? 21  ILE A C     1 
ATOM   141  O  O     . ILE A 1 21  ? 11.362  3.689   -6.371  1.00 27.67 ? 21  ILE A O     1 
ATOM   142  C  CB    . ILE A 1 21  ? 12.133  1.588   -3.970  1.00 27.94 ? 21  ILE A CB    1 
ATOM   143  C  CG1   . ILE A 1 21  ? 12.308  1.350   -2.465  1.00 28.34 ? 21  ILE A CG1   1 
ATOM   144  C  CG2   . ILE A 1 21  ? 13.451  2.032   -4.575  1.00 27.51 ? 21  ILE A CG2   1 
ATOM   145  C  CD1   . ILE A 1 21  ? 12.638  2.585   -1.659  1.00 23.59 ? 21  ILE A CD1   1 
ATOM   146  N  N     . GLN A 1 22  ? 9.973   1.931   -6.283  1.00 17.77 ? 22  GLN A N     1 
ATOM   147  C  CA    . GLN A 1 22  ? 9.696   1.985   -7.703  1.00 15.96 ? 22  GLN A CA    1 
ATOM   148  C  C     . GLN A 1 22  ? 8.989   3.279   -8.104  1.00 16.35 ? 22  GLN A C     1 
ATOM   149  O  O     . GLN A 1 22  ? 9.361   3.895   -9.092  1.00 18.08 ? 22  GLN A O     1 
ATOM   150  C  CB    . GLN A 1 22  ? 8.887   0.764   -8.116  1.00 18.41 ? 22  GLN A CB    1 
ATOM   151  C  CG    . GLN A 1 22  ? 8.725   0.607   -9.619  1.00 23.67 ? 22  GLN A CG    1 
ATOM   152  C  CD    . GLN A 1 22  ? 10.048  0.384   -10.328 1.00 18.94 ? 22  GLN A CD    1 
ATOM   153  O  OE1   . GLN A 1 22  ? 10.765  1.336   -10.638 1.00 22.97 ? 22  GLN A OE1   1 
ATOM   154  N  NE2   . GLN A 1 22  ? 10.563  -0.786  -10.681 1.00 10.63 ? 22  GLN A NE2   1 
ATOM   155  N  N     . LEU A 1 23  ? 8.102   3.780   -7.246  1.00 19.42 ? 23  LEU A N     1 
ATOM   156  C  CA    . LEU A 1 23  ? 7.442   5.071   -7.487  1.00 20.13 ? 23  LEU A CA    1 
ATOM   157  C  C     . LEU A 1 23  ? 8.362   6.291   -7.346  1.00 26.71 ? 23  LEU A C     1 
ATOM   158  O  O     . LEU A 1 23  ? 8.232   7.254   -8.107  1.00 31.24 ? 23  LEU A O     1 
ATOM   159  C  CB    . LEU A 1 23  ? 6.251   5.260   -6.556  1.00 7.65  ? 23  LEU A CB    1 
ATOM   160  C  CG    . LEU A 1 23  ? 5.454   6.535   -6.848  1.00 19.19 ? 23  LEU A CG    1 
ATOM   161  C  CD1   . LEU A 1 23  ? 4.477   6.259   -7.986  1.00 11.10 ? 23  LEU A CD1   1 
ATOM   162  C  CD2   . LEU A 1 23  ? 4.718   7.020   -5.591  1.00 16.58 ? 23  LEU A CD2   1 
ATOM   163  N  N     . ILE A 1 24  ? 9.224   6.282   -6.327  1.00 27.63 ? 24  ILE A N     1 
ATOM   164  C  CA    . ILE A 1 24  ? 10.019  7.459   -5.960  1.00 32.00 ? 24  ILE A CA    1 
ATOM   165  C  C     . ILE A 1 24  ? 11.416  7.556   -6.601  1.00 35.10 ? 24  ILE A C     1 
ATOM   166  O  O     . ILE A 1 24  ? 11.911  8.669   -6.846  1.00 32.23 ? 24  ILE A O     1 
ATOM   167  C  CB    . ILE A 1 24  ? 10.180  7.566   -4.423  1.00 30.97 ? 24  ILE A CB    1 
ATOM   168  C  CG1   . ILE A 1 24  ? 8.806   7.570   -3.747  1.00 36.49 ? 24  ILE A CG1   1 
ATOM   169  C  CG2   . ILE A 1 24  ? 10.959  8.823   -4.056  1.00 37.31 ? 24  ILE A CG2   1 
ATOM   170  C  CD1   . ILE A 1 24  ? 8.017   8.853   -3.901  1.00 30.29 ? 24  ILE A CD1   1 
ATOM   171  N  N     . GLN A 1 25  ? 12.087  6.413   -6.768  1.00 33.82 ? 25  GLN A N     1 
ATOM   172  C  CA    . GLN A 1 25  ? 13.475  6.390   -7.236  1.00 33.01 ? 25  GLN A CA    1 
ATOM   173  C  C     . GLN A 1 25  ? 13.582  5.663   -8.556  1.00 31.32 ? 25  GLN A C     1 
ATOM   174  O  O     . GLN A 1 25  ? 14.679  5.396   -9.027  1.00 38.33 ? 25  GLN A O     1 
ATOM   175  C  CB    . GLN A 1 25  ? 14.407  5.705   -6.217  1.00 29.40 ? 25  GLN A CB    1 
ATOM   176  C  CG    . GLN A 1 25  ? 14.064  5.954   -4.756  1.00 36.80 ? 25  GLN A CG    1 
ATOM   177  C  CD    . GLN A 1 25  ? 15.268  6.373   -3.929  1.00 40.37 ? 25  GLN A CD    1 
ATOM   178  O  OE1   . GLN A 1 25  ? 16.301  5.705   -3.925  1.00 42.19 ? 25  GLN A OE1   1 
ATOM   179  N  NE2   . GLN A 1 25  ? 15.138  7.488   -3.216  1.00 34.75 ? 25  GLN A NE2   1 
ATOM   180  N  N     . ASN A 1 26  ? 12.457  5.148   -9.029  1.00 30.76 ? 26  ASN A N     1 
ATOM   181  C  CA    . ASN A 1 26  ? 12.413  4.498   -10.329 1.00 32.16 ? 26  ASN A CA    1 
ATOM   182  C  C     . ASN A 1 26  ? 13.460  3.386   -10.480 1.00 32.43 ? 26  ASN A C     1 
ATOM   183  O  O     . ASN A 1 26  ? 14.319  3.462   -11.343 1.00 38.73 ? 26  ASN A O     1 
ATOM   184  C  CB    . ASN A 1 26  ? 12.586  5.547   -11.436 1.00 32.28 ? 26  ASN A CB    1 
ATOM   185  C  CG    . ASN A 1 26  ? 11.917  5.144   -12.734 1.00 35.17 ? 26  ASN A CG    1 
ATOM   186  O  OD1   . ASN A 1 26  ? 10.758  5.477   -12.978 1.00 41.16 ? 26  ASN A OD1   1 
ATOM   187  N  ND2   . ASN A 1 26  ? 12.663  4.471   -13.600 1.00 45.23 ? 26  ASN A ND2   1 
ATOM   188  N  N     . HIS A 1 27  ? 13.415  2.393   -9.598  1.00 28.98 ? 27  HIS A N     1 
ATOM   189  C  CA    . HIS A 1 27  ? 14.116  1.128   -9.830  1.00 28.64 ? 27  HIS A CA    1 
ATOM   190  C  C     . HIS A 1 27  ? 13.656  0.069   -8.837  1.00 24.12 ? 27  HIS A C     1 
ATOM   191  O  O     . HIS A 1 27  ? 13.039  0.409   -7.831  1.00 18.31 ? 27  HIS A O     1 
ATOM   192  C  CB    . HIS A 1 27  ? 15.645  1.323   -9.765  1.00 36.50 ? 27  HIS A CB    1 
ATOM   193  C  CG    . HIS A 1 27  ? 16.235  1.209   -8.394  1.00 37.84 ? 27  HIS A CG    1 
ATOM   194  N  ND1   . HIS A 1 27  ? 17.046  0.144   -8.013  1.00 40.03 ? 27  HIS A ND1   1 
ATOM   195  C  CD2   . HIS A 1 27  ? 16.247  2.113   -7.367  1.00 32.28 ? 27  HIS A CD2   1 
ATOM   196  C  CE1   . HIS A 1 27  ? 17.507  0.438   -6.819  1.00 36.96 ? 27  HIS A CE1   1 
ATOM   197  N  NE2   . HIS A 1 27  ? 17.061  1.611   -6.386  1.00 34.08 ? 27  HIS A NE2   1 
ATOM   198  N  N     . PHE A 1 28  ? 13.885  -1.203  -9.174  1.00 22.00 ? 28  PHE A N     1 
ATOM   199  C  CA    . PHE A 1 28  ? 13.378  -2.338  -8.394  1.00 24.05 ? 28  PHE A CA    1 
ATOM   200  C  C     . PHE A 1 28  ? 14.396  -2.785  -7.343  1.00 27.94 ? 28  PHE A C     1 
ATOM   201  O  O     . PHE A 1 28  ? 15.537  -3.129  -7.676  1.00 31.04 ? 28  PHE A O     1 
ATOM   202  C  CB    . PHE A 1 28  ? 13.023  -3.509  -9.334  1.00 15.97 ? 28  PHE A CB    1 
ATOM   203  C  CG    . PHE A 1 28  ? 12.693  -4.800  -8.621  1.00 20.27 ? 28  PHE A CG    1 
ATOM   204  C  CD1   . PHE A 1 28  ? 11.607  -4.886  -7.752  1.00 22.77 ? 28  PHE A CD1   1 
ATOM   205  C  CD2   . PHE A 1 28  ? 13.425  -5.953  -8.873  1.00 23.44 ? 28  PHE A CD2   1 
ATOM   206  C  CE1   . PHE A 1 28  ? 11.259  -6.100  -7.161  1.00 14.64 ? 28  PHE A CE1   1 
ATOM   207  C  CE2   . PHE A 1 28  ? 13.075  -7.160  -8.287  1.00 16.53 ? 28  PHE A CE2   1 
ATOM   208  C  CZ    . PHE A 1 28  ? 11.988  -7.227  -7.431  1.00 12.32 ? 28  PHE A CZ    1 
ATOM   209  N  N     . VAL A 1 29  ? 13.979  -2.752  -6.080  1.00 32.71 ? 29  VAL A N     1 
ATOM   210  C  CA    . VAL A 1 29  ? 14.821  -3.132  -4.944  1.00 35.55 ? 29  VAL A CA    1 
ATOM   211  C  C     . VAL A 1 29  ? 14.767  -4.643  -4.742  1.00 37.51 ? 29  VAL A C     1 
ATOM   212  O  O     . VAL A 1 29  ? 13.714  -5.208  -4.451  1.00 35.21 ? 29  VAL A O     1 
ATOM   213  C  CB    . VAL A 1 29  ? 14.384  -2.374  -3.682  1.00 37.36 ? 29  VAL A CB    1 
ATOM   214  C  CG1   . VAL A 1 29  ? 14.215  -3.305  -2.479  1.00 36.67 ? 29  VAL A CG1   1 
ATOM   215  C  CG2   . VAL A 1 29  ? 15.388  -1.269  -3.363  1.00 34.52 ? 29  VAL A CG2   1 
ATOM   216  N  N     . ASP A 1 30  ? 15.872  -5.297  -5.073  1.00 38.86 ? 30  ASP A N     1 
ATOM   217  C  CA    . ASP A 1 30  ? 16.078  -6.704  -4.719  1.00 48.02 ? 30  ASP A CA    1 
ATOM   218  C  C     . ASP A 1 30  ? 16.863  -6.809  -3.411  1.00 50.29 ? 30  ASP A C     1 
ATOM   219  O  O     . ASP A 1 30  ? 17.279  -7.898  -2.998  1.00 48.97 ? 30  ASP A O     1 
ATOM   220  C  CB    . ASP A 1 30  ? 16.850  -7.424  -5.829  1.00 54.95 ? 30  ASP A CB    1 
ATOM   221  C  CG    . ASP A 1 30  ? 16.028  -8.482  -6.516  1.00 56.59 ? 30  ASP A CG    1 
ATOM   222  O  OD1   . ASP A 1 30  ? 15.185  -9.111  -5.840  1.00 62.10 ? 30  ASP A OD1   1 
ATOM   223  O  OD2   . ASP A 1 30  ? 16.228  -8.682  -7.736  1.00 55.85 ? 30  ASP A OD2   1 
ATOM   224  N  N     A GLU A 1 31  ? 17.152  -5.651  -2.828  0.50 51.45 ? 31  GLU A N     1 
ATOM   225  N  N     B GLU A 1 31  ? 16.470  -5.816  -2.511  0.50 52.96 ? 31  GLU A N     1 
ATOM   226  C  CA    A GLU A 1 31  ? 17.912  -5.550  -1.588  0.50 53.33 ? 31  GLU A CA    1 
ATOM   227  C  CA    B GLU A 1 31  ? 17.409  -5.500  -1.433  0.50 55.83 ? 31  GLU A CA    1 
ATOM   228  C  C     A GLU A 1 31  ? 16.935  -5.316  -0.431  0.50 55.84 ? 31  GLU A C     1 
ATOM   229  C  C     B GLU A 1 31  ? 16.704  -5.298  -0.087  0.50 57.33 ? 31  GLU A C     1 
ATOM   230  O  O     A GLU A 1 31  ? 15.720  -5.221  -0.645  0.50 55.25 ? 31  GLU A O     1 
ATOM   231  O  O     B GLU A 1 31  ? 15.672  -5.914  0.191   0.50 57.58 ? 31  GLU A O     1 
ATOM   232  C  CB    A GLU A 1 31  ? 18.906  -4.383  -1.680  0.50 49.34 ? 31  GLU A CB    1 
ATOM   233  C  CB    B GLU A 1 31  ? 18.209  -4.237  -1.785  0.50 55.85 ? 31  GLU A CB    1 
ATOM   234  C  CG    A GLU A 1 31  ? 19.892  -4.464  -2.849  0.50 48.82 ? 31  GLU A CG    1 
ATOM   235  C  CG    B GLU A 1 31  ? 19.446  -4.454  -2.657  0.50 57.19 ? 31  GLU A CG    1 
ATOM   236  C  CD    A GLU A 1 31  ? 19.238  -4.272  -4.214  0.50 53.03 ? 31  GLU A CD    1 
ATOM   237  C  CD    B GLU A 1 31  ? 19.121  -4.594  -4.138  0.50 58.29 ? 31  GLU A CD    1 
ATOM   238  O  OE1   A GLU A 1 31  ? 18.259  -3.498  -4.332  0.50 57.47 ? 31  GLU A OE1   1 
ATOM   239  O  OE1   B GLU A 1 31  ? 18.500  -3.679  -4.734  0.50 59.07 ? 31  GLU A OE1   1 
ATOM   240  O  OE2   A GLU A 1 31  ? 19.690  -4.919  -5.180  0.50 54.65 ? 31  GLU A OE2   1 
ATOM   241  O  OE2   B GLU A 1 31  ? 19.513  -5.629  -4.718  0.50 59.42 ? 31  GLU A OE2   1 
ATOM   242  N  N     A TYR A 1 32  ? 17.455  -5.234  0.790   0.50 56.39 ? 32  TYR A N     1 
ATOM   243  N  N     B TYR A 1 32  ? 17.278  -4.406  0.725   0.50 58.59 ? 32  TYR A N     1 
ATOM   244  C  CA    A TYR A 1 32  ? 16.602  -4.889  1.912   0.50 58.86 ? 32  TYR A CA    1 
ATOM   245  C  CA    B TYR A 1 32  ? 16.740  -3.970  2.017   0.50 60.11 ? 32  TYR A CA    1 
ATOM   246  C  C     A TYR A 1 32  ? 16.571  -3.386  2.169   0.50 59.00 ? 32  TYR A C     1 
ATOM   247  C  C     B TYR A 1 32  ? 17.021  -4.991  3.111   0.50 60.33 ? 32  TYR A C     1 
ATOM   248  O  O     A TYR A 1 32  ? 17.558  -2.794  2.610   0.50 56.75 ? 32  TYR A O     1 
ATOM   249  O  O     B TYR A 1 32  ? 18.064  -5.649  3.106   0.50 60.11 ? 32  TYR A O     1 
ATOM   250  C  CB    A TYR A 1 32  ? 17.010  -5.625  3.189   0.50 58.79 ? 32  TYR A CB    1 
ATOM   251  C  CB    B TYR A 1 32  ? 15.228  -3.709  1.939   0.50 61.51 ? 32  TYR A CB    1 
ATOM   252  C  CG    A TYR A 1 32  ? 15.943  -5.546  4.268   0.50 56.39 ? 32  TYR A CG    1 
ATOM   253  C  CG    B TYR A 1 32  ? 14.740  -2.291  2.099   0.50 62.25 ? 32  TYR A CG    1 
ATOM   254  C  CD1   A TYR A 1 32  ? 14.612  -5.818  3.978   0.50 53.07 ? 32  TYR A CD1   1 
ATOM   255  C  CD1   B TYR A 1 32  ? 14.919  -1.595  3.286   0.50 62.06 ? 32  TYR A CD1   1 
ATOM   256  C  CD2   A TYR A 1 32  ? 16.259  -5.122  5.549   0.50 57.41 ? 32  TYR A CD2   1 
ATOM   257  C  CD2   B TYR A 1 32  ? 14.068  -1.664  1.059   0.50 62.64 ? 32  TYR A CD2   1 
ATOM   258  C  CE1   A TYR A 1 32  ? 13.629  -5.651  4.934   0.50 50.94 ? 32  TYR A CE1   1 
ATOM   259  C  CE1   B TYR A 1 32  ? 14.438  -0.306  3.432   0.50 62.05 ? 32  TYR A CE1   1 
ATOM   260  C  CE2   A TYR A 1 32  ? 15.279  -4.958  6.512   0.50 55.53 ? 32  TYR A CE2   1 
ATOM   261  C  CE2   B TYR A 1 32  ? 13.582  -0.378  1.197   0.50 62.59 ? 32  TYR A CE2   1 
ATOM   262  C  CZ    A TYR A 1 32  ? 13.965  -5.214  6.198   0.50 53.82 ? 32  TYR A CZ    1 
ATOM   263  C  CZ    B TYR A 1 32  ? 13.769  0.296   2.386   0.50 62.80 ? 32  TYR A CZ    1 
ATOM   264  O  OH    A TYR A 1 32  ? 12.985  -5.007  7.144   0.50 54.21 ? 32  TYR A OH    1 
ATOM   265  O  OH    B TYR A 1 32  ? 13.281  1.575   2.526   0.50 62.66 ? 32  TYR A OH    1 
ATOM   266  N  N     A ASP A 1 33  ? 15.475  -2.774  1.731   0.50 61.02 ? 33  ASP A N     1 
ATOM   267  N  N     B ASP A 1 33  ? 15.990  -5.247  3.911   0.50 60.55 ? 33  ASP A N     1 
ATOM   268  C  CA    A ASP A 1 33  ? 15.085  -1.441  2.179   0.50 60.56 ? 33  ASP A CA    1 
ATOM   269  C  CA    B ASP A 1 33  ? 16.107  -5.834  5.240   0.50 60.39 ? 33  ASP A CA    1 
ATOM   270  C  C     A ASP A 1 33  ? 15.045  -1.450  3.703   0.50 57.81 ? 33  ASP A C     1 
ATOM   271  C  C     B ASP A 1 33  ? 14.775  -5.449  5.893   0.50 59.78 ? 33  ASP A C     1 
ATOM   272  O  O     A ASP A 1 33  ? 14.562  -2.406  4.321   0.50 56.61 ? 33  ASP A O     1 
ATOM   273  O  O     B ASP A 1 33  ? 13.773  -5.302  5.202   0.50 58.98 ? 33  ASP A O     1 
ATOM   274  C  CB    A ASP A 1 33  ? 13.701  -1.084  1.617   0.50 61.27 ? 33  ASP A CB    1 
ATOM   275  C  CB    B ASP A 1 33  ? 17.296  -5.220  5.991   0.50 61.40 ? 33  ASP A CB    1 
ATOM   276  C  CG    A ASP A 1 33  ? 13.545  0.407   1.325   0.50 62.67 ? 33  ASP A CG    1 
ATOM   277  C  CG    B ASP A 1 33  ? 18.348  -6.254  6.404   0.50 61.77 ? 33  ASP A CG    1 
ATOM   278  O  OD1   A ASP A 1 33  ? 14.489  1.037   0.792   0.50 63.94 ? 33  ASP A OD1   1 
ATOM   279  O  OD1   B ASP A 1 33  ? 18.079  -7.042  7.346   0.50 61.68 ? 33  ASP A OD1   1 
ATOM   280  O  OD2   A ASP A 1 33  ? 12.425  0.927   1.515   0.50 58.32 ? 33  ASP A OD2   1 
ATOM   281  O  OD2   B ASP A 1 33  ? 19.493  -6.189  5.885   0.50 61.74 ? 33  ASP A OD2   1 
ATOM   282  N  N     A PRO A 1 34  ? 15.588  -0.387  4.327   0.50 57.12 ? 34  PRO A N     1 
ATOM   283  N  N     B PRO A 1 34  ? 14.767  -5.192  7.222   0.50 59.66 ? 34  PRO A N     1 
ATOM   284  C  CA    A PRO A 1 34  ? 15.043  0.123   5.589   0.50 56.55 ? 34  PRO A CA    1 
ATOM   285  C  CA    B PRO A 1 34  ? 13.826  -4.236  7.826   0.50 59.30 ? 34  PRO A CA    1 
ATOM   286  C  C     A PRO A 1 34  ? 13.534  -0.005  5.585   0.50 56.18 ? 34  PRO A C     1 
ATOM   287  C  C     B PRO A 1 34  ? 13.473  -2.967  7.051   0.50 58.78 ? 34  PRO A C     1 
ATOM   288  O  O     A PRO A 1 34  ? 12.889  0.225   4.559   0.50 57.57 ? 34  PRO A O     1 
ATOM   289  O  O     B PRO A 1 34  ? 14.165  -2.564  6.101   0.50 58.28 ? 34  PRO A O     1 
ATOM   290  C  CB    A PRO A 1 34  ? 15.488  1.590   5.609   0.50 56.03 ? 34  PRO A CB    1 
ATOM   291  C  CB    B PRO A 1 34  ? 14.489  -3.911  9.170   0.50 59.54 ? 34  PRO A CB    1 
ATOM   292  C  CG    A PRO A 1 34  ? 16.257  1.824   4.313   0.50 55.62 ? 34  PRO A CG    1 
ATOM   293  C  CG    B PRO A 1 34  ? 15.267  -5.201  9.515   0.50 59.82 ? 34  PRO A CG    1 
ATOM   294  C  CD    A PRO A 1 34  ? 16.636  0.485   3.785   0.50 54.63 ? 34  PRO A CD    1 
ATOM   295  C  CD    B PRO A 1 34  ? 15.315  -6.074  8.263   0.50 59.88 ? 34  PRO A CD    1 
ATOM   296  N  N     A THR A 1 35  ? 12.970  -0.439  6.715   0.50 58.82 ? 35  THR A N     1 
ATOM   297  N  N     B THR A 1 35  ? 12.428  -2.304  7.551   0.50 58.22 ? 35  THR A N     1 
ATOM   298  C  CA    A THR A 1 35  ? 11.536  -0.665  6.803   0.50 58.70 ? 35  THR A CA    1 
ATOM   299  C  CA    B THR A 1 35  ? 11.877  -1.078  6.986   0.50 58.30 ? 35  THR A CA    1 
ATOM   300  C  C     A THR A 1 35  ? 10.967  -0.377  8.185   0.50 55.64 ? 35  THR A C     1 
ATOM   301  C  C     B THR A 1 35  ? 10.960  -0.499  8.064   0.50 57.98 ? 35  THR A C     1 
ATOM   302  O  O     A THR A 1 35  ? 10.297  -1.210  8.797   0.50 54.37 ? 35  THR A O     1 
ATOM   303  O  O     B THR A 1 35  ? 9.913   -1.067  8.367   0.50 57.52 ? 35  THR A O     1 
ATOM   304  C  CB    A THR A 1 35  ? 11.207  -2.095  6.447   0.50 60.23 ? 35  THR A CB    1 
ATOM   305  C  CB    B THR A 1 35  ? 11.026  -1.363  5.737   0.50 58.05 ? 35  THR A CB    1 
ATOM   306  O  OG1   A THR A 1 35  ? 11.822  -2.424  5.198   0.50 61.93 ? 35  THR A OG1   1 
ATOM   307  O  OG1   B THR A 1 35  ? 11.861  -1.819  4.665   0.50 57.89 ? 35  THR A OG1   1 
ATOM   308  C  CG2   A THR A 1 35  ? 9.717   -2.257  6.345   0.50 64.41 ? 35  THR A CG2   1 
ATOM   309  C  CG2   B THR A 1 35  ? 10.279  -0.115  5.312   0.50 58.31 ? 35  THR A CG2   1 
ATOM   310  N  N     A ILE A 1 36  ? 11.173  0.843   8.640   0.50 53.27 ? 36  ILE A N     1 
ATOM   311  N  N     B ILE A 1 36  ? 11.411  0.553   8.729   0.50 57.96 ? 36  ILE A N     1 
ATOM   312  C  CA    A ILE A 1 36  ? 10.674  1.250   9.935   0.50 50.53 ? 36  ILE A CA    1 
ATOM   313  C  CA    B ILE A 1 36  ? 10.672  1.093   9.854   0.50 57.57 ? 36  ILE A CA    1 
ATOM   314  C  C     A ILE A 1 36  ? 9.832   2.474   9.579   0.50 54.68 ? 36  ILE A C     1 
ATOM   315  C  C     B ILE A 1 36  ? 9.852   2.279   9.332   0.50 57.82 ? 36  ILE A C     1 
ATOM   316  O  O     A ILE A 1 36  ? 9.008   2.381   8.657   0.50 54.39 ? 36  ILE A O     1 
ATOM   317  O  O     B ILE A 1 36  ? 9.363   2.223   8.204   0.50 57.12 ? 36  ILE A O     1 
ATOM   318  C  CB    A ILE A 1 36  ? 11.849  1.493   10.894  0.50 38.16 ? 36  ILE A CB    1 
ATOM   319  C  CB    B ILE A 1 36  ? 11.647  1.489   10.998  0.50 56.47 ? 36  ILE A CB    1 
ATOM   320  C  CG1   A ILE A 1 36  ? 11.340  1.839   12.303  0.50 36.66 ? 36  ILE A CG1   1 
ATOM   321  C  CG1   B ILE A 1 36  ? 10.874  1.744   12.297  0.50 56.53 ? 36  ILE A CG1   1 
ATOM   322  C  CG2   A ILE A 1 36  ? 12.820  2.510   10.312  0.50 35.34 ? 36  ILE A CG2   1 
ATOM   323  C  CG2   B ILE A 1 36  ? 12.501  2.678   10.592  0.50 56.01 ? 36  ILE A CG2   1 
ATOM   324  C  CD1   A ILE A 1 36  ? 11.616  0.757   13.323  0.50 28.25 ? 36  ILE A CD1   1 
ATOM   325  C  CD1   B ILE A 1 36  ? 10.060  0.552   12.773  0.50 56.11 ? 36  ILE A CD1   1 
ATOM   326  N  N     . GLU A 1 37  ? 10.087  3.628   10.188  1.00 57.77 ? 37  GLU A N     1 
ATOM   327  C  CA    . GLU A 1 37  ? 9.430   4.845   9.732   1.00 58.04 ? 37  GLU A CA    1 
ATOM   328  C  C     . GLU A 1 37  ? 10.155  5.411   8.516   1.00 54.93 ? 37  GLU A C     1 
ATOM   329  O  O     . GLU A 1 37  ? 10.967  6.338   8.637   1.00 56.91 ? 37  GLU A O     1 
ATOM   330  C  CB    . GLU A 1 37  ? 9.362   5.888   10.848  1.00 60.84 ? 37  GLU A CB    1 
ATOM   331  C  CG    . GLU A 1 37  ? 7.942   6.319   11.173  1.00 61.52 ? 37  GLU A CG    1 
ATOM   332  C  CD    . GLU A 1 37  ? 7.154   5.228   11.868  1.00 65.16 ? 37  GLU A CD    1 
ATOM   333  O  OE1   . GLU A 1 37  ? 7.268   5.126   13.112  1.00 66.58 ? 37  GLU A OE1   1 
ATOM   334  O  OE2   . GLU A 1 37  ? 6.464   4.444   11.172  1.00 67.52 ? 37  GLU A OE2   1 
ATOM   335  N  N     . ASP A 1 38  ? 10.012  4.713   7.393   1.00 50.10 ? 38  ASP A N     1 
ATOM   336  C  CA    . ASP A 1 38  ? 10.528  5.183   6.119   1.00 43.06 ? 38  ASP A CA    1 
ATOM   337  C  C     . ASP A 1 38  ? 9.550   6.137   5.478   1.00 35.74 ? 38  ASP A C     1 
ATOM   338  O  O     . ASP A 1 38  ? 8.391   5.789   5.265   1.00 35.53 ? 38  ASP A O     1 
ATOM   339  C  CB    . ASP A 1 38  ? 10.774  4.016   5.179   1.00 50.55 ? 38  ASP A CB    1 
ATOM   340  C  CG    . ASP A 1 38  ? 12.157  3.468   5.311   1.00 55.36 ? 38  ASP A CG    1 
ATOM   341  O  OD1   . ASP A 1 38  ? 12.438  2.834   6.354   1.00 63.01 ? 38  ASP A OD1   1 
ATOM   342  O  OD2   . ASP A 1 38  ? 12.986  3.756   4.424   1.00 54.01 ? 38  ASP A OD2   1 
ATOM   343  N  N     . SER A 1 39  ? 9.989   7.375   5.290   1.00 29.54 ? 39  SER A N     1 
ATOM   344  C  CA    . SER A 1 39  ? 9.147   8.405   4.716   1.00 27.23 ? 39  SER A CA    1 
ATOM   345  C  C     . SER A 1 39  ? 9.775   8.899   3.429   1.00 26.59 ? 39  SER A C     1 
ATOM   346  O  O     . SER A 1 39  ? 10.982  9.128   3.363   1.00 27.25 ? 39  SER A O     1 
ATOM   347  C  CB    . SER A 1 39  ? 8.993   9.568   5.696   1.00 32.30 ? 39  SER A CB    1 
ATOM   348  O  OG    . SER A 1 39  ? 8.304   9.148   6.863   1.00 39.61 ? 39  SER A OG    1 
ATOM   349  N  N     . TYR A 1 40  ? 8.959   8.994   2.389   1.00 21.54 ? 40  TYR A N     1 
ATOM   350  C  CA    . TYR A 1 40  ? 9.393   9.576   1.136   1.00 19.36 ? 40  TYR A CA    1 
ATOM   351  C  C     . TYR A 1 40  ? 8.507   10.775  0.780   1.00 19.71 ? 40  TYR A C     1 
ATOM   352  O  O     . TYR A 1 40  ? 7.313   10.791  1.088   1.00 17.45 ? 40  TYR A O     1 
ATOM   353  C  CB    . TYR A 1 40  ? 9.358   8.516   0.036   1.00 24.75 ? 40  TYR A CB    1 
ATOM   354  C  CG    . TYR A 1 40  ? 10.142  7.273   0.401   1.00 18.46 ? 40  TYR A CG    1 
ATOM   355  C  CD1   . TYR A 1 40  ? 9.680   6.401   1.377   1.00 20.65 ? 40  TYR A CD1   1 
ATOM   356  C  CD2   . TYR A 1 40  ? 11.344  6.974   -0.227  1.00 27.44 ? 40  TYR A CD2   1 
ATOM   357  C  CE1   . TYR A 1 40  ? 10.407  5.283   1.739   1.00 28.14 ? 40  TYR A CE1   1 
ATOM   358  C  CE2   . TYR A 1 40  ? 12.083  5.864   0.134   1.00 26.78 ? 40  TYR A CE2   1 
ATOM   359  C  CZ    . TYR A 1 40  ? 11.612  5.025   1.122   1.00 28.66 ? 40  TYR A CZ    1 
ATOM   360  O  OH    . TYR A 1 40  ? 12.358  3.932   1.502   1.00 34.86 ? 40  TYR A OH    1 
ATOM   361  N  N     . ARG A 1 41  ? 9.139   11.846  0.307   1.00 17.79 ? 41  ARG A N     1 
ATOM   362  C  CA    . ARG A 1 41  ? 8.430   13.059  -0.073  1.00 17.04 ? 41  ARG A CA    1 
ATOM   363  C  C     . ARG A 1 41  ? 8.761   13.413  -1.517  1.00 20.82 ? 41  ARG A C     1 
ATOM   364  O  O     . ARG A 1 41  ? 9.933   13.511  -1.889  1.00 25.94 ? 41  ARG A O     1 
ATOM   365  C  CB    . ARG A 1 41  ? 8.841   14.220  0.832   1.00 21.47 ? 41  ARG A CB    1 
ATOM   366  C  CG    . ARG A 1 41  ? 8.337   14.137  2.255   1.00 18.94 ? 41  ARG A CG    1 
ATOM   367  C  CD    . ARG A 1 41  ? 8.468   15.481  2.941   1.00 25.75 ? 41  ARG A CD    1 
ATOM   368  N  NE    . ARG A 1 41  ? 7.175   15.989  3.384   1.00 23.70 ? 41  ARG A NE    1 
ATOM   369  C  CZ    . ARG A 1 41  ? 6.807   17.263  3.338   1.00 24.29 ? 41  ARG A CZ    1 
ATOM   370  N  NH1   . ARG A 1 41  ? 7.620   18.178  2.845   1.00 29.41 ? 41  ARG A NH1   1 
ATOM   371  N  NH2   . ARG A 1 41  ? 5.598   17.615  3.749   1.00 33.34 ? 41  ARG A NH2   1 
ATOM   372  N  N     . LYS A 1 42  ? 7.726   13.653  -2.313  1.00 19.29 ? 42  LYS A N     1 
ATOM   373  C  CA    . LYS A 1 42  ? 7.893   13.909  -3.735  1.00 23.77 ? 42  LYS A CA    1 
ATOM   374  C  C     . LYS A 1 42  ? 6.846   14.911  -4.216  1.00 26.28 ? 42  LYS A C     1 
ATOM   375  O  O     . LYS A 1 42  ? 5.697   14.879  -3.762  1.00 21.89 ? 42  LYS A O     1 
ATOM   376  C  CB    . LYS A 1 42  ? 7.775   12.592  -4.516  1.00 29.61 ? 42  LYS A CB    1 
ATOM   377  C  CG    . LYS A 1 42  ? 8.298   12.641  -5.957  1.00 33.07 ? 42  LYS A CG    1 
ATOM   378  C  CD    . LYS A 1 42  ? 9.754   12.232  -6.044  1.00 33.58 ? 42  LYS A CD    1 
ATOM   379  C  CE    . LYS A 1 42  ? 10.322  12.526  -7.419  1.00 33.08 ? 42  LYS A CE    1 
ATOM   380  N  NZ    . LYS A 1 42  ? 11.796  12.692  -7.344  1.00 33.63 ? 42  LYS A NZ    1 
ATOM   381  N  N     . GLN A 1 43  ? 7.304   15.924  -4.946  1.00 18.44 ? 43  GLN A N     1 
ATOM   382  C  CA    . GLN A 1 43  ? 6.399   16.807  -5.658  1.00 22.98 ? 43  GLN A CA    1 
ATOM   383  C  C     . GLN A 1 43  ? 6.001   16.052  -6.901  1.00 22.73 ? 43  GLN A C     1 
ATOM   384  O  O     . GLN A 1 43  ? 6.862   15.565  -7.620  1.00 28.86 ? 43  GLN A O     1 
ATOM   385  C  CB    . GLN A 1 43  ? 7.118   18.099  -6.050  1.00 27.71 ? 43  GLN A CB    1 
ATOM   386  C  CG    . GLN A 1 43  ? 6.328   19.067  -6.923  1.00 40.68 ? 43  GLN A CG    1 
ATOM   387  C  CD    . GLN A 1 43  ? 6.419   18.797  -8.441  1.00 41.12 ? 43  GLN A CD    1 
ATOM   388  O  OE1   . GLN A 1 43  ? 5.417   18.874  -9.144  1.00 47.62 ? 43  GLN A OE1   1 
ATOM   389  N  NE2   . GLN A 1 43  ? 7.623   18.535  -8.944  1.00 33.58 ? 43  GLN A NE2   1 
ATOM   390  N  N     . VAL A 1 44  ? 4.707   15.888  -7.131  1.00 23.09 ? 44  VAL A N     1 
ATOM   391  C  CA    . VAL A 1 44  ? 4.257   15.276  -8.376  1.00 20.40 ? 44  VAL A CA    1 
ATOM   392  C  C     . VAL A 1 44  ? 3.104   16.095  -8.928  1.00 21.04 ? 44  VAL A C     1 
ATOM   393  O  O     . VAL A 1 44  ? 2.622   17.008  -8.247  1.00 27.05 ? 44  VAL A O     1 
ATOM   394  C  CB    . VAL A 1 44  ? 3.797   13.833  -8.161  1.00 11.76 ? 44  VAL A CB    1 
ATOM   395  C  CG1   . VAL A 1 44  ? 4.980   12.952  -7.813  1.00 16.54 ? 44  VAL A CG1   1 
ATOM   396  C  CG2   . VAL A 1 44  ? 2.751   13.779  -7.078  1.00 16.03 ? 44  VAL A CG2   1 
ATOM   397  N  N     . VAL A 1 45  ? 2.770   15.864  -10.200 1.00 20.36 ? 45  VAL A N     1 
ATOM   398  C  CA    . VAL A 1 45  ? 1.582   16.456  -10.839 1.00 18.78 ? 45  VAL A CA    1 
ATOM   399  C  C     . VAL A 1 45  ? 0.640   15.315  -11.204 1.00 16.18 ? 45  VAL A C     1 
ATOM   400  O  O     . VAL A 1 45  ? 1.020   14.404  -11.953 1.00 14.01 ? 45  VAL A O     1 
ATOM   401  C  CB    . VAL A 1 45  ? 1.921   17.231  -12.157 1.00 22.85 ? 45  VAL A CB    1 
ATOM   402  C  CG1   . VAL A 1 45  ? 0.748   18.126  -12.549 1.00 15.72 ? 45  VAL A CG1   1 
ATOM   403  C  CG2   . VAL A 1 45  ? 3.196   18.048  -12.005 1.00 25.08 ? 45  VAL A CG2   1 
ATOM   404  N  N     . ILE A 1 46  ? -0.526  15.288  -10.568 1.00 10.48 ? 46  ILE A N     1 
ATOM   405  C  CA    . ILE A 1 46  ? -1.487  14.195  -10.762 1.00 11.06 ? 46  ILE A CA    1 
ATOM   406  C  C     . ILE A 1 46  ? -2.729  14.842  -11.341 1.00 12.82 ? 46  ILE A C     1 
ATOM   407  O  O     . ILE A 1 46  ? -3.235  15.800  -10.775 1.00 18.21 ? 46  ILE A O     1 
ATOM   408  C  CB    . ILE A 1 46  ? -1.779  13.477  -9.430  1.00 14.16 ? 46  ILE A CB    1 
ATOM   409  C  CG1   . ILE A 1 46  ? -0.526  12.738  -8.969  1.00 9.96  ? 46  ILE A CG1   1 
ATOM   410  C  CG2   . ILE A 1 46  ? -2.922  12.447  -9.541  1.00 5.83  ? 46  ILE A CG2   1 
ATOM   411  C  CD1   . ILE A 1 46  ? -0.699  12.069  -7.617  1.00 6.39  ? 46  ILE A CD1   1 
ATOM   412  N  N     . ASP A 1 47  ? -3.125  14.421  -12.536 1.00 13.57 ? 47  ASP A N     1 
ATOM   413  C  CA    . ASP A 1 47  ? -4.247  15.039  -13.253 1.00 14.17 ? 47  ASP A CA    1 
ATOM   414  C  C     . ASP A 1 47  ? -4.224  16.562  -13.231 1.00 14.97 ? 47  ASP A C     1 
ATOM   415  O  O     . ASP A 1 47  ? -5.261  17.198  -13.035 1.00 15.53 ? 47  ASP A O     1 
ATOM   416  C  CB    . ASP A 1 47  ? -5.589  14.562  -12.693 1.00 11.69 ? 47  ASP A CB    1 
ATOM   417  C  CG    . ASP A 1 47  ? -5.652  13.066  -12.543 1.00 15.64 ? 47  ASP A CG    1 
ATOM   418  O  OD1   . ASP A 1 47  ? -5.260  12.356  -13.494 1.00 14.32 ? 47  ASP A OD1   1 
ATOM   419  O  OD2   . ASP A 1 47  ? -6.025  12.598  -11.448 1.00 16.63 ? 47  ASP A OD2   1 
ATOM   420  N  N     . GLY A 1 48  ? -3.030  17.129  -13.371 1.00 13.51 ? 48  GLY A N     1 
ATOM   421  C  CA    . GLY A 1 48  ? -2.892  18.565  -13.544 1.00 17.63 ? 48  GLY A CA    1 
ATOM   422  C  C     . GLY A 1 48  ? -2.816  19.344  -12.249 1.00 15.33 ? 48  GLY A C     1 
ATOM   423  O  O     . GLY A 1 48  ? -2.734  20.573  -12.265 1.00 21.09 ? 48  GLY A O     1 
ATOM   424  N  N     . GLU A 1 49  ? -2.903  18.639  -11.127 1.00 13.09 ? 49  GLU A N     1 
ATOM   425  C  CA    . GLU A 1 49  ? -2.786  19.259  -9.819  1.00 16.12 ? 49  GLU A CA    1 
ATOM   426  C  C     . GLU A 1 49  ? -1.336  19.045  -9.382  1.00 20.23 ? 49  GLU A C     1 
ATOM   427  O  O     . GLU A 1 49  ? -0.762  18.000  -9.673  1.00 17.79 ? 49  GLU A O     1 
ATOM   428  C  CB    . GLU A 1 49  ? -3.768  18.576  -8.858  1.00 20.54 ? 49  GLU A CB    1 
ATOM   429  C  CG    . GLU A 1 49  ? -3.877  19.192  -7.466  1.00 23.48 ? 49  GLU A CG    1 
ATOM   430  C  CD    . GLU A 1 49  ? -4.769  18.361  -6.543  1.00 29.57 ? 49  GLU A CD    1 
ATOM   431  O  OE1   . GLU A 1 49  ? -4.283  17.333  -6.013  1.00 22.76 ? 49  GLU A OE1   1 
ATOM   432  O  OE2   . GLU A 1 49  ? -5.969  18.706  -6.375  1.00 32.70 ? 49  GLU A OE2   1 
ATOM   433  N  N     . THR A 1 50  ? -0.678  20.114  -8.923  1.00 24.14 ? 50  THR A N     1 
ATOM   434  C  CA    . THR A 1 50  ? 0.655   19.995  -8.329  1.00 18.73 ? 50  THR A CA    1 
ATOM   435  C  C     . THR A 1 50  ? 0.436   19.647  -6.878  1.00 13.46 ? 50  THR A C     1 
ATOM   436  O  O     . THR A 1 50  ? -0.344  20.309  -6.205  1.00 20.12 ? 50  THR A O     1 
ATOM   437  C  CB    . THR A 1 50  ? 1.438   21.318  -8.390  1.00 20.67 ? 50  THR A CB    1 
ATOM   438  O  OG1   . THR A 1 50  ? 0.524   22.408  -8.275  1.00 30.41 ? 50  THR A OG1   1 
ATOM   439  C  CG2   . THR A 1 50  ? 2.213   21.427  -9.699  1.00 25.20 ? 50  THR A CG2   1 
ATOM   440  N  N     . CYS A 1 51  ? 1.022   18.550  -6.426  1.00 11.09 ? 51  CYS A N     1 
ATOM   441  C  CA    . CYS A 1 51  ? 0.776   18.078  -5.076  1.00 16.93 ? 51  CYS A CA    1 
ATOM   442  C  C     . CYS A 1 51  ? 1.991   17.337  -4.511  1.00 21.27 ? 51  CYS A C     1 
ATOM   443  O  O     . CYS A 1 51  ? 2.935   16.978  -5.245  1.00 22.17 ? 51  CYS A O     1 
ATOM   444  C  CB    . CYS A 1 51  ? -0.470  17.176  -5.044  1.00 19.06 ? 51  CYS A CB    1 
ATOM   445  S  SG    . CYS A 1 51  ? -0.362  15.621  -5.981  1.00 21.79 ? 51  CYS A SG    1 
ATOM   446  N  N     . LEU A 1 52  ? 1.991   17.186  -3.189  1.00 19.90 ? 52  LEU A N     1 
ATOM   447  C  CA    . LEU A 1 52  ? 3.118   16.625  -2.455  1.00 23.72 ? 52  LEU A CA    1 
ATOM   448  C  C     . LEU A 1 52  ? 2.688   15.255  -1.936  1.00 18.92 ? 52  LEU A C     1 
ATOM   449  O  O     . LEU A 1 52  ? 1.706   15.136  -1.193  1.00 21.64 ? 52  LEU A O     1 
ATOM   450  C  CB    . LEU A 1 52  ? 3.479   17.561  -1.286  1.00 27.17 ? 52  LEU A CB    1 
ATOM   451  C  CG    . LEU A 1 52  ? 4.805   17.467  -0.517  1.00 27.91 ? 52  LEU A CG    1 
ATOM   452  C  CD1   . LEU A 1 52  ? 4.730   16.387  0.551   1.00 28.25 ? 52  LEU A CD1   1 
ATOM   453  C  CD2   . LEU A 1 52  ? 5.950   17.201  -1.491  1.00 29.33 ? 52  LEU A CD2   1 
ATOM   454  N  N     . LEU A 1 53  ? 3.400   14.222  -2.365  1.00 18.98 ? 53  LEU A N     1 
ATOM   455  C  CA    . LEU A 1 53  ? 3.187   12.882  -1.857  1.00 14.60 ? 53  LEU A CA    1 
ATOM   456  C  C     . LEU A 1 53  ? 4.119   12.642  -0.688  1.00 15.67 ? 53  LEU A C     1 
ATOM   457  O  O     . LEU A 1 53  ? 5.332   12.787  -0.815  1.00 11.16 ? 53  LEU A O     1 
ATOM   458  C  CB    . LEU A 1 53  ? 3.457   11.836  -2.950  1.00 19.01 ? 53  LEU A CB    1 
ATOM   459  C  CG    . LEU A 1 53  ? 2.520   11.725  -4.171  1.00 19.26 ? 53  LEU A CG    1 
ATOM   460  C  CD1   . LEU A 1 53  ? 2.840   10.423  -4.892  1.00 24.42 ? 53  LEU A CD1   1 
ATOM   461  C  CD2   . LEU A 1 53  ? 1.044   11.755  -3.774  1.00 15.53 ? 53  LEU A CD2   1 
ATOM   462  N  N     . ASP A 1 54  ? 3.528   12.409  0.473   1.00 15.26 ? 54  ASP A N     1 
ATOM   463  C  CA    . ASP A 1 54  ? 4.285   12.054  1.648   1.00 18.01 ? 54  ASP A CA    1 
ATOM   464  C  C     . ASP A 1 54  ? 3.873   10.655  2.051   1.00 13.89 ? 54  ASP A C     1 
ATOM   465  O  O     . ASP A 1 54  ? 2.810   10.461  2.642   1.00 15.90 ? 54  ASP A O     1 
ATOM   466  C  CB    . ASP A 1 54  ? 3.989   13.024  2.785   1.00 23.91 ? 54  ASP A CB    1 
ATOM   467  C  CG    . ASP A 1 54  ? 4.825   12.736  4.009   1.00 21.06 ? 54  ASP A CG    1 
ATOM   468  O  OD1   . ASP A 1 54  ? 4.679   11.630  4.562   1.00 33.79 ? 54  ASP A OD1   1 
ATOM   469  O  OD2   . ASP A 1 54  ? 5.686   13.563  4.369   1.00 30.10 ? 54  ASP A OD2   1 
ATOM   470  N  N     . ILE A 1 55  ? 4.724   9.685   1.745   1.00 14.79 ? 55  ILE A N     1 
ATOM   471  C  CA    . ILE A 1 55  ? 4.380   8.289   1.959   1.00 19.60 ? 55  ILE A CA    1 
ATOM   472  C  C     . ILE A 1 55  ? 5.178   7.669   3.097   1.00 16.19 ? 55  ILE A C     1 
ATOM   473  O  O     . ILE A 1 55  ? 6.400   7.789   3.154   1.00 12.96 ? 55  ILE A O     1 
ATOM   474  C  CB    . ILE A 1 55  ? 4.612   7.446   0.682   1.00 24.87 ? 55  ILE A CB    1 
ATOM   475  C  CG1   . ILE A 1 55  ? 3.830   8.049   -0.492  1.00 21.78 ? 55  ILE A CG1   1 
ATOM   476  C  CG2   . ILE A 1 55  ? 4.214   5.978   0.933   1.00 22.86 ? 55  ILE A CG2   1 
ATOM   477  C  CD1   . ILE A 1 55  ? 4.652   8.132   -1.773  1.00 22.97 ? 55  ILE A CD1   1 
ATOM   478  N  N     . LEU A 1 56  ? 4.469   6.943   3.950   1.00 16.16 ? 56  LEU A N     1 
ATOM   479  C  CA    . LEU A 1 56  ? 5.074   6.118   4.977   1.00 15.89 ? 56  LEU A CA    1 
ATOM   480  C  C     . LEU A 1 56  ? 5.104   4.672   4.525   1.00 15.51 ? 56  LEU A C     1 
ATOM   481  O  O     . LEU A 1 56  ? 4.058   4.039   4.359   1.00 15.48 ? 56  LEU A O     1 
ATOM   482  C  CB    . LEU A 1 56  ? 4.275   6.219   6.280   1.00 17.62 ? 56  LEU A CB    1 
ATOM   483  C  CG    . LEU A 1 56  ? 4.822   5.344   7.405   1.00 23.94 ? 56  LEU A CG    1 
ATOM   484  C  CD1   . LEU A 1 56  ? 6.222   5.805   7.776   1.00 20.13 ? 56  LEU A CD1   1 
ATOM   485  C  CD2   . LEU A 1 56  ? 3.888   5.424   8.590   1.00 15.74 ? 56  LEU A CD2   1 
ATOM   486  N  N     . ASP A 1 57  ? 6.309   4.154   4.360   1.00 11.59 ? 57  ASP A N     1 
ATOM   487  C  CA    . ASP A 1 57  ? 6.527   2.772   3.992   1.00 5.21  ? 57  ASP A CA    1 
ATOM   488  C  C     . ASP A 1 57  ? 6.737   2.006   5.292   1.00 14.58 ? 57  ASP A C     1 
ATOM   489  O  O     . ASP A 1 57  ? 7.724   2.225   6.001   1.00 13.08 ? 57  ASP A O     1 
ATOM   490  C  CB    . ASP A 1 57  ? 7.763   2.716   3.107   1.00 7.11  ? 57  ASP A CB    1 
ATOM   491  C  CG    . ASP A 1 57  ? 8.253   1.313   2.858   1.00 17.25 ? 57  ASP A CG    1 
ATOM   492  O  OD1   . ASP A 1 57  ? 7.456   0.350   2.916   1.00 13.26 ? 57  ASP A OD1   1 
ATOM   493  O  OD2   . ASP A 1 57  ? 9.456   1.189   2.566   1.00 24.20 ? 57  ASP A OD2   1 
ATOM   494  N  N     . THR A 1 58  ? 5.778   1.159   5.648   1.00 13.06 ? 58  THR A N     1 
ATOM   495  C  CA    . THR A 1 58  ? 5.747   0.594   6.990   1.00 15.69 ? 58  THR A CA    1 
ATOM   496  C  C     . THR A 1 58  ? 6.413   -0.788  7.098   1.00 22.29 ? 58  THR A C     1 
ATOM   497  O  O     . THR A 1 58  ? 6.638   -1.472  6.089   1.00 20.82 ? 58  THR A O     1 
ATOM   498  C  CB    . THR A 1 58  ? 4.291   0.538   7.539   1.00 10.09 ? 58  THR A CB    1 
ATOM   499  O  OG1   . THR A 1 58  ? 3.565   -0.527  6.918   1.00 22.35 ? 58  THR A OG1   1 
ATOM   500  C  CG2   . THR A 1 58  ? 3.561   1.839   7.251   1.00 10.32 ? 58  THR A CG2   1 
ATOM   501  N  N     . ALA A 1 59  ? 6.785   -1.162  8.323   1.00 27.14 ? 59  ALA A N     1 
ATOM   502  C  CA    . ALA A 1 59  ? 7.209   -2.528  8.639   1.00 31.16 ? 59  ALA A CA    1 
ATOM   503  C  C     . ALA A 1 59  ? 6.028   -3.501  8.657   1.00 37.55 ? 59  ALA A C     1 
ATOM   504  O  O     . ALA A 1 59  ? 4.900   -3.116  8.969   1.00 39.09 ? 59  ALA A O     1 
ATOM   505  C  CB    . ALA A 1 59  ? 7.914   -2.547  9.971   1.00 32.21 ? 59  ALA A CB    1 
ATOM   506  N  N     . GLY A 1 60  ? 6.291   -4.763  8.318   1.00 42.47 ? 60  GLY A N     1 
ATOM   507  C  CA    . GLY A 1 60  ? 5.228   -5.754  8.260   1.00 49.69 ? 60  GLY A CA    1 
ATOM   508  C  C     . GLY A 1 60  ? 4.854   -6.402  9.585   1.00 55.52 ? 60  GLY A C     1 
ATOM   509  O  O     . GLY A 1 60  ? 3.760   -6.167  10.105  1.00 50.81 ? 60  GLY A O     1 
ATOM   510  N  N     . GLN A 1 61  ? 5.758   -7.240  10.100  1.00 62.53 ? 61  GLN A N     1 
ATOM   511  C  CA    . GLN A 1 61  ? 5.525   -8.063  11.295  1.00 66.54 ? 61  GLN A CA    1 
ATOM   512  C  C     . GLN A 1 61  ? 4.862   -7.287  12.439  1.00 69.62 ? 61  GLN A C     1 
ATOM   513  O  O     . GLN A 1 61  ? 5.021   -6.065  12.543  1.00 70.00 ? 61  GLN A O     1 
ATOM   514  C  CB    . GLN A 1 61  ? 6.853   -8.659  11.787  1.00 66.02 ? 61  GLN A CB    1 
ATOM   515  C  CG    . GLN A 1 61  ? 6.764   -10.139 12.156  1.00 65.68 ? 61  GLN A CG    1 
ATOM   516  C  CD    . GLN A 1 61  ? 7.965   -10.632 12.944  1.00 67.26 ? 61  GLN A CD    1 
ATOM   517  O  OE1   . GLN A 1 61  ? 8.091   -10.358 14.138  1.00 69.84 ? 61  GLN A OE1   1 
ATOM   518  N  NE2   . GLN A 1 61  ? 8.885   -11.313 12.263  1.00 62.30 ? 61  GLN A NE2   1 
ATOM   519  N  N     . GLU A 1 62  ? 4.140   -7.995  13.308  1.00 69.45 ? 62  GLU A N     1 
ATOM   520  C  CA    . GLU A 1 62  ? 3.354   -7.315  14.334  1.00 68.56 ? 62  GLU A CA    1 
ATOM   521  C  C     . GLU A 1 62  ? 4.060   -7.057  15.650  1.00 65.90 ? 62  GLU A C     1 
ATOM   522  O  O     . GLU A 1 62  ? 3.455   -7.085  16.721  1.00 61.35 ? 62  GLU A O     1 
ATOM   523  C  CB    . GLU A 1 62  ? 2.022   -8.021  14.576  1.00 70.00 ? 62  GLU A CB    1 
ATOM   524  C  CG    . GLU A 1 62  ? 0.816   -7.077  14.403  1.00 70.00 ? 62  GLU A CG    1 
ATOM   525  C  CD    . GLU A 1 62  ? 1.081   -5.654  14.919  1.00 70.00 ? 62  GLU A CD    1 
ATOM   526  O  OE1   . GLU A 1 62  ? 1.664   -4.836  14.180  1.00 64.70 ? 62  GLU A OE1   1 
ATOM   527  O  OE2   . GLU A 1 62  ? 0.699   -5.341  16.064  1.00 70.00 ? 62  GLU A OE2   1 
ATOM   528  N  N     . GLU A 1 63  ? 5.332   -6.712  15.551  1.00 64.64 ? 63  GLU A N     1 
ATOM   529  C  CA    . GLU A 1 63  ? 5.991   -5.987  16.618  1.00 64.63 ? 63  GLU A CA    1 
ATOM   530  C  C     . GLU A 1 63  ? 5.505   -4.537  16.564  1.00 64.18 ? 63  GLU A C     1 
ATOM   531  O  O     . GLU A 1 63  ? 5.665   -3.777  17.523  1.00 67.70 ? 63  GLU A O     1 
ATOM   532  C  CB    . GLU A 1 63  ? 7.518   -6.055  16.460  1.00 65.83 ? 63  GLU A CB    1 
ATOM   533  C  CG    . GLU A 1 63  ? 8.021   -6.606  15.120  1.00 61.59 ? 63  GLU A CG    1 
ATOM   534  C  CD    . GLU A 1 63  ? 8.132   -5.546  14.041  1.00 57.59 ? 63  GLU A CD    1 
ATOM   535  O  OE1   . GLU A 1 63  ? 7.094   -5.028  13.579  1.00 54.60 ? 63  GLU A OE1   1 
ATOM   536  O  OE2   . GLU A 1 63  ? 9.269   -5.237  13.633  1.00 57.56 ? 63  GLU A OE2   1 
ATOM   537  N  N     . TYR A 1 64  ? 4.839   -4.199  15.464  1.00 61.27 ? 64  TYR A N     1 
ATOM   538  C  CA    . TYR A 1 64  ? 4.284   -2.870  15.226  1.00 60.11 ? 64  TYR A CA    1 
ATOM   539  C  C     . TYR A 1 64  ? 3.023   -2.555  16.055  1.00 60.92 ? 64  TYR A C     1 
ATOM   540  O  O     . TYR A 1 64  ? 2.194   -1.750  15.634  1.00 65.73 ? 64  TYR A O     1 
ATOM   541  C  CB    . TYR A 1 64  ? 3.949   -2.751  13.739  1.00 58.03 ? 64  TYR A CB    1 
ATOM   542  C  CG    . TYR A 1 64  ? 4.743   -1.714  12.979  1.00 56.07 ? 64  TYR A CG    1 
ATOM   543  C  CD1   . TYR A 1 64  ? 5.717   -0.954  13.609  1.00 54.01 ? 64  TYR A CD1   1 
ATOM   544  C  CD2   . TYR A 1 64  ? 4.511   -1.499  11.631  1.00 53.59 ? 64  TYR A CD2   1 
ATOM   545  C  CE1   . TYR A 1 64  ? 6.438   -0.008  12.917  1.00 56.36 ? 64  TYR A CE1   1 
ATOM   546  C  CE2   . TYR A 1 64  ? 5.217   -0.552  10.933  1.00 50.00 ? 64  TYR A CE2   1 
ATOM   547  C  CZ    . TYR A 1 64  ? 6.184   0.195   11.573  1.00 54.71 ? 64  TYR A CZ    1 
ATOM   548  O  OH    . TYR A 1 64  ? 6.884   1.157   10.872  1.00 52.44 ? 64  TYR A OH    1 
ATOM   549  N  N     . SER A 1 65  ? 3.005   -2.986  17.309  1.00 61.28 ? 65  SER A N     1 
ATOM   550  C  CA    . SER A 1 65  ? 1.766   -3.084  18.093  1.00 60.17 ? 65  SER A CA    1 
ATOM   551  C  C     . SER A 1 65  ? 0.834   -1.856  18.024  1.00 58.28 ? 65  SER A C     1 
ATOM   552  O  O     . SER A 1 65  ? -0.116  -1.822  17.240  1.00 53.60 ? 65  SER A O     1 
ATOM   553  C  CB    . SER A 1 65  ? 2.103   -3.423  19.557  1.00 63.86 ? 65  SER A CB    1 
ATOM   554  O  OG    . SER A 1 65  ? 3.318   -2.810  19.974  1.00 61.77 ? 65  SER A OG    1 
ATOM   555  N  N     . ALA A 1 66  ? 1.105   -0.860  18.861  1.00 56.72 ? 66  ALA A N     1 
ATOM   556  C  CA    . ALA A 1 66  ? 0.315   0.367   18.883  1.00 54.26 ? 66  ALA A CA    1 
ATOM   557  C  C     . ALA A 1 66  ? 1.058   1.510   18.191  1.00 50.89 ? 66  ALA A C     1 
ATOM   558  O  O     . ALA A 1 66  ? 0.551   2.636   18.114  1.00 45.34 ? 66  ALA A O     1 
ATOM   559  C  CB    . ALA A 1 66  ? -0.016  0.751   20.323  1.00 57.92 ? 66  ALA A CB    1 
ATOM   560  N  N     . MET A 1 67  ? 2.269   1.218   17.710  1.00 46.73 ? 67  MET A N     1 
ATOM   561  C  CA    . MET A 1 67  ? 2.989   2.140   16.835  1.00 41.38 ? 67  MET A CA    1 
ATOM   562  C  C     . MET A 1 67  ? 2.321   2.180   15.465  1.00 38.95 ? 67  MET A C     1 
ATOM   563  O  O     . MET A 1 67  ? 2.601   3.076   14.662  1.00 37.77 ? 67  MET A O     1 
ATOM   564  C  CB    . MET A 1 67  ? 4.449   1.719   16.678  1.00 48.10 ? 67  MET A CB    1 
ATOM   565  C  CG    . MET A 1 67  ? 5.331   2.016   17.885  1.00 51.51 ? 67  MET A CG    1 
ATOM   566  S  SD    . MET A 1 67  ? 5.574   0.572   18.958  1.00 52.97 ? 67  MET A SD    1 
ATOM   567  C  CE    . MET A 1 67  ? 4.447   0.931   20.341  1.00 46.21 ? 67  MET A CE    1 
ATOM   568  N  N     . ARG A 1 68  ? 1.449   1.201   15.206  1.00 31.91 ? 68  ARG A N     1 
ATOM   569  C  CA    . ARG A 1 68  ? 0.568   1.233   14.046  1.00 24.25 ? 68  ARG A CA    1 
ATOM   570  C  C     . ARG A 1 68  ? -0.468  2.305   14.263  1.00 24.34 ? 68  ARG A C     1 
ATOM   571  O  O     . ARG A 1 68  ? -0.645  3.178   13.418  1.00 22.87 ? 68  ARG A O     1 
ATOM   572  C  CB    . ARG A 1 68  ? -0.126  -0.114  13.832  1.00 20.65 ? 68  ARG A CB    1 
ATOM   573  C  CG    . ARG A 1 68  ? 0.788   -1.168  13.254  1.00 31.99 ? 68  ARG A CG    1 
ATOM   574  C  CD    . ARG A 1 68  ? 0.167   -1.940  12.104  1.00 43.04 ? 68  ARG A CD    1 
ATOM   575  N  NE    . ARG A 1 68  ? 0.489   -3.368  12.166  1.00 51.10 ? 68  ARG A NE    1 
ATOM   576  C  CZ    . ARG A 1 68  ? 1.382   -3.990  11.394  1.00 50.98 ? 68  ARG A CZ    1 
ATOM   577  N  NH1   . ARG A 1 68  ? 2.211   -3.304  10.617  1.00 57.81 ? 68  ARG A NH1   1 
ATOM   578  N  NH2   . ARG A 1 68  ? 1.513   -5.305  11.481  1.00 50.61 ? 68  ARG A NH2   1 
ATOM   579  N  N     . ASP A 1 69  ? -1.055  2.309   15.454  1.00 24.79 ? 69  ASP A N     1 
ATOM   580  C  CA    . ASP A 1 69  ? -2.155  3.208   15.758  1.00 25.50 ? 69  ASP A CA    1 
ATOM   581  C  C     . ASP A 1 69  ? -1.744  4.640   15.483  1.00 28.20 ? 69  ASP A C     1 
ATOM   582  O  O     . ASP A 1 69  ? -2.500  5.406   14.879  1.00 28.41 ? 69  ASP A O     1 
ATOM   583  C  CB    . ASP A 1 69  ? -2.575  3.050   17.222  1.00 34.29 ? 69  ASP A CB    1 
ATOM   584  C  CG    . ASP A 1 69  ? -3.438  1.822   17.458  1.00 39.27 ? 69  ASP A CG    1 
ATOM   585  O  OD1   . ASP A 1 69  ? -3.102  0.735   16.927  1.00 45.43 ? 69  ASP A OD1   1 
ATOM   586  O  OD2   . ASP A 1 69  ? -4.444  1.935   18.195  1.00 40.21 ? 69  ASP A OD2   1 
ATOM   587  N  N     . GLN A 1 70  ? -0.493  4.948   15.828  1.00 26.90 ? 70  GLN A N     1 
ATOM   588  C  CA    . GLN A 1 70  ? 0.095   6.271   15.622  1.00 28.78 ? 70  GLN A CA    1 
ATOM   589  C  C     . GLN A 1 70  ? 0.060   6.678   14.150  1.00 26.63 ? 70  GLN A C     1 
ATOM   590  O  O     . GLN A 1 70  ? -0.556  7.686   13.780  1.00 30.13 ? 70  GLN A O     1 
ATOM   591  C  CB    . GLN A 1 70  ? 1.553   6.300   16.130  1.00 31.12 ? 70  GLN A CB    1 
ATOM   592  C  CG    . GLN A 1 70  ? 1.843   7.413   17.136  1.00 35.91 ? 70  GLN A CG    1 
ATOM   593  C  CD    . GLN A 1 70  ? 3.308   7.861   17.138  1.00 34.75 ? 70  GLN A CD    1 
ATOM   594  O  OE1   . GLN A 1 70  ? 4.227   7.055   17.296  1.00 27.81 ? 70  GLN A OE1   1 
ATOM   595  N  NE2   . GLN A 1 70  ? 3.516   9.171   17.048  1.00 30.68 ? 70  GLN A NE2   1 
ATOM   596  N  N     . TYR A 1 71  ? 0.697   5.877   13.305  1.00 26.56 ? 71  TYR A N     1 
ATOM   597  C  CA    . TYR A 1 71  ? 0.801   6.245   11.911  1.00 20.48 ? 71  TYR A CA    1 
ATOM   598  C  C     . TYR A 1 71  ? -0.494  6.009   11.126  1.00 19.52 ? 71  TYR A C     1 
ATOM   599  O  O     . TYR A 1 71  ? -0.727  6.664   10.111  1.00 21.33 ? 71  TYR A O     1 
ATOM   600  C  CB    . TYR A 1 71  ? 2.004   5.550   11.265  1.00 23.46 ? 71  TYR A CB    1 
ATOM   601  C  CG    . TYR A 1 71  ? 1.929   4.067   11.010  1.00 25.31 ? 71  TYR A CG    1 
ATOM   602  C  CD1   . TYR A 1 71  ? 0.957   3.522   10.186  1.00 26.50 ? 71  TYR A CD1   1 
ATOM   603  C  CD2   . TYR A 1 71  ? 2.868   3.218   11.580  1.00 23.87 ? 71  TYR A CD2   1 
ATOM   604  C  CE1   . TYR A 1 71  ? 0.921   2.162   9.935   1.00 24.69 ? 71  TYR A CE1   1 
ATOM   605  C  CE2   . TYR A 1 71  ? 2.841   1.860   11.335  1.00 30.14 ? 71  TYR A CE2   1 
ATOM   606  C  CZ    . TYR A 1 71  ? 1.867   1.337   10.512  1.00 29.63 ? 71  TYR A CZ    1 
ATOM   607  O  OH    . TYR A 1 71  ? 1.841   -0.016  10.264  1.00 34.93 ? 71  TYR A OH    1 
ATOM   608  N  N     . MET A 1 72  ? -1.399  5.201   11.665  1.00 15.60 ? 72  MET A N     1 
ATOM   609  C  CA    . MET A 1 72  ? -2.710  5.035   11.052  1.00 17.44 ? 72  MET A CA    1 
ATOM   610  C  C     . MET A 1 72  ? -3.629  6.211   11.332  1.00 20.87 ? 72  MET A C     1 
ATOM   611  O  O     . MET A 1 72  ? -4.469  6.559   10.498  1.00 21.39 ? 72  MET A O     1 
ATOM   612  C  CB    . MET A 1 72  ? -3.368  3.758   11.540  1.00 20.40 ? 72  MET A CB    1 
ATOM   613  C  CG    . MET A 1 72  ? -2.655  2.518   11.015  1.00 25.40 ? 72  MET A CG    1 
ATOM   614  S  SD    . MET A 1 72  ? -3.632  1.019   11.313  1.00 28.54 ? 72  MET A SD    1 
ATOM   615  C  CE    . MET A 1 72  ? -2.704  -0.150  10.316  1.00 30.51 ? 72  MET A CE    1 
ATOM   616  N  N     . ARG A 1 73  ? -3.461  6.821   12.502  1.00 16.94 ? 73  ARG A N     1 
ATOM   617  C  CA    . ARG A 1 73  ? -4.222  8.013   12.875  1.00 19.96 ? 73  ARG A CA    1 
ATOM   618  C  C     . ARG A 1 73  ? -4.012  9.156   11.873  1.00 21.51 ? 73  ARG A C     1 
ATOM   619  O  O     . ARG A 1 73  ? -4.968  9.719   11.333  1.00 18.72 ? 73  ARG A O     1 
ATOM   620  C  CB    . ARG A 1 73  ? -3.802  8.466   14.274  1.00 21.10 ? 73  ARG A CB    1 
ATOM   621  C  CG    . ARG A 1 73  ? -4.630  9.606   14.843  1.00 32.41 ? 73  ARG A CG    1 
ATOM   622  C  CD    . ARG A 1 73  ? -5.643  9.127   15.890  1.00 28.94 ? 73  ARG A CD    1 
ATOM   623  N  NE    . ARG A 1 73  ? -5.016  8.429   17.009  1.00 36.89 ? 73  ARG A NE    1 
ATOM   624  C  CZ    . ARG A 1 73  ? -5.527  7.349   17.594  1.00 41.89 ? 73  ARG A CZ    1 
ATOM   625  N  NH1   . ARG A 1 73  ? -6.739  6.921   17.251  1.00 46.26 ? 73  ARG A NH1   1 
ATOM   626  N  NH2   . ARG A 1 73  ? -4.840  6.709   18.538  1.00 41.81 ? 73  ARG A NH2   1 
ATOM   627  N  N     . THR A 1 74  ? -2.756  9.380   11.512  1.00 24.95 ? 74  THR A N     1 
ATOM   628  C  CA    . THR A 1 74  ? -2.390  10.507  10.669  1.00 25.44 ? 74  THR A CA    1 
ATOM   629  C  C     . THR A 1 74  ? -2.582  10.280  9.161   1.00 26.40 ? 74  THR A C     1 
ATOM   630  O  O     . THR A 1 74  ? -2.640  11.238  8.387   1.00 21.17 ? 74  THR A O     1 
ATOM   631  C  CB    . THR A 1 74  ? -0.926  10.949  10.948  1.00 28.86 ? 74  THR A CB    1 
ATOM   632  O  OG1   . THR A 1 74  ? -0.041  9.828   10.861  1.00 28.90 ? 74  THR A OG1   1 
ATOM   633  C  CG2   . THR A 1 74  ? -0.813  11.535  12.335  1.00 37.49 ? 74  THR A CG2   1 
ATOM   634  N  N     . GLY A 1 75  ? -2.771  9.030   8.755   1.00 25.05 ? 75  GLY A N     1 
ATOM   635  C  CA    . GLY A 1 75  ? -2.788  8.723   7.338   1.00 17.22 ? 75  GLY A CA    1 
ATOM   636  C  C     . GLY A 1 75  ? -4.113  9.069   6.727   1.00 15.28 ? 75  GLY A C     1 
ATOM   637  O  O     . GLY A 1 75  ? -5.154  8.858   7.350   1.00 14.13 ? 75  GLY A O     1 
ATOM   638  N  N     . GLU A 1 76  ? -4.074  9.676   5.545   1.00 15.97 ? 76  GLU A N     1 
ATOM   639  C  CA    . GLU A 1 76  ? -5.290  10.057  4.841   1.00 14.20 ? 76  GLU A CA    1 
ATOM   640  C  C     . GLU A 1 76  ? -5.797  8.912   3.983   1.00 13.95 ? 76  GLU A C     1 
ATOM   641  O  O     . GLU A 1 76  ? -7.002  8.706   3.870   1.00 16.76 ? 76  GLU A O     1 
ATOM   642  C  CB    . GLU A 1 76  ? -5.038  11.271  3.954   1.00 17.65 ? 76  GLU A CB    1 
ATOM   643  C  CG    . GLU A 1 76  ? -5.004  12.587  4.683   1.00 21.65 ? 76  GLU A CG    1 
ATOM   644  C  CD    . GLU A 1 76  ? -4.762  13.763  3.751   1.00 19.31 ? 76  GLU A CD    1 
ATOM   645  O  OE1   . GLU A 1 76  ? -3.591  14.022  3.428   1.00 22.21 ? 76  GLU A OE1   1 
ATOM   646  O  OE2   . GLU A 1 76  ? -5.741  14.418  3.332   1.00 23.21 ? 76  GLU A OE2   1 
ATOM   647  N  N     . GLY A 1 77  ? -4.879  8.183   3.356   1.00 10.85 ? 77  GLY A N     1 
ATOM   648  C  CA    . GLY A 1 77  ? -5.275  7.058   2.530   1.00 9.69  ? 77  GLY A CA    1 
ATOM   649  C  C     . GLY A 1 77  ? -4.283  5.933   2.673   1.00 6.77  ? 77  GLY A C     1 
ATOM   650  O  O     . GLY A 1 77  ? -3.099  6.191   2.875   1.00 5.60  ? 77  GLY A O     1 
ATOM   651  N  N     . PHE A 1 78  ? -4.750  4.696   2.553   1.00 7.26  ? 78  PHE A N     1 
ATOM   652  C  CA    . PHE A 1 78  ? -3.884  3.543   2.752   1.00 5.00  ? 78  PHE A CA    1 
ATOM   653  C  C     . PHE A 1 78  ? -3.854  2.625   1.540   1.00 9.66  ? 78  PHE A C     1 
ATOM   654  O  O     . PHE A 1 78  ? -4.872  2.435   0.869   1.00 10.88 ? 78  PHE A O     1 
ATOM   655  C  CB    . PHE A 1 78  ? -4.330  2.768   3.995   1.00 5.00  ? 78  PHE A CB    1 
ATOM   656  C  CG    . PHE A 1 78  ? -4.411  3.620   5.228   1.00 12.62 ? 78  PHE A CG    1 
ATOM   657  C  CD1   . PHE A 1 78  ? -5.493  4.452   5.434   1.00 7.21  ? 78  PHE A CD1   1 
ATOM   658  C  CD2   . PHE A 1 78  ? -3.368  3.646   6.141   1.00 5.00  ? 78  PHE A CD2   1 
ATOM   659  C  CE1   . PHE A 1 78  ? -5.542  5.295   6.519   1.00 13.98 ? 78  PHE A CE1   1 
ATOM   660  C  CE2   . PHE A 1 78  ? -3.410  4.482   7.222   1.00 12.58 ? 78  PHE A CE2   1 
ATOM   661  C  CZ    . PHE A 1 78  ? -4.503  5.309   7.414   1.00 10.90 ? 78  PHE A CZ    1 
ATOM   662  N  N     . LEU A 1 79  ? -2.650  2.178   1.188   1.00 5.06  ? 79  LEU A N     1 
ATOM   663  C  CA    . LEU A 1 79  ? -2.464  1.125   0.202   1.00 5.46  ? 79  LEU A CA    1 
ATOM   664  C  C     . LEU A 1 79  ? -2.416  -0.138  1.038   1.00 5.71  ? 79  LEU A C     1 
ATOM   665  O  O     . LEU A 1 79  ? -1.702  -0.176  2.023   1.00 13.09 ? 79  LEU A O     1 
ATOM   666  C  CB    . LEU A 1 79  ? -1.121  1.297   -0.524  1.00 5.68  ? 79  LEU A CB    1 
ATOM   667  C  CG    . LEU A 1 79  ? -0.913  1.937   -1.902  1.00 13.38 ? 79  LEU A CG    1 
ATOM   668  C  CD1   . LEU A 1 79  ? 0.244   1.218   -2.592  1.00 10.09 ? 79  LEU A CD1   1 
ATOM   669  C  CD2   . LEU A 1 79  ? -2.156  1.842   -2.760  1.00 10.96 ? 79  LEU A CD2   1 
ATOM   670  N  N     . CYS A 1 80  ? -3.264  -1.111  0.744   1.00 8.94  ? 80  CYS A N     1 
ATOM   671  C  CA    . CYS A 1 80  ? -3.237  -2.371  1.484   1.00 12.35 ? 80  CYS A CA    1 
ATOM   672  C  C     . CYS A 1 80  ? -2.746  -3.461  0.586   1.00 8.61  ? 80  CYS A C     1 
ATOM   673  O  O     . CYS A 1 80  ? -3.480  -3.941  -0.265  1.00 9.05  ? 80  CYS A O     1 
ATOM   674  C  CB    . CYS A 1 80  ? -4.620  -2.740  2.010   1.00 14.96 ? 80  CYS A CB    1 
ATOM   675  S  SG    . CYS A 1 80  ? -5.176  -1.691  3.343   1.00 22.16 ? 80  CYS A SG    1 
ATOM   676  N  N     . VAL A 1 81  ? -1.535  -3.922  0.863   1.00 5.36  ? 81  VAL A N     1 
ATOM   677  C  CA    . VAL A 1 81  ? -0.786  -4.729  -0.076  1.00 10.22 ? 81  VAL A CA    1 
ATOM   678  C  C     . VAL A 1 81  ? -0.648  -6.187  0.398   1.00 8.92  ? 81  VAL A C     1 
ATOM   679  O  O     . VAL A 1 81  ? -0.385  -6.453  1.573   1.00 8.07  ? 81  VAL A O     1 
ATOM   680  C  CB    . VAL A 1 81  ? 0.619   -4.095  -0.330  1.00 8.08  ? 81  VAL A CB    1 
ATOM   681  C  CG1   . VAL A 1 81  ? 1.349   -4.835  -1.445  1.00 5.00  ? 81  VAL A CG1   1 
ATOM   682  C  CG2   . VAL A 1 81  ? 0.468   -2.596  -0.693  1.00 5.00  ? 81  VAL A CG2   1 
ATOM   683  N  N     . PHE A 1 82  ? -1.045  -7.104  -0.476  1.00 9.80  ? 82  PHE A N     1 
ATOM   684  C  CA    . PHE A 1 82  ? -0.733  -8.515  -0.329  1.00 7.12  ? 82  PHE A CA    1 
ATOM   685  C  C     . PHE A 1 82  ? 0.036   -9.007  -1.556  1.00 9.07  ? 82  PHE A C     1 
ATOM   686  O  O     . PHE A 1 82  ? 0.170   -8.271  -2.533  1.00 14.93 ? 82  PHE A O     1 
ATOM   687  C  CB    . PHE A 1 82  ? -2.008  -9.322  -0.123  1.00 8.53  ? 82  PHE A CB    1 
ATOM   688  C  CG    . PHE A 1 82  ? -2.897  -9.389  -1.323  1.00 14.42 ? 82  PHE A CG    1 
ATOM   689  C  CD1   . PHE A 1 82  ? -2.753  -10.405 -2.256  1.00 13.36 ? 82  PHE A CD1   1 
ATOM   690  C  CD2   . PHE A 1 82  ? -3.956  -8.519  -1.457  1.00 12.66 ? 82  PHE A CD2   1 
ATOM   691  C  CE1   . PHE A 1 82  ? -3.661  -10.548 -3.299  1.00 17.44 ? 82  PHE A CE1   1 
ATOM   692  C  CE2   . PHE A 1 82  ? -4.863  -8.662  -2.497  1.00 16.91 ? 82  PHE A CE2   1 
ATOM   693  C  CZ    . PHE A 1 82  ? -4.715  -9.673  -3.415  1.00 12.13 ? 82  PHE A CZ    1 
ATOM   694  N  N     . ALA A 1 83  ? 0.552   -10.235 -1.505  1.00 13.97 ? 83  ALA A N     1 
ATOM   695  C  CA    . ALA A 1 83  ? 1.325   -10.798 -2.618  1.00 10.47 ? 83  ALA A CA    1 
ATOM   696  C  C     . ALA A 1 83  ? 0.550   -11.940 -3.239  1.00 11.06 ? 83  ALA A C     1 
ATOM   697  O  O     . ALA A 1 83  ? 0.097   -12.816 -2.518  1.00 10.39 ? 83  ALA A O     1 
ATOM   698  C  CB    . ALA A 1 83  ? 2.656   -11.306 -2.119  1.00 11.52 ? 83  ALA A CB    1 
ATOM   699  N  N     . ILE A 1 84  ? 0.435   -11.965 -4.566  1.00 19.69 ? 84  ILE A N     1 
ATOM   700  C  CA    . ILE A 1 84  ? -0.501  -12.893 -5.226  1.00 19.34 ? 84  ILE A CA    1 
ATOM   701  C  C     . ILE A 1 84  ? -0.073  -14.356 -5.139  1.00 21.35 ? 84  ILE A C     1 
ATOM   702  O  O     . ILE A 1 84  ? -0.860  -15.252 -5.429  1.00 23.30 ? 84  ILE A O     1 
ATOM   703  C  CB    . ILE A 1 84  ? -0.771  -12.529 -6.694  1.00 26.00 ? 84  ILE A CB    1 
ATOM   704  C  CG1   . ILE A 1 84  ? 0.544   -12.391 -7.471  1.00 26.84 ? 84  ILE A CG1   1 
ATOM   705  C  CG2   . ILE A 1 84  ? -1.597  -11.221 -6.782  1.00 15.28 ? 84  ILE A CG2   1 
ATOM   706  C  CD1   . ILE A 1 84  ? 0.839   -13.520 -8.422  1.00 24.13 ? 84  ILE A CD1   1 
ATOM   707  N  N     . ASN A 1 85  ? 1.118   -14.596 -4.604  1.00 18.18 ? 85  ASN A N     1 
ATOM   708  C  CA    . ASN A 1 85  ? 1.613   -15.953 -4.405  1.00 20.24 ? 85  ASN A CA    1 
ATOM   709  C  C     . ASN A 1 85  ? 1.679   -16.296 -2.914  1.00 20.21 ? 85  ASN A C     1 
ATOM   710  O  O     . ASN A 1 85  ? 2.471   -17.129 -2.482  1.00 19.55 ? 85  ASN A O     1 
ATOM   711  C  CB    . ASN A 1 85  ? 2.990   -16.114 -5.059  1.00 20.90 ? 85  ASN A CB    1 
ATOM   712  C  CG    . ASN A 1 85  ? 4.095   -15.414 -4.290  1.00 23.73 ? 85  ASN A CG    1 
ATOM   713  O  OD1   . ASN A 1 85  ? 5.188   -15.951 -4.138  1.00 31.05 ? 85  ASN A OD1   1 
ATOM   714  N  ND2   . ASN A 1 85  ? 3.838   -14.184 -3.857  1.00 32.42 ? 85  ASN A ND2   1 
ATOM   715  N  N     . ASN A 1 86  ? 0.829   -15.655 -2.128  1.00 23.75 ? 86  ASN A N     1 
ATOM   716  C  CA    . ASN A 1 86  ? 0.799   -15.912 -0.702  1.00 17.21 ? 86  ASN A CA    1 
ATOM   717  C  C     . ASN A 1 86  ? -0.572  -15.639 -0.095  1.00 17.55 ? 86  ASN A C     1 
ATOM   718  O  O     . ASN A 1 86  ? -0.939  -14.500 0.175   1.00 16.49 ? 86  ASN A O     1 
ATOM   719  C  CB    . ASN A 1 86  ? 1.852   -15.070 -0.007  1.00 25.34 ? 86  ASN A CB    1 
ATOM   720  C  CG    . ASN A 1 86  ? 2.082   -15.504 1.403   1.00 34.14 ? 86  ASN A CG    1 
ATOM   721  O  OD1   . ASN A 1 86  ? 2.000   -14.703 2.334   1.00 48.76 ? 86  ASN A OD1   1 
ATOM   722  N  ND2   . ASN A 1 86  ? 2.299   -16.800 1.589   1.00 41.80 ? 86  ASN A ND2   1 
ATOM   723  N  N     . THR A 1 87  ? -1.283  -16.708 0.225   1.00 17.17 ? 87  THR A N     1 
ATOM   724  C  CA    . THR A 1 87  ? -2.645  -16.600 0.704   1.00 17.55 ? 87  THR A CA    1 
ATOM   725  C  C     . THR A 1 87  ? -2.729  -16.065 2.126   1.00 19.44 ? 87  THR A C     1 
ATOM   726  O  O     . THR A 1 87  ? -3.673  -15.363 2.464   1.00 22.04 ? 87  THR A O     1 
ATOM   727  C  CB    . THR A 1 87  ? -3.357  -17.945 0.627   1.00 18.46 ? 87  THR A CB    1 
ATOM   728  O  OG1   . THR A 1 87  ? -3.217  -18.479 -0.697  1.00 23.63 ? 87  THR A OG1   1 
ATOM   729  C  CG2   . THR A 1 87  ? -4.824  -17.775 0.921   1.00 26.45 ? 87  THR A CG2   1 
ATOM   730  N  N     . LYS A 1 88  ? -1.672  -16.254 2.906   1.00 17.62 ? 88  LYS A N     1 
ATOM   731  C  CA    . LYS A 1 88  ? -1.669  -15.753 4.270   1.00 19.24 ? 88  LYS A CA    1 
ATOM   732  C  C     . LYS A 1 88  ? -1.670  -14.237 4.281   1.00 16.00 ? 88  LYS A C     1 
ATOM   733  O  O     . LYS A 1 88  ? -2.331  -13.615 5.108   1.00 17.00 ? 88  LYS A O     1 
ATOM   734  C  CB    . LYS A 1 88  ? -0.444  -16.263 5.024   1.00 26.91 ? 88  LYS A CB    1 
ATOM   735  C  CG    . LYS A 1 88  ? -0.764  -16.885 6.368   1.00 24.79 ? 88  LYS A CG    1 
ATOM   736  C  CD    . LYS A 1 88  ? -1.220  -15.848 7.372   1.00 26.51 ? 88  LYS A CD    1 
ATOM   737  C  CE    . LYS A 1 88  ? -0.527  -16.045 8.714   1.00 25.47 ? 88  LYS A CE    1 
ATOM   738  N  NZ    . LYS A 1 88  ? -0.727  -14.873 9.618   1.00 31.79 ? 88  LYS A NZ    1 
ATOM   739  N  N     . SER A 1 89  ? -0.860  -13.645 3.413   1.00 11.26 ? 89  SER A N     1 
ATOM   740  C  CA    . SER A 1 89  ? -0.812  -12.195 3.304   1.00 11.28 ? 89  SER A CA    1 
ATOM   741  C  C     . SER A 1 89  ? -2.146  -11.624 2.846   1.00 12.17 ? 89  SER A C     1 
ATOM   742  O  O     . SER A 1 89  ? -2.479  -10.505 3.188   1.00 13.11 ? 89  SER A O     1 
ATOM   743  C  CB    . SER A 1 89  ? 0.310   -11.758 2.354   1.00 13.01 ? 89  SER A CB    1 
ATOM   744  O  OG    . SER A 1 89  ? 0.084   -12.148 1.005   1.00 10.11 ? 89  SER A OG    1 
ATOM   745  N  N     . PHE A 1 90  ? -2.894  -12.396 2.061   1.00 12.20 ? 90  PHE A N     1 
ATOM   746  C  CA    . PHE A 1 90  ? -4.253  -12.026 1.636   1.00 13.52 ? 90  PHE A CA    1 
ATOM   747  C  C     . PHE A 1 90  ? -5.229  -12.092 2.814   1.00 13.19 ? 90  PHE A C     1 
ATOM   748  O  O     . PHE A 1 90  ? -5.971  -11.136 3.080   1.00 19.22 ? 90  PHE A O     1 
ATOM   749  C  CB    . PHE A 1 90  ? -4.733  -12.972 0.521   1.00 17.18 ? 90  PHE A CB    1 
ATOM   750  C  CG    . PHE A 1 90  ? -6.101  -12.638 -0.024  1.00 14.52 ? 90  PHE A CG    1 
ATOM   751  C  CD1   . PHE A 1 90  ? -6.348  -11.407 -0.611  1.00 16.35 ? 90  PHE A CD1   1 
ATOM   752  C  CD2   . PHE A 1 90  ? -7.130  -13.563 0.030   1.00 19.09 ? 90  PHE A CD2   1 
ATOM   753  C  CE1   . PHE A 1 90  ? -7.575  -11.108 -1.138  1.00 16.99 ? 90  PHE A CE1   1 
ATOM   754  C  CE2   . PHE A 1 90  ? -8.375  -13.265 -0.491  1.00 12.07 ? 90  PHE A CE2   1 
ATOM   755  C  CZ    . PHE A 1 90  ? -8.595  -12.037 -1.078  1.00 21.42 ? 90  PHE A CZ    1 
ATOM   756  N  N     . GLU A 1 91  ? -5.243  -13.244 3.483   1.00 19.92 ? 91  GLU A N     1 
ATOM   757  C  CA    . GLU A 1 91  ? -6.021  -13.467 4.699   1.00 18.20 ? 91  GLU A CA    1 
ATOM   758  C  C     . GLU A 1 91  ? -5.789  -12.324 5.686   1.00 25.37 ? 91  GLU A C     1 
ATOM   759  O  O     . GLU A 1 91  ? -6.740  -11.798 6.281   1.00 28.26 ? 91  GLU A O     1 
ATOM   760  C  CB    . GLU A 1 91  ? -5.603  -14.790 5.361   1.00 24.86 ? 91  GLU A CB    1 
ATOM   761  C  CG    . GLU A 1 91  ? -5.853  -16.088 4.560   1.00 29.31 ? 91  GLU A CG    1 
ATOM   762  C  CD    . GLU A 1 91  ? -5.339  -17.336 5.258   1.00 41.80 ? 91  GLU A CD    1 
ATOM   763  O  OE1   . GLU A 1 91  ? -4.974  -17.252 6.456   1.00 43.31 ? 91  GLU A OE1   1 
ATOM   764  O  OE2   . GLU A 1 91  ? -5.276  -18.420 4.627   1.00 40.27 ? 91  GLU A OE2   1 
ATOM   765  N  N     . ASP A 1 92  ? -4.525  -11.919 5.814   1.00 21.03 ? 92  ASP A N     1 
ATOM   766  C  CA    . ASP A 1 92  ? -4.108  -10.896 6.777   1.00 26.55 ? 92  ASP A CA    1 
ATOM   767  C  C     . ASP A 1 92  ? -4.681  -9.505  6.496   1.00 19.57 ? 92  ASP A C     1 
ATOM   768  O  O     . ASP A 1 92  ? -4.708  -8.657  7.382   1.00 21.04 ? 92  ASP A O     1 
ATOM   769  C  CB    . ASP A 1 92  ? -2.572  -10.799 6.824   1.00 23.19 ? 92  ASP A CB    1 
ATOM   770  C  CG    . ASP A 1 92  ? -1.909  -11.992 7.524   1.00 30.07 ? 92  ASP A CG    1 
ATOM   771  O  OD1   . ASP A 1 92  ? -2.615  -12.845 8.096   1.00 26.18 ? 92  ASP A OD1   1 
ATOM   772  O  OD2   . ASP A 1 92  ? -0.656  -12.063 7.525   1.00 39.14 ? 92  ASP A OD2   1 
ATOM   773  N  N     . ILE A 1 93  ? -5.095  -9.248  5.261   1.00 20.65 ? 93  ILE A N     1 
ATOM   774  C  CA    . ILE A 1 93  ? -5.551  -7.912  4.894   1.00 22.09 ? 93  ILE A CA    1 
ATOM   775  C  C     . ILE A 1 93  ? -6.692  -7.480  5.812   1.00 24.93 ? 93  ILE A C     1 
ATOM   776  O  O     . ILE A 1 93  ? -6.717  -6.350  6.305   1.00 20.79 ? 93  ILE A O     1 
ATOM   777  C  CB    . ILE A 1 93  ? -6.007  -7.845  3.394   1.00 27.82 ? 93  ILE A CB    1 
ATOM   778  C  CG1   . ILE A 1 93  ? -4.781  -7.839  2.468   1.00 22.18 ? 93  ILE A CG1   1 
ATOM   779  C  CG2   . ILE A 1 93  ? -6.833  -6.567  3.128   1.00 25.61 ? 93  ILE A CG2   1 
ATOM   780  C  CD1   . ILE A 1 93  ? -3.757  -6.768  2.802   1.00 22.21 ? 93  ILE A CD1   1 
ATOM   781  N  N     . HIS A 1 94  ? -7.582  -8.416  6.114   1.00 26.31 ? 94  HIS A N     1 
ATOM   782  C  CA    . HIS A 1 94  ? -8.745  -8.131  6.941   1.00 26.96 ? 94  HIS A CA    1 
ATOM   783  C  C     . HIS A 1 94  ? -8.327  -7.524  8.279   1.00 26.92 ? 94  HIS A C     1 
ATOM   784  O  O     . HIS A 1 94  ? -8.932  -6.566  8.764   1.00 27.57 ? 94  HIS A O     1 
ATOM   785  C  CB    . HIS A 1 94  ? -9.533  -9.419  7.167   1.00 28.08 ? 94  HIS A CB    1 
ATOM   786  C  CG    . HIS A 1 94  ? -10.837 -9.210  7.866   1.00 32.97 ? 94  HIS A CG    1 
ATOM   787  N  ND1   . HIS A 1 94  ? -11.930 -8.638  7.241   1.00 39.76 ? 94  HIS A ND1   1 
ATOM   788  C  CD2   . HIS A 1 94  ? -11.214 -9.549  9.126   1.00 32.91 ? 94  HIS A CD2   1 
ATOM   789  C  CE1   . HIS A 1 94  ? -12.917 -8.667  8.117   1.00 34.10 ? 94  HIS A CE1   1 
ATOM   790  N  NE2   . HIS A 1 94  ? -12.533 -9.205  9.267   1.00 35.52 ? 94  HIS A NE2   1 
ATOM   791  N  N     . GLN A 1 95  ? -7.189  -7.979  8.784   1.00 29.35 ? 95  GLN A N     1 
ATOM   792  C  CA    . GLN A 1 95  ? -6.683  -7.504  10.054  1.00 26.17 ? 95  GLN A CA    1 
ATOM   793  C  C     . GLN A 1 95  ? -6.147  -6.077  9.964   1.00 21.50 ? 95  GLN A C     1 
ATOM   794  O  O     . GLN A 1 95  ? -6.420  -5.252  10.838  1.00 23.40 ? 95  GLN A O     1 
ATOM   795  C  CB    . GLN A 1 95  ? -5.618  -8.473  10.583  1.00 30.20 ? 95  GLN A CB    1 
ATOM   796  C  CG    . GLN A 1 95  ? -6.222  -9.706  11.283  1.00 43.82 ? 95  GLN A CG    1 
ATOM   797  C  CD    . GLN A 1 95  ? -5.455  -11.005 11.004  1.00 54.43 ? 95  GLN A CD    1 
ATOM   798  O  OE1   . GLN A 1 95  ? -5.788  -11.750 10.075  1.00 56.96 ? 95  GLN A OE1   1 
ATOM   799  N  NE2   . GLN A 1 95  ? -4.463  -11.304 11.844  1.00 54.57 ? 95  GLN A NE2   1 
ATOM   800  N  N     . TYR A 1 96  ? -5.482  -5.749  8.862   1.00 21.34 ? 96  TYR A N     1 
ATOM   801  C  CA    . TYR A 1 96  ? -4.981  -4.385  8.668   1.00 18.16 ? 96  TYR A CA    1 
ATOM   802  C  C     . TYR A 1 96  ? -6.122  -3.384  8.517   1.00 19.70 ? 96  TYR A C     1 
ATOM   803  O  O     . TYR A 1 96  ? -6.045  -2.263  9.010   1.00 17.99 ? 96  TYR A O     1 
ATOM   804  C  CB    . TYR A 1 96  ? -4.069  -4.321  7.443   1.00 18.79 ? 96  TYR A CB    1 
ATOM   805  C  CG    . TYR A 1 96  ? -2.730  -4.982  7.652   1.00 18.35 ? 96  TYR A CG    1 
ATOM   806  C  CD1   . TYR A 1 96  ? -1.754  -4.374  8.425   1.00 19.61 ? 96  TYR A CD1   1 
ATOM   807  C  CD2   . TYR A 1 96  ? -2.459  -6.232  7.120   1.00 20.38 ? 96  TYR A CD2   1 
ATOM   808  C  CE1   . TYR A 1 96  ? -0.540  -4.989  8.671   1.00 21.75 ? 96  TYR A CE1   1 
ATOM   809  C  CE2   . TYR A 1 96  ? -1.250  -6.868  7.378   1.00 28.18 ? 96  TYR A CE2   1 
ATOM   810  C  CZ    . TYR A 1 96  ? -0.298  -6.239  8.164   1.00 15.02 ? 96  TYR A CZ    1 
ATOM   811  O  OH    . TYR A 1 96  ? 0.862   -6.890  8.492   1.00 27.95 ? 96  TYR A OH    1 
ATOM   812  N  N     . ARG A 1 97  ? -7.206  -3.827  7.885   1.00 22.51 ? 97  ARG A N     1 
ATOM   813  C  CA    . ARG A 1 97  ? -8.342  -2.964  7.574   1.00 25.83 ? 97  ARG A CA    1 
ATOM   814  C  C     . ARG A 1 97  ? -9.187  -2.599  8.794   1.00 26.10 ? 97  ARG A C     1 
ATOM   815  O  O     . ARG A 1 97  ? -9.597  -1.446  8.970   1.00 24.18 ? 97  ARG A O     1 
ATOM   816  C  CB    . ARG A 1 97  ? -9.224  -3.636  6.533   1.00 18.54 ? 97  ARG A CB    1 
ATOM   817  C  CG    . ARG A 1 97  ? -10.248 -2.661  5.934   1.00 24.84 ? 97  ARG A CG    1 
ATOM   818  C  CD    . ARG A 1 97  ? -10.988 -3.238  4.736   1.00 32.75 ? 97  ARG A CD    1 
ATOM   819  N  NE    . ARG A 1 97  ? -12.438 -3.012  4.803   1.00 32.03 ? 97  ARG A NE    1 
ATOM   820  C  CZ    . ARG A 1 97  ? -13.093 -1.838  4.755   1.00 29.17 ? 97  ARG A CZ    1 
ATOM   821  N  NH1   . ARG A 1 97  ? -12.463 -0.680  4.632   1.00 37.60 ? 97  ARG A NH1   1 
ATOM   822  N  NH2   . ARG A 1 97  ? -14.422 -1.849  4.855   1.00 39.83 ? 97  ARG A NH2   1 
ATOM   823  N  N     . GLU A 1 98  ? -9.478  -3.604  9.612   1.00 27.72 ? 98  GLU A N     1 
ATOM   824  C  CA    . GLU A 1 98  ? -10.115 -3.388  10.896  1.00 27.65 ? 98  GLU A CA    1 
ATOM   825  C  C     . GLU A 1 98  ? -9.317  -2.465  11.807  1.00 22.94 ? 98  GLU A C     1 
ATOM   826  O  O     . GLU A 1 98  ? -9.882  -1.582  12.434  1.00 23.04 ? 98  GLU A O     1 
ATOM   827  C  CB    . GLU A 1 98  ? -10.349 -4.725  11.595  1.00 28.85 ? 98  GLU A CB    1 
ATOM   828  C  CG    . GLU A 1 98  ? -11.761 -4.883  12.142  1.00 42.90 ? 98  GLU A CG    1 
ATOM   829  C  CD    . GLU A 1 98  ? -12.774 -5.150  11.053  1.00 42.08 ? 98  GLU A CD    1 
ATOM   830  O  OE1   . GLU A 1 98  ? -12.671 -6.212  10.399  1.00 41.64 ? 98  GLU A OE1   1 
ATOM   831  O  OE2   . GLU A 1 98  ? -13.643 -4.281  10.813  1.00 39.03 ? 98  GLU A OE2   1 
ATOM   832  N  N     . GLN A 1 99  ? -8.004  -2.668  11.894  1.00 22.17 ? 99  GLN A N     1 
ATOM   833  C  CA    . GLN A 1 99  ? -7.165  -1.842  12.767  1.00 16.87 ? 99  GLN A CA    1 
ATOM   834  C  C     . GLN A 1 99  ? -7.232  -0.381  12.321  1.00 13.95 ? 99  GLN A C     1 
ATOM   835  O  O     . GLN A 1 99  ? -7.342  0.534   13.147  1.00 20.12 ? 99  GLN A O     1 
ATOM   836  C  CB    . GLN A 1 99  ? -5.720  -2.353  12.742  1.00 18.06 ? 99  GLN A CB    1 
ATOM   837  C  CG    . GLN A 1 99  ? -4.767  -1.626  13.698  1.00 30.60 ? 99  GLN A CG    1 
ATOM   838  C  CD    . GLN A 1 99  ? -3.395  -2.303  13.847  1.00 38.50 ? 99  GLN A CD    1 
ATOM   839  O  OE1   . GLN A 1 99  ? -3.122  -3.344  13.218  1.00 41.73 ? 99  GLN A OE1   1 
ATOM   840  N  NE2   . GLN A 1 99  ? -2.532  -1.723  14.713  1.00 28.23 ? 99  GLN A NE2   1 
ATOM   841  N  N     . ILE A 1 100 ? -7.226  -0.181  11.008  1.00 8.63  ? 100 ILE A N     1 
ATOM   842  C  CA    . ILE A 1 100 ? -7.418  1.144   10.417  1.00 14.80 ? 100 ILE A CA    1 
ATOM   843  C  C     . ILE A 1 100 ? -8.804  1.711   10.772  1.00 19.28 ? 100 ILE A C     1 
ATOM   844  O  O     . ILE A 1 100 ? -8.920  2.840   11.256  1.00 23.35 ? 100 ILE A O     1 
ATOM   845  C  CB    . ILE A 1 100 ? -7.244  1.100   8.878   1.00 11.24 ? 100 ILE A CB    1 
ATOM   846  C  CG1   . ILE A 1 100 ? -5.773  0.890   8.523   1.00 17.73 ? 100 ILE A CG1   1 
ATOM   847  C  CG2   . ILE A 1 100 ? -7.702  2.395   8.266   1.00 12.20 ? 100 ILE A CG2   1 
ATOM   848  C  CD1   . ILE A 1 100 ? -5.535  0.363   7.117   1.00 18.39 ? 100 ILE A CD1   1 
ATOM   849  N  N     . LYS A 1 101 ? -9.845  0.904   10.599  1.00 21.66 ? 101 LYS A N     1 
ATOM   850  C  CA    . LYS A 1 101 ? -11.212 1.318   10.940  1.00 23.38 ? 101 LYS A CA    1 
ATOM   851  C  C     . LYS A 1 101 ? -11.362 1.655   12.435  1.00 21.99 ? 101 LYS A C     1 
ATOM   852  O  O     . LYS A 1 101 ? -11.956 2.678   12.792  1.00 24.37 ? 101 LYS A O     1 
ATOM   853  C  CB    . LYS A 1 101 ? -12.206 0.215   10.553  1.00 25.28 ? 101 LYS A CB    1 
ATOM   854  C  CG    . LYS A 1 101 ? -12.361 0.015   9.053   1.00 23.35 ? 101 LYS A CG    1 
ATOM   855  C  CD    . LYS A 1 101 ? -12.945 -1.354  8.727   1.00 34.35 ? 101 LYS A CD    1 
ATOM   856  C  CE    . LYS A 1 101 ? -14.465 -1.318  8.661   1.00 40.71 ? 101 LYS A CE    1 
ATOM   857  N  NZ    . LYS A 1 101 ? -15.066 -2.667  8.905   1.00 42.60 ? 101 LYS A NZ    1 
ATOM   858  N  N     . ARG A 1 102 ? -10.715 0.851   13.278  1.00 20.83 ? 102 ARG A N     1 
ATOM   859  C  CA    . ARG A 1 102 ? -10.708 1.013   14.727  1.00 23.15 ? 102 ARG A CA    1 
ATOM   860  C  C     . ARG A 1 102 ? -10.099 2.368   15.093  1.00 19.15 ? 102 ARG A C     1 
ATOM   861  O  O     . ARG A 1 102 ? -10.635 3.089   15.929  1.00 22.87 ? 102 ARG A O     1 
ATOM   862  C  CB    . ARG A 1 102 ? -9.879  -0.131  15.345  1.00 34.78 ? 102 ARG A CB    1 
ATOM   863  C  CG    . ARG A 1 102 ? -10.446 -0.477  16.712  1.00 47.50 ? 102 ARG A CG    1 
ATOM   864  C  CD    . ARG A 1 102 ? -9.430  -1.063  17.651  1.00 52.45 ? 102 ARG A CD    1 
ATOM   865  N  NE    . ARG A 1 102 ? -8.432  -0.114  18.186  1.00 62.80 ? 102 ARG A NE    1 
ATOM   866  C  CZ    . ARG A 1 102 ? -8.608  1.038   18.864  1.00 69.18 ? 102 ARG A CZ    1 
ATOM   867  N  NH1   . ARG A 1 102 ? -9.794  1.578   19.054  1.00 70.00 ? 102 ARG A NH1   1 
ATOM   868  N  NH2   . ARG A 1 102 ? -7.528  1.630   19.389  1.00 70.00 ? 102 ARG A NH2   1 
ATOM   869  N  N     . VAL A 1 103 ? -8.965  2.703   14.485  1.00 16.75 ? 103 VAL A N     1 
ATOM   870  C  CA    . VAL A 1 103 ? -8.263  3.948   14.808  1.00 23.32 ? 103 VAL A CA    1 
ATOM   871  C  C     . VAL A 1 103 ? -8.866  5.214   14.174  1.00 28.45 ? 103 VAL A C     1 
ATOM   872  O  O     . VAL A 1 103 ? -8.840  6.288   14.786  1.00 32.44 ? 103 VAL A O     1 
ATOM   873  C  CB    . VAL A 1 103 ? -6.753  3.873   14.446  1.00 22.14 ? 103 VAL A CB    1 
ATOM   874  C  CG1   . VAL A 1 103 ? -6.105  2.739   15.191  1.00 29.49 ? 103 VAL A CG1   1 
ATOM   875  C  CG2   . VAL A 1 103 ? -6.570  3.678   12.970  1.00 28.14 ? 103 VAL A CG2   1 
ATOM   876  N  N     . LYS A 1 104 ? -9.414  5.090   12.964  1.00 27.23 ? 104 LYS A N     1 
ATOM   877  C  CA    . LYS A 1 104 ? -10.040 6.220   12.270  1.00 24.04 ? 104 LYS A CA    1 
ATOM   878  C  C     . LYS A 1 104 ? -11.482 6.415   12.706  1.00 27.00 ? 104 LYS A C     1 
ATOM   879  O  O     . LYS A 1 104 ? -12.143 7.375   12.278  1.00 24.77 ? 104 LYS A O     1 
ATOM   880  C  CB    . LYS A 1 104 ? -10.032 6.026   10.749  1.00 26.94 ? 104 LYS A CB    1 
ATOM   881  C  CG    . LYS A 1 104 ? -8.678  5.715   10.125  1.00 25.13 ? 104 LYS A CG    1 
ATOM   882  C  CD    . LYS A 1 104 ? -7.704  6.862   10.273  1.00 28.29 ? 104 LYS A CD    1 
ATOM   883  C  CE    . LYS A 1 104 ? -7.976  7.962   9.275   1.00 17.49 ? 104 LYS A CE    1 
ATOM   884  N  NZ    . LYS A 1 104 ? -6.820  8.884   9.248   1.00 25.94 ? 104 LYS A NZ    1 
ATOM   885  N  N     . ASP A 1 105 ? -12.000 5.438   13.451  1.00 25.00 ? 105 ASP A N     1 
ATOM   886  C  CA    . ASP A 1 105 ? -13.387 5.466   13.911  1.00 31.83 ? 105 ASP A CA    1 
ATOM   887  C  C     . ASP A 1 105 ? -14.318 5.719   12.725  1.00 31.97 ? 105 ASP A C     1 
ATOM   888  O  O     . ASP A 1 105 ? -15.171 6.608   12.750  1.00 27.61 ? 105 ASP A O     1 
ATOM   889  C  CB    . ASP A 1 105 ? -13.575 6.545   14.990  1.00 26.21 ? 105 ASP A CB    1 
ATOM   890  C  CG    . ASP A 1 105 ? -13.247 6.041   16.386  1.00 28.48 ? 105 ASP A CG    1 
ATOM   891  O  OD1   . ASP A 1 105 ? -12.627 4.966   16.518  1.00 36.48 ? 105 ASP A OD1   1 
ATOM   892  O  OD2   . ASP A 1 105 ? -13.631 6.709   17.367  1.00 41.08 ? 105 ASP A OD2   1 
ATOM   893  N  N     . SER A 1 106 ? -14.135 4.930   11.676  1.00 29.24 ? 106 SER A N     1 
ATOM   894  C  CA    . SER A 1 106 ? -14.876 5.149   10.454  1.00 29.77 ? 106 SER A CA    1 
ATOM   895  C  C     . SER A 1 106 ? -14.970 3.853   9.680   1.00 32.75 ? 106 SER A C     1 
ATOM   896  O  O     . SER A 1 106 ? -14.062 3.016   9.744   1.00 34.71 ? 106 SER A O     1 
ATOM   897  C  CB    . SER A 1 106 ? -14.171 6.206   9.620   1.00 31.00 ? 106 SER A CB    1 
ATOM   898  O  OG    . SER A 1 106 ? -14.968 6.587   8.526   1.00 35.85 ? 106 SER A OG    1 
ATOM   899  N  N     . ASP A 1 107 ? -16.093 3.668   8.992   1.00 33.75 ? 107 ASP A N     1 
ATOM   900  C  CA    . ASP A 1 107 ? -16.292 2.493   8.159   1.00 35.74 ? 107 ASP A CA    1 
ATOM   901  C  C     . ASP A 1 107 ? -15.685 2.631   6.772   1.00 32.20 ? 107 ASP A C     1 
ATOM   902  O  O     . ASP A 1 107 ? -15.391 1.622   6.125   1.00 38.61 ? 107 ASP A O     1 
ATOM   903  C  CB    . ASP A 1 107 ? -17.784 2.165   8.057   1.00 40.63 ? 107 ASP A CB    1 
ATOM   904  C  CG    . ASP A 1 107 ? -18.293 1.395   9.270   1.00 49.58 ? 107 ASP A CG    1 
ATOM   905  O  OD1   . ASP A 1 107 ? -18.068 1.870   10.403  1.00 53.82 ? 107 ASP A OD1   1 
ATOM   906  O  OD2   . ASP A 1 107 ? -18.891 0.305   9.098   1.00 56.31 ? 107 ASP A OD2   1 
ATOM   907  N  N     . ASP A 1 108 ? -15.453 3.870   6.342   1.00 28.56 ? 108 ASP A N     1 
ATOM   908  C  CA    . ASP A 1 108 ? -14.882 4.145   5.022   1.00 30.98 ? 108 ASP A CA    1 
ATOM   909  C  C     . ASP A 1 108 ? -13.693 5.090   5.143   1.00 29.28 ? 108 ASP A C     1 
ATOM   910  O  O     . ASP A 1 108 ? -13.833 6.266   5.496   1.00 32.86 ? 108 ASP A O     1 
ATOM   911  C  CB    . ASP A 1 108 ? -15.935 4.754   4.076   1.00 42.56 ? 108 ASP A CB    1 
ATOM   912  C  CG    . ASP A 1 108 ? -15.342 5.193   2.735   1.00 55.06 ? 108 ASP A CG    1 
ATOM   913  O  OD1   . ASP A 1 108 ? -15.237 4.344   1.820   1.00 67.71 ? 108 ASP A OD1   1 
ATOM   914  O  OD2   . ASP A 1 108 ? -14.988 6.388   2.591   1.00 61.03 ? 108 ASP A OD2   1 
ATOM   915  N  N     . VAL A 1 109 ? -12.511 4.548   4.908   1.00 22.93 ? 109 VAL A N     1 
ATOM   916  C  CA    . VAL A 1 109 ? -11.291 5.342   4.853   1.00 19.96 ? 109 VAL A CA    1 
ATOM   917  C  C     . VAL A 1 109 ? -10.804 5.165   3.423   1.00 16.45 ? 109 VAL A C     1 
ATOM   918  O  O     . VAL A 1 109 ? -10.936 4.071   2.882   1.00 17.26 ? 109 VAL A O     1 
ATOM   919  C  CB    . VAL A 1 109 ? -10.238 4.768   5.820   1.00 18.94 ? 109 VAL A CB    1 
ATOM   920  C  CG1   . VAL A 1 109 ? -9.044  5.671   5.913   1.00 17.36 ? 109 VAL A CG1   1 
ATOM   921  C  CG2   . VAL A 1 109 ? -10.853 4.561   7.188   1.00 20.97 ? 109 VAL A CG2   1 
ATOM   922  N  N     . PRO A 1 110 ? -10.325 6.250   2.765   1.00 15.27 ? 110 PRO A N     1 
ATOM   923  C  CA    . PRO A 1 110 ? -9.613  6.090   1.491   1.00 9.90  ? 110 PRO A CA    1 
ATOM   924  C  C     . PRO A 1 110 ? -8.612  4.947   1.565   1.00 8.67  ? 110 PRO A C     1 
ATOM   925  O  O     . PRO A 1 110 ? -7.701  4.942   2.391   1.00 11.63 ? 110 PRO A O     1 
ATOM   926  C  CB    . PRO A 1 110 ? -8.932  7.437   1.295   1.00 11.52 ? 110 PRO A CB    1 
ATOM   927  C  CG    . PRO A 1 110 ? -9.826  8.391   1.975   1.00 6.12  ? 110 PRO A CG    1 
ATOM   928  C  CD    . PRO A 1 110 ? -10.292 7.654   3.212   1.00 11.20 ? 110 PRO A CD    1 
ATOM   929  N  N     . MET A 1 111 ? -8.762  3.994   0.650   1.00 17.45 ? 111 MET A N     1 
ATOM   930  C  CA    . MET A 1 111 ? -8.011  2.746   0.710   1.00 16.41 ? 111 MET A CA    1 
ATOM   931  C  C     . MET A 1 111 ? -8.046  2.038   -0.657  1.00 18.79 ? 111 MET A C     1 
ATOM   932  O  O     . MET A 1 111 ? -9.060  2.100   -1.364  1.00 13.59 ? 111 MET A O     1 
ATOM   933  C  CB    . MET A 1 111 ? -8.645  1.863   1.780   1.00 18.86 ? 111 MET A CB    1 
ATOM   934  C  CG    . MET A 1 111 ? -7.845  0.688   2.228   1.00 21.69 ? 111 MET A CG    1 
ATOM   935  S  SD    . MET A 1 111 ? -8.737  0.035   3.657   1.00 19.87 ? 111 MET A SD    1 
ATOM   936  C  CE    . MET A 1 111 ? -9.144  1.536   4.533   1.00 20.32 ? 111 MET A CE    1 
ATOM   937  N  N     . VAL A 1 112 ? -6.913  1.464   -1.061  1.00 7.55  ? 112 VAL A N     1 
ATOM   938  C  CA    . VAL A 1 112 ? -6.843  0.617   -2.248  1.00 9.03  ? 112 VAL A CA    1 
ATOM   939  C  C     . VAL A 1 112 ? -6.302  -0.779  -1.873  1.00 9.26  ? 112 VAL A C     1 
ATOM   940  O  O     . VAL A 1 112 ? -5.461  -0.901  -0.977  1.00 7.29  ? 112 VAL A O     1 
ATOM   941  C  CB    . VAL A 1 112 ? -5.935  1.276   -3.327  1.00 10.12 ? 112 VAL A CB    1 
ATOM   942  C  CG1   . VAL A 1 112 ? -5.676  0.317   -4.483  1.00 10.99 ? 112 VAL A CG1   1 
ATOM   943  C  CG2   . VAL A 1 112 ? -6.599  2.527   -3.855  1.00 10.19 ? 112 VAL A CG2   1 
ATOM   944  N  N     . LEU A 1 113 ? -6.861  -1.824  -2.487  1.00 7.80  ? 113 LEU A N     1 
ATOM   945  C  CA    . LEU A 1 113 ? -6.363  -3.189  -2.330  1.00 10.29 ? 113 LEU A CA    1 
ATOM   946  C  C     . LEU A 1 113 ? -5.377  -3.454  -3.463  1.00 8.61  ? 113 LEU A C     1 
ATOM   947  O  O     . LEU A 1 113 ? -5.746  -3.359  -4.640  1.00 10.47 ? 113 LEU A O     1 
ATOM   948  C  CB    . LEU A 1 113 ? -7.521  -4.202  -2.417  1.00 5.00  ? 113 LEU A CB    1 
ATOM   949  C  CG    . LEU A 1 113 ? -7.570  -5.469  -1.525  1.00 9.98  ? 113 LEU A CG    1 
ATOM   950  C  CD1   . LEU A 1 113 ? -8.101  -6.626  -2.354  1.00 8.42  ? 113 LEU A CD1   1 
ATOM   951  C  CD2   . LEU A 1 113 ? -6.226  -5.827  -0.921  1.00 12.03 ? 113 LEU A CD2   1 
ATOM   952  N  N     . VAL A 1 114 ? -4.158  -3.859  -3.127  1.00 7.15  ? 114 VAL A N     1 
ATOM   953  C  CA    . VAL A 1 114 ? -3.125  -4.041  -4.144  1.00 5.00  ? 114 VAL A CA    1 
ATOM   954  C  C     . VAL A 1 114 ? -2.577  -5.453  -4.044  1.00 7.30  ? 114 VAL A C     1 
ATOM   955  O  O     . VAL A 1 114 ? -2.175  -5.895  -2.965  1.00 10.16 ? 114 VAL A O     1 
ATOM   956  C  CB    . VAL A 1 114 ? -1.991  -2.998  -3.964  1.00 10.14 ? 114 VAL A CB    1 
ATOM   957  C  CG1   . VAL A 1 114 ? -0.826  -3.296  -4.899  1.00 5.00  ? 114 VAL A CG1   1 
ATOM   958  C  CG2   . VAL A 1 114 ? -2.525  -1.590  -4.250  1.00 6.08  ? 114 VAL A CG2   1 
ATOM   959  N  N     . GLY A 1 115 ? -2.713  -6.205  -5.133  1.00 8.38  ? 115 GLY A N     1 
ATOM   960  C  CA    . GLY A 1 115 ? -2.218  -7.576  -5.170  1.00 6.39  ? 115 GLY A CA    1 
ATOM   961  C  C     . GLY A 1 115 ? -0.909  -7.556  -5.915  1.00 6.24  ? 115 GLY A C     1 
ATOM   962  O  O     . GLY A 1 115 ? -0.897  -7.345  -7.126  1.00 7.45  ? 115 GLY A O     1 
ATOM   963  N  N     . ASN A 1 116 ? 0.191   -7.607  -5.179  1.00 11.29 ? 116 ASN A N     1 
ATOM   964  C  CA    . ASN A 1 116 ? 1.497   -7.314  -5.747  1.00 11.39 ? 116 ASN A CA    1 
ATOM   965  C  C     . ASN A 1 116 ? 2.191   -8.574  -6.267  1.00 13.43 ? 116 ASN A C     1 
ATOM   966  O  O     . ASN A 1 116 ? 1.711   -9.698  -6.055  1.00 11.32 ? 116 ASN A O     1 
ATOM   967  C  CB    . ASN A 1 116 ? 2.350   -6.582  -4.693  1.00 11.12 ? 116 ASN A CB    1 
ATOM   968  C  CG    . ASN A 1 116 ? 3.695   -6.127  -5.234  1.00 14.54 ? 116 ASN A CG    1 
ATOM   969  O  OD1   . ASN A 1 116 ? 4.717   -6.226  -4.546  1.00 11.93 ? 116 ASN A OD1   1 
ATOM   970  N  ND2   . ASN A 1 116 ? 3.713   -5.649  -6.473  1.00 5.00  ? 116 ASN A ND2   1 
ATOM   971  N  N     . LYS A 1 117 ? 3.246   -8.360  -7.049  1.00 12.43 ? 117 LYS A N     1 
ATOM   972  C  CA    . LYS A 1 117 ? 4.076   -9.422  -7.633  1.00 18.50 ? 117 LYS A CA    1 
ATOM   973  C  C     . LYS A 1 117 ? 3.323   -10.147 -8.731  1.00 16.84 ? 117 LYS A C     1 
ATOM   974  O  O     . LYS A 1 117 ? 3.485   -11.349 -8.900  1.00 18.14 ? 117 LYS A O     1 
ATOM   975  C  CB    . LYS A 1 117 ? 4.555   -10.447 -6.562  1.00 18.39 ? 117 LYS A CB    1 
ATOM   976  C  CG    . LYS A 1 117 ? 5.336   -9.837  -5.393  1.00 15.18 ? 117 LYS A CG    1 
ATOM   977  C  CD    . LYS A 1 117 ? 5.988   -10.853 -4.455  1.00 13.69 ? 117 LYS A CD    1 
ATOM   978  C  CE    . LYS A 1 117 ? 6.346   -10.135 -3.152  1.00 13.71 ? 117 LYS A CE    1 
ATOM   979  N  NZ    . LYS A 1 117 ? 7.567   -10.596 -2.453  1.00 17.21 ? 117 LYS A NZ    1 
ATOM   980  N  N     . CYS A 1 118 ? 2.553   -9.416  -9.529  1.00 18.51 ? 118 CYS A N     1 
ATOM   981  C  CA    . CYS A 1 118 ? 1.757   -10.062 -10.569 1.00 20.13 ? 118 CYS A CA    1 
ATOM   982  C  C     . CYS A 1 118 ? 2.577   -10.549 -11.781 1.00 21.41 ? 118 CYS A C     1 
ATOM   983  O  O     . CYS A 1 118 ? 2.046   -11.212 -12.669 1.00 20.27 ? 118 CYS A O     1 
ATOM   984  C  CB    . CYS A 1 118 ? 0.615   -9.142  -11.009 1.00 18.94 ? 118 CYS A CB    1 
ATOM   985  S  SG    . CYS A 1 118 ? 1.087   -7.766  -12.069 1.00 23.28 ? 118 CYS A SG    1 
ATOM   986  N  N     . ASP A 1 119 ? 3.884   -10.316 -11.752 1.00 23.47 ? 119 ASP A N     1 
ATOM   987  C  CA    . ASP A 1 119 ? 4.805   -10.853 -12.754 1.00 24.25 ? 119 ASP A CA    1 
ATOM   988  C  C     . ASP A 1 119 ? 5.131   -12.339 -12.536 1.00 26.47 ? 119 ASP A C     1 
ATOM   989  O  O     . ASP A 1 119 ? 5.650   -13.005 -13.436 1.00 34.63 ? 119 ASP A O     1 
ATOM   990  C  CB    . ASP A 1 119 ? 6.111   -10.048 -12.758 1.00 24.80 ? 119 ASP A CB    1 
ATOM   991  C  CG    . ASP A 1 119 ? 6.827   -10.104 -11.429 1.00 28.00 ? 119 ASP A CG    1 
ATOM   992  O  OD1   . ASP A 1 119 ? 6.377   -9.403  -10.502 1.00 22.32 ? 119 ASP A OD1   1 
ATOM   993  O  OD2   . ASP A 1 119 ? 7.785   -10.898 -11.304 1.00 16.87 ? 119 ASP A OD2   1 
ATOM   994  N  N     . LEU A 1 120 ? 4.893   -12.834 -11.322 1.00 32.29 ? 120 LEU A N     1 
ATOM   995  C  CA    . LEU A 1 120 ? 5.153   -14.237 -10.975 1.00 30.92 ? 120 LEU A CA    1 
ATOM   996  C  C     . LEU A 1 120 ? 4.183   -15.199 -11.625 1.00 31.36 ? 120 LEU A C     1 
ATOM   997  O  O     . LEU A 1 120 ? 2.968   -14.997 -11.561 1.00 29.32 ? 120 LEU A O     1 
ATOM   998  C  CB    . LEU A 1 120 ? 5.068   -14.455 -9.468  1.00 31.79 ? 120 LEU A CB    1 
ATOM   999  C  CG    . LEU A 1 120 ? 6.045   -13.722 -8.558  1.00 28.81 ? 120 LEU A CG    1 
ATOM   1000 C  CD1   . LEU A 1 120 ? 5.765   -14.125 -7.130  1.00 30.51 ? 120 LEU A CD1   1 
ATOM   1001 C  CD2   . LEU A 1 120 ? 7.466   -14.053 -8.922  1.00 26.42 ? 120 LEU A CD2   1 
ATOM   1002 N  N     . ALA A 1 121 ? 4.723   -16.353 -12.023 1.00 35.89 ? 121 ALA A N     1 
ATOM   1003 C  CA    . ALA A 1 121 ? 3.951   -17.428 -12.639 1.00 33.86 ? 121 ALA A CA    1 
ATOM   1004 C  C     . ALA A 1 121 ? 2.997   -18.093 -11.657 1.00 32.62 ? 121 ALA A C     1 
ATOM   1005 O  O     . ALA A 1 121 ? 1.854   -18.415 -11.997 1.00 36.14 ? 121 ALA A O     1 
ATOM   1006 C  CB    . ALA A 1 121 ? 4.897   -18.467 -13.227 1.00 27.14 ? 121 ALA A CB    1 
ATOM   1007 N  N     . ALA A 1 122 ? 3.473   -18.287 -10.432 1.00 32.55 ? 122 ALA A N     1 
ATOM   1008 C  CA    . ALA A 1 122 ? 2.859   -19.225 -9.506  1.00 32.47 ? 122 ALA A CA    1 
ATOM   1009 C  C     . ALA A 1 122 ? 1.960   -18.542 -8.468  1.00 32.14 ? 122 ALA A C     1 
ATOM   1010 O  O     . ALA A 1 122 ? 2.289   -18.520 -7.276  1.00 34.98 ? 122 ALA A O     1 
ATOM   1011 C  CB    . ALA A 1 122 ? 3.947   -20.031 -8.820  1.00 34.99 ? 122 ALA A CB    1 
ATOM   1012 N  N     . ARG A 1 123 ? 0.824   -17.996 -8.910  1.00 30.59 ? 123 ARG A N     1 
ATOM   1013 C  CA    . ARG A 1 123 ? -0.093  -17.328 -7.986  1.00 30.24 ? 123 ARG A CA    1 
ATOM   1014 C  C     . ARG A 1 123 ? -0.974  -18.289 -7.205  1.00 27.43 ? 123 ARG A C     1 
ATOM   1015 O  O     . ARG A 1 123 ? -1.334  -19.352 -7.696  1.00 30.25 ? 123 ARG A O     1 
ATOM   1016 C  CB    . ARG A 1 123 ? -0.968  -16.292 -8.699  1.00 26.17 ? 123 ARG A CB    1 
ATOM   1017 C  CG    . ARG A 1 123 ? -1.692  -16.735 -9.952  1.00 29.92 ? 123 ARG A CG    1 
ATOM   1018 C  CD    . ARG A 1 123 ? -2.232  -15.506 -10.700 1.00 26.85 ? 123 ARG A CD    1 
ATOM   1019 N  NE    . ARG A 1 123 ? -3.112  -14.698 -9.857  1.00 26.42 ? 123 ARG A NE    1 
ATOM   1020 C  CZ    . ARG A 1 123 ? -3.328  -13.386 -9.992  1.00 22.76 ? 123 ARG A CZ    1 
ATOM   1021 N  NH1   . ARG A 1 123 ? -2.609  -12.653 -10.830 1.00 22.84 ? 123 ARG A NH1   1 
ATOM   1022 N  NH2   . ARG A 1 123 ? -4.221  -12.788 -9.217  1.00 20.88 ? 123 ARG A NH2   1 
ATOM   1023 N  N     . THR A 1 124 ? -1.240  -17.947 -5.953  1.00 22.31 ? 124 THR A N     1 
ATOM   1024 C  CA    . THR A 1 124 ? -2.073  -18.775 -5.104  1.00 25.15 ? 124 THR A CA    1 
ATOM   1025 C  C     . THR A 1 124 ? -3.389  -18.081 -4.763  1.00 23.63 ? 124 THR A C     1 
ATOM   1026 O  O     . THR A 1 124 ? -4.276  -18.675 -4.147  1.00 21.94 ? 124 THR A O     1 
ATOM   1027 C  CB    . THR A 1 124 ? -1.324  -19.186 -3.802  1.00 28.87 ? 124 THR A CB    1 
ATOM   1028 O  OG1   . THR A 1 124 ? -0.876  -18.021 -3.104  1.00 35.22 ? 124 THR A OG1   1 
ATOM   1029 C  CG2   . THR A 1 124 ? -0.108  -20.036 -4.139  1.00 27.50 ? 124 THR A CG2   1 
ATOM   1030 N  N     . VAL A 1 125 ? -3.512  -16.820 -5.164  1.00 24.23 ? 125 VAL A N     1 
ATOM   1031 C  CA    . VAL A 1 125 ? -4.738  -16.058 -4.937  1.00 22.25 ? 125 VAL A CA    1 
ATOM   1032 C  C     . VAL A 1 125 ? -5.182  -15.534 -6.295  1.00 24.69 ? 125 VAL A C     1 
ATOM   1033 O  O     . VAL A 1 125 ? -4.481  -14.731 -6.918  1.00 18.51 ? 125 VAL A O     1 
ATOM   1034 C  CB    . VAL A 1 125 ? -4.527  -14.871 -3.978  1.00 24.02 ? 125 VAL A CB    1 
ATOM   1035 C  CG1   . VAL A 1 125 ? -5.874  -14.200 -3.645  1.00 15.49 ? 125 VAL A CG1   1 
ATOM   1036 C  CG2   . VAL A 1 125 ? -3.815  -15.321 -2.684  1.00 20.93 ? 125 VAL A CG2   1 
ATOM   1037 N  N     . GLU A 1 126 ? -6.280  -16.079 -6.802  1.00 21.04 ? 126 GLU A N     1 
ATOM   1038 C  CA    . GLU A 1 126 ? -6.847  -15.624 -8.069  1.00 25.95 ? 126 GLU A CA    1 
ATOM   1039 C  C     . GLU A 1 126 ? -7.360  -14.192 -7.957  1.00 24.24 ? 126 GLU A C     1 
ATOM   1040 O  O     . GLU A 1 126 ? -7.926  -13.805 -6.938  1.00 18.63 ? 126 GLU A O     1 
ATOM   1041 C  CB    . GLU A 1 126 ? -7.996  -16.541 -8.487  1.00 30.14 ? 126 GLU A CB    1 
ATOM   1042 C  CG    . GLU A 1 126 ? -7.639  -18.013 -8.476  1.00 39.28 ? 126 GLU A CG    1 
ATOM   1043 C  CD    . GLU A 1 126 ? -7.032  -18.471 -9.777  1.00 43.36 ? 126 GLU A CD    1 
ATOM   1044 O  OE1   . GLU A 1 126 ? -5.904  -18.043 -10.102 1.00 51.52 ? 126 GLU A OE1   1 
ATOM   1045 O  OE2   . GLU A 1 126 ? -7.685  -19.270 -10.476 1.00 54.77 ? 126 GLU A OE2   1 
ATOM   1046 N  N     . SER A 1 127 ? -7.264  -13.442 -9.050  1.00 26.87 ? 127 SER A N     1 
ATOM   1047 C  CA    . SER A 1 127 ? -7.788  -12.079 -9.087  1.00 28.58 ? 127 SER A CA    1 
ATOM   1048 C  C     . SER A 1 127 ? -9.241  -12.017 -8.630  1.00 27.32 ? 127 SER A C     1 
ATOM   1049 O  O     . SER A 1 127 ? -9.595  -11.178 -7.813  1.00 24.25 ? 127 SER A O     1 
ATOM   1050 C  CB    . SER A 1 127 ? -7.664  -11.484 -10.498 1.00 31.94 ? 127 SER A CB    1 
ATOM   1051 O  OG    . SER A 1 127 ? -8.184  -10.157 -10.549 1.00 35.20 ? 127 SER A OG    1 
ATOM   1052 N  N     . ARG A 1 128 ? -10.063 -12.956 -9.087  1.00 31.51 ? 128 ARG A N     1 
ATOM   1053 C  CA    . ARG A 1 128 ? -11.481 -12.980 -8.708  1.00 32.74 ? 128 ARG A CA    1 
ATOM   1054 C  C     . ARG A 1 128 ? -11.664 -12.979 -7.183  1.00 29.26 ? 128 ARG A C     1 
ATOM   1055 O  O     . ARG A 1 128 ? -12.500 -12.255 -6.649  1.00 27.21 ? 128 ARG A O     1 
ATOM   1056 C  CB    . ARG A 1 128 ? -12.169 -14.210 -9.319  1.00 39.93 ? 128 ARG A CB    1 
ATOM   1057 C  CG    . ARG A 1 128 ? -13.697 -14.255 -9.153  1.00 42.24 ? 128 ARG A CG    1 
ATOM   1058 C  CD    . ARG A 1 128 ? -14.397 -13.200 -10.001 1.00 44.03 ? 128 ARG A CD    1 
ATOM   1059 N  NE    . ARG A 1 128 ? -14.633 -13.636 -11.379 1.00 43.65 ? 128 ARG A NE    1 
ATOM   1060 C  CZ    . ARG A 1 128 ? -14.361 -12.898 -12.455 1.00 45.57 ? 128 ARG A CZ    1 
ATOM   1061 N  NH1   . ARG A 1 128 ? -13.690 -11.758 -12.332 1.00 47.14 ? 128 ARG A NH1   1 
ATOM   1062 N  NH2   . ARG A 1 128 ? -14.711 -13.326 -13.665 1.00 49.32 ? 128 ARG A NH2   1 
ATOM   1063 N  N     . GLN A 1 129 ? -10.811 -13.730 -6.494  1.00 26.76 ? 129 GLN A N     1 
ATOM   1064 C  CA    . GLN A 1 129 ? -10.872 -13.854 -5.045  1.00 23.03 ? 129 GLN A CA    1 
ATOM   1065 C  C     . GLN A 1 129 ? -10.745 -12.454 -4.455  1.00 19.08 ? 129 GLN A C     1 
ATOM   1066 O  O     . GLN A 1 129 ? -11.594 -12.011 -3.695  1.00 20.90 ? 129 GLN A O     1 
ATOM   1067 C  CB    . GLN A 1 129 ? -9.706  -14.734 -4.566  1.00 29.98 ? 129 GLN A CB    1 
ATOM   1068 C  CG    . GLN A 1 129 ? -10.022 -15.804 -3.531  1.00 29.64 ? 129 GLN A CG    1 
ATOM   1069 C  CD    . GLN A 1 129 ? -8.812  -16.711 -3.261  1.00 35.86 ? 129 GLN A CD    1 
ATOM   1070 O  OE1   . GLN A 1 129 ? -8.118  -17.122 -4.188  1.00 40.24 ? 129 GLN A OE1   1 
ATOM   1071 N  NE2   . GLN A 1 129 ? -8.544  -16.999 -1.988  1.00 37.56 ? 129 GLN A NE2   1 
ATOM   1072 N  N     . ALA A 1 130 ? -9.720  -11.733 -4.889  1.00 18.08 ? 130 ALA A N     1 
ATOM   1073 C  CA    . ALA A 1 130 ? -9.401  -10.426 -4.337  1.00 17.92 ? 130 ALA A CA    1 
ATOM   1074 C  C     . ALA A 1 130 ? -10.380 -9.348  -4.816  1.00 17.49 ? 130 ALA A C     1 
ATOM   1075 O  O     . ALA A 1 130 ? -10.820 -8.497  -4.040  1.00 21.63 ? 130 ALA A O     1 
ATOM   1076 C  CB    . ALA A 1 130 ? -7.986  -10.062 -4.712  1.00 22.37 ? 130 ALA A CB    1 
ATOM   1077 N  N     . GLN A 1 131 ? -10.767 -9.452  -6.082  1.00 22.77 ? 131 GLN A N     1 
ATOM   1078 C  CA    . GLN A 1 131 ? -11.736 -8.572  -6.724  1.00 20.15 ? 131 GLN A CA    1 
ATOM   1079 C  C     . GLN A 1 131 ? -12.997 -8.498  -5.889  1.00 19.75 ? 131 GLN A C     1 
ATOM   1080 O  O     . GLN A 1 131 ? -13.561 -7.428  -5.656  1.00 21.74 ? 131 GLN A O     1 
ATOM   1081 C  CB    . GLN A 1 131 ? -12.078 -9.130  -8.115  1.00 19.91 ? 131 GLN A CB    1 
ATOM   1082 C  CG    . GLN A 1 131 ? -12.430 -8.114  -9.170  1.00 25.73 ? 131 GLN A CG    1 
ATOM   1083 C  CD    . GLN A 1 131 ? -11.594 -6.878  -9.028  1.00 32.79 ? 131 GLN A CD    1 
ATOM   1084 O  OE1   . GLN A 1 131 ? -11.855 -6.057  -8.148  1.00 41.65 ? 131 GLN A OE1   1 
ATOM   1085 N  NE2   . GLN A 1 131 ? -10.498 -6.802  -9.779  1.00 35.86 ? 131 GLN A NE2   1 
ATOM   1086 N  N     . ASP A 1 132 ? -13.430 -9.650  -5.419  1.00 17.82 ? 132 ASP A N     1 
ATOM   1087 C  CA    . ASP A 1 132 ? -14.656 -9.709  -4.675  1.00 23.96 ? 132 ASP A CA    1 
ATOM   1088 C  C     . ASP A 1 132 ? -14.467 -9.506  -3.173  1.00 24.60 ? 132 ASP A C     1 
ATOM   1089 O  O     . ASP A 1 132 ? -15.416 -9.178  -2.478  1.00 26.52 ? 132 ASP A O     1 
ATOM   1090 C  CB    . ASP A 1 132 ? -15.388 -11.005 -5.018  1.00 30.94 ? 132 ASP A CB    1 
ATOM   1091 C  CG    . ASP A 1 132 ? -15.907 -10.997 -6.441  1.00 39.50 ? 132 ASP A CG    1 
ATOM   1092 O  OD1   . ASP A 1 132 ? -15.121 -11.259 -7.390  1.00 43.38 ? 132 ASP A OD1   1 
ATOM   1093 O  OD2   . ASP A 1 132 ? -17.078 -10.595 -6.652  1.00 43.08 ? 132 ASP A OD2   1 
ATOM   1094 N  N     . LEU A 1 133 ? -13.221 -9.445  -2.713  1.00 20.94 ? 133 LEU A N     1 
ATOM   1095 C  CA    . LEU A 1 133 ? -12.971 -8.914  -1.376  1.00 16.33 ? 133 LEU A CA    1 
ATOM   1096 C  C     . LEU A 1 133 ? -13.064 -7.394  -1.422  1.00 17.58 ? 133 LEU A C     1 
ATOM   1097 O  O     . LEU A 1 133 ? -13.732 -6.778  -0.591  1.00 15.49 ? 133 LEU A O     1 
ATOM   1098 C  CB    . LEU A 1 133 ? -11.587 -9.319  -0.875  1.00 13.33 ? 133 LEU A CB    1 
ATOM   1099 C  CG    . LEU A 1 133 ? -11.290 -8.894  0.554   1.00 12.99 ? 133 LEU A CG    1 
ATOM   1100 C  CD1   . LEU A 1 133 ? -12.196 -9.652  1.499   1.00 16.08 ? 133 LEU A CD1   1 
ATOM   1101 C  CD2   . LEU A 1 133 ? -9.829  -9.142  0.888   1.00 16.67 ? 133 LEU A CD2   1 
ATOM   1102 N  N     . ALA A 1 134 ? -12.414 -6.802  -2.421  1.00 17.32 ? 134 ALA A N     1 
ATOM   1103 C  CA    . ALA A 1 134 ? -12.483 -5.353  -2.668  1.00 12.94 ? 134 ALA A CA    1 
ATOM   1104 C  C     . ALA A 1 134 ? -13.920 -4.894  -2.839  1.00 17.15 ? 134 ALA A C     1 
ATOM   1105 O  O     . ALA A 1 134 ? -14.333 -3.889  -2.264  1.00 16.89 ? 134 ALA A O     1 
ATOM   1106 C  CB    . ALA A 1 134 ? -11.682 -4.985  -3.901  1.00 9.67  ? 134 ALA A CB    1 
ATOM   1107 N  N     . ARG A 1 135 ? -14.661 -5.588  -3.694  1.00 16.56 ? 135 ARG A N     1 
ATOM   1108 C  CA    . ARG A 1 135 ? -16.072 -5.305  -3.858  1.00 19.83 ? 135 ARG A CA    1 
ATOM   1109 C  C     . ARG A 1 135 ? -16.733 -5.300  -2.485  1.00 21.09 ? 135 ARG A C     1 
ATOM   1110 O  O     . ARG A 1 135 ? -17.401 -4.332  -2.115  1.00 24.03 ? 135 ARG A O     1 
ATOM   1111 C  CB    . ARG A 1 135 ? -16.718 -6.364  -4.757  1.00 23.90 ? 135 ARG A CB    1 
ATOM   1112 C  CG    . ARG A 1 135 ? -18.209 -6.174  -4.955  1.00 24.94 ? 135 ARG A CG    1 
ATOM   1113 C  CD    . ARG A 1 135 ? -18.521 -5.056  -5.948  1.00 36.63 ? 135 ARG A CD    1 
ATOM   1114 N  NE    . ARG A 1 135 ? -19.714 -4.304  -5.555  1.00 38.83 ? 135 ARG A NE    1 
ATOM   1115 C  CZ    . ARG A 1 135 ? -20.782 -4.117  -6.322  1.00 38.04 ? 135 ARG A CZ    1 
ATOM   1116 N  NH1   . ARG A 1 135 ? -20.773 -4.485  -7.599  1.00 38.76 ? 135 ARG A NH1   1 
ATOM   1117 N  NH2   . ARG A 1 135 ? -21.838 -3.500  -5.822  1.00 36.24 ? 135 ARG A NH2   1 
ATOM   1118 N  N     . SER A 1 136 ? -16.400 -6.315  -1.688  1.00 27.96 ? 136 SER A N     1 
ATOM   1119 C  CA    . SER A 1 136 ? -16.914 -6.471  -0.325  1.00 31.49 ? 136 SER A CA    1 
ATOM   1120 C  C     . SER A 1 136 ? -16.544 -5.316  0.606   1.00 33.24 ? 136 SER A C     1 
ATOM   1121 O  O     . SER A 1 136 ? -17.222 -5.099  1.606   1.00 38.42 ? 136 SER A O     1 
ATOM   1122 C  CB    . SER A 1 136 ? -16.424 -7.800  0.282   1.00 35.05 ? 136 SER A CB    1 
ATOM   1123 O  OG    . SER A 1 136 ? -16.610 -7.866  1.693   1.00 41.85 ? 136 SER A OG    1 
ATOM   1124 N  N     . TYR A 1 137 ? -15.419 -4.653  0.352   1.00 28.24 ? 137 TYR A N     1 
ATOM   1125 C  CA    . TYR A 1 137 ? -15.042 -3.480  1.141   1.00 21.62 ? 137 TYR A CA    1 
ATOM   1126 C  C     . TYR A 1 137 ? -15.519 -2.173  0.494   1.00 18.36 ? 137 TYR A C     1 
ATOM   1127 O  O     . TYR A 1 137 ? -15.437 -1.110  1.106   1.00 19.31 ? 137 TYR A O     1 
ATOM   1128 C  CB    . TYR A 1 137 ? -13.522 -3.416  1.325   1.00 20.14 ? 137 TYR A CB    1 
ATOM   1129 C  CG    . TYR A 1 137 ? -12.890 -4.518  2.141   1.00 16.37 ? 137 TYR A CG    1 
ATOM   1130 C  CD1   . TYR A 1 137 ? -13.591 -5.177  3.141   1.00 18.83 ? 137 TYR A CD1   1 
ATOM   1131 C  CD2   . TYR A 1 137 ? -11.572 -4.892  1.905   1.00 18.14 ? 137 TYR A CD2   1 
ATOM   1132 C  CE1   . TYR A 1 137 ? -12.992 -6.173  3.893   1.00 20.09 ? 137 TYR A CE1   1 
ATOM   1133 C  CE2   . TYR A 1 137 ? -10.965 -5.882  2.653   1.00 12.04 ? 137 TYR A CE2   1 
ATOM   1134 C  CZ    . TYR A 1 137 ? -11.678 -6.518  3.647   1.00 10.83 ? 137 TYR A CZ    1 
ATOM   1135 O  OH    . TYR A 1 137 ? -11.072 -7.499  4.398   1.00 19.12 ? 137 TYR A OH    1 
ATOM   1136 N  N     . GLY A 1 138 ? -15.906 -2.239  -0.775  1.00 8.70  ? 138 GLY A N     1 
ATOM   1137 C  CA    . GLY A 1 138 ? -16.205 -1.029  -1.510  1.00 12.51 ? 138 GLY A CA    1 
ATOM   1138 C  C     . GLY A 1 138 ? -14.960 -0.222  -1.809  1.00 15.07 ? 138 GLY A C     1 
ATOM   1139 O  O     . GLY A 1 138 ? -14.955 0.993   -1.627  1.00 22.17 ? 138 GLY A O     1 
ATOM   1140 N  N     . ILE A 1 139 ? -13.887 -0.890  -2.216  1.00 15.48 ? 139 ILE A N     1 
ATOM   1141 C  CA    . ILE A 1 139 ? -12.648 -0.197  -2.568  1.00 14.31 ? 139 ILE A CA    1 
ATOM   1142 C  C     . ILE A 1 139 ? -12.080 -0.771  -3.872  1.00 13.74 ? 139 ILE A C     1 
ATOM   1143 O  O     . ILE A 1 139 ? -12.443 -1.881  -4.268  1.00 15.39 ? 139 ILE A O     1 
ATOM   1144 C  CB    . ILE A 1 139 ? -11.602 -0.283  -1.448  1.00 12.15 ? 139 ILE A CB    1 
ATOM   1145 C  CG1   . ILE A 1 139 ? -11.293 -1.736  -1.086  1.00 12.48 ? 139 ILE A CG1   1 
ATOM   1146 C  CG2   . ILE A 1 139 ? -12.078 0.486   -0.223  1.00 9.61  ? 139 ILE A CG2   1 
ATOM   1147 C  CD1   . ILE A 1 139 ? -10.017 -1.901  -0.297  1.00 15.98 ? 139 ILE A CD1   1 
ATOM   1148 N  N     . PRO A 1 140 ? -11.281 0.016   -4.617  1.00 7.88  ? 140 PRO A N     1 
ATOM   1149 C  CA    . PRO A 1 140 ? -10.678 -0.482  -5.859  1.00 7.00  ? 140 PRO A CA    1 
ATOM   1150 C  C     . PRO A 1 140 ? -9.723  -1.619  -5.552  1.00 7.99  ? 140 PRO A C     1 
ATOM   1151 O  O     . PRO A 1 140 ? -9.080  -1.624  -4.501  1.00 6.15  ? 140 PRO A O     1 
ATOM   1152 C  CB    . PRO A 1 140 ? -9.909  0.725   -6.407  1.00 9.73  ? 140 PRO A CB    1 
ATOM   1153 C  CG    . PRO A 1 140 ? -10.545 1.895   -5.745  1.00 10.27 ? 140 PRO A CG    1 
ATOM   1154 C  CD    . PRO A 1 140 ? -10.848 1.400   -4.355  1.00 5.00  ? 140 PRO A CD    1 
ATOM   1155 N  N     . TYR A 1 141 ? -9.584  -2.525  -6.513  1.00 5.00  ? 141 TYR A N     1 
ATOM   1156 C  CA    . TYR A 1 141 ? -8.567  -3.570  -6.487  1.00 7.06  ? 141 TYR A CA    1 
ATOM   1157 C  C     . TYR A 1 141 ? -7.636  -3.383  -7.680  1.00 6.78  ? 141 TYR A C     1 
ATOM   1158 O  O     . TYR A 1 141 ? -8.105  -3.317  -8.822  1.00 6.65  ? 141 TYR A O     1 
ATOM   1159 C  CB    . TYR A 1 141 ? -9.231  -4.942  -6.573  1.00 6.12  ? 141 TYR A CB    1 
ATOM   1160 C  CG    . TYR A 1 141 ? -8.224  -6.049  -6.675  1.00 13.95 ? 141 TYR A CG    1 
ATOM   1161 C  CD1   . TYR A 1 141 ? -7.283  -6.239  -5.675  1.00 14.08 ? 141 TYR A CD1   1 
ATOM   1162 C  CD2   . TYR A 1 141 ? -8.213  -6.903  -7.755  1.00 10.99 ? 141 TYR A CD2   1 
ATOM   1163 C  CE1   . TYR A 1 141 ? -6.355  -7.249  -5.748  1.00 16.36 ? 141 TYR A CE1   1 
ATOM   1164 C  CE2   . TYR A 1 141 ? -7.291  -7.929  -7.835  1.00 21.56 ? 141 TYR A CE2   1 
ATOM   1165 C  CZ    . TYR A 1 141 ? -6.364  -8.100  -6.827  1.00 17.33 ? 141 TYR A CZ    1 
ATOM   1166 O  OH    . TYR A 1 141 ? -5.443  -9.122  -6.892  1.00 23.90 ? 141 TYR A OH    1 
ATOM   1167 N  N     . ILE A 1 142 ? -6.335  -3.271  -7.426  1.00 7.35  ? 142 ILE A N     1 
ATOM   1168 C  CA    . ILE A 1 142 ? -5.365  -3.082  -8.505  1.00 5.27  ? 142 ILE A CA    1 
ATOM   1169 C  C     . ILE A 1 142 ? -4.186  -4.044  -8.369  1.00 9.22  ? 142 ILE A C     1 
ATOM   1170 O  O     . ILE A 1 142 ? -3.578  -4.140  -7.312  1.00 13.89 ? 142 ILE A O     1 
ATOM   1171 C  CB    . ILE A 1 142 ? -4.856  -1.634  -8.525  1.00 7.81  ? 142 ILE A CB    1 
ATOM   1172 C  CG1   . ILE A 1 142 ? -5.982  -0.725  -8.993  1.00 9.52  ? 142 ILE A CG1   1 
ATOM   1173 C  CG2   . ILE A 1 142 ? -3.667  -1.470  -9.482  1.00 6.68  ? 142 ILE A CG2   1 
ATOM   1174 C  CD1   . ILE A 1 142 ? -5.710  0.721   -8.782  1.00 13.69 ? 142 ILE A CD1   1 
ATOM   1175 N  N     . GLU A 1 143 ? -3.857  -4.765  -9.432  1.00 8.62  ? 143 GLU A N     1 
ATOM   1176 C  CA    . GLU A 1 143 ? -2.725  -5.677  -9.384  1.00 5.00  ? 143 GLU A CA    1 
ATOM   1177 C  C     . GLU A 1 143 ? -1.458  -4.972  -9.850  1.00 12.13 ? 143 GLU A C     1 
ATOM   1178 O  O     . GLU A 1 143 ? -1.485  -4.267  -10.855 1.00 13.81 ? 143 GLU A O     1 
ATOM   1179 C  CB    . GLU A 1 143 ? -3.004  -6.894  -10.260 1.00 5.45  ? 143 GLU A CB    1 
ATOM   1180 C  CG    . GLU A 1 143 ? -4.112  -7.759  -9.727  1.00 6.00  ? 143 GLU A CG    1 
ATOM   1181 C  CD    . GLU A 1 143 ? -3.977  -9.215  -10.118 1.00 11.94 ? 143 GLU A CD    1 
ATOM   1182 O  OE1   . GLU A 1 143 ? -3.106  -9.564  -10.940 1.00 6.81  ? 143 GLU A OE1   1 
ATOM   1183 O  OE2   . GLU A 1 143 ? -4.735  -10.038 -9.569  1.00 14.07 ? 143 GLU A OE2   1 
ATOM   1184 N  N     . THR A 1 144 ? -0.353  -5.158  -9.127  1.00 6.92  ? 144 THR A N     1 
ATOM   1185 C  CA    . THR A 1 144 ? 0.897   -4.474  -9.437  1.00 10.83 ? 144 THR A CA    1 
ATOM   1186 C  C     . THR A 1 144 ? 2.088   -5.421  -9.633  1.00 11.87 ? 144 THR A C     1 
ATOM   1187 O  O     . THR A 1 144 ? 2.088   -6.556  -9.137  1.00 16.37 ? 144 THR A O     1 
ATOM   1188 C  CB    . THR A 1 144 ? 1.277   -3.516  -8.315  1.00 5.00  ? 144 THR A CB    1 
ATOM   1189 O  OG1   . THR A 1 144 ? 1.289   -4.242  -7.087  1.00 7.04  ? 144 THR A OG1   1 
ATOM   1190 C  CG2   . THR A 1 144 ? 0.275   -2.371  -8.190  1.00 5.00  ? 144 THR A CG2   1 
ATOM   1191 N  N     . SER A 1 145 ? 3.177   -4.879  -10.173 1.00 11.91 ? 145 SER A N     1 
ATOM   1192 C  CA    . SER A 1 145 ? 4.488   -5.513  -10.057 1.00 14.51 ? 145 SER A CA    1 
ATOM   1193 C  C     . SER A 1 145 ? 5.537   -4.428  -9.891  1.00 10.62 ? 145 SER A C     1 
ATOM   1194 O  O     . SER A 1 145 ? 5.655   -3.543  -10.733 1.00 10.21 ? 145 SER A O     1 
ATOM   1195 C  CB    . SER A 1 145 ? 4.806   -6.362  -11.293 1.00 15.69 ? 145 SER A CB    1 
ATOM   1196 O  OG    . SER A 1 145 ? 6.166   -6.769  -11.284 1.00 20.03 ? 145 SER A OG    1 
ATOM   1197 N  N     . ALA A 1 146 ? 6.207   -4.432  -8.742  1.00 15.02 ? 146 ALA A N     1 
ATOM   1198 C  CA    . ALA A 1 146 ? 7.333   -3.542  -8.479  1.00 14.20 ? 146 ALA A CA    1 
ATOM   1199 C  C     . ALA A 1 146 ? 8.516   -3.844  -9.404  1.00 17.78 ? 146 ALA A C     1 
ATOM   1200 O  O     . ALA A 1 146 ? 9.375   -3.000  -9.634  1.00 18.63 ? 146 ALA A O     1 
ATOM   1201 C  CB    . ALA A 1 146 ? 7.768   -3.690  -7.023  1.00 16.68 ? 146 ALA A CB    1 
ATOM   1202 N  N     . LYS A 1 147 ? 8.603   -5.101  -9.818  1.00 17.03 ? 147 LYS A N     1 
ATOM   1203 C  CA    . LYS A 1 147 ? 9.654   -5.584  -10.687 1.00 20.67 ? 147 LYS A CA    1 
ATOM   1204 C  C     . LYS A 1 147 ? 9.554   -5.019  -12.099 1.00 21.54 ? 147 LYS A C     1 
ATOM   1205 O  O     . LYS A 1 147 ? 10.563  -4.634  -12.680 1.00 28.82 ? 147 LYS A O     1 
ATOM   1206 C  CB    . LYS A 1 147 ? 9.614   -7.112  -10.728 1.00 20.37 ? 147 LYS A CB    1 
ATOM   1207 C  CG    . LYS A 1 147 ? 10.459  -7.735  -11.808 1.00 21.20 ? 147 LYS A CG    1 
ATOM   1208 C  CD    . LYS A 1 147 ? 11.263  -8.912  -11.291 1.00 26.42 ? 147 LYS A CD    1 
ATOM   1209 C  CE    . LYS A 1 147 ? 11.797  -9.733  -12.444 1.00 28.35 ? 147 LYS A CE    1 
ATOM   1210 N  NZ    . LYS A 1 147 ? 10.697  -10.229 -13.337 1.00 39.40 ? 147 LYS A NZ    1 
ATOM   1211 N  N     . THR A 1 148 ? 8.353   -5.045  -12.678 1.00 26.14 ? 148 THR A N     1 
ATOM   1212 C  CA    . THR A 1 148 ? 8.154   -4.571  -14.053 1.00 23.28 ? 148 THR A CA    1 
ATOM   1213 C  C     . THR A 1 148 ? 7.550   -3.154  -14.171 1.00 26.03 ? 148 THR A C     1 
ATOM   1214 O  O     . THR A 1 148 ? 7.414   -2.620  -15.290 1.00 32.96 ? 148 THR A O     1 
ATOM   1215 C  CB    . THR A 1 148 ? 7.272   -5.568  -14.885 1.00 28.71 ? 148 THR A CB    1 
ATOM   1216 O  OG1   . THR A 1 148 ? 5.898   -5.457  -14.492 1.00 25.28 ? 148 THR A OG1   1 
ATOM   1217 C  CG2   . THR A 1 148 ? 7.736   -7.006  -14.684 1.00 24.42 ? 148 THR A CG2   1 
ATOM   1218 N  N     . ARG A 1 149 ? 7.137   -2.590  -13.029 1.00 20.36 ? 149 ARG A N     1 
ATOM   1219 C  CA    . ARG A 1 149 ? 6.539   -1.251  -12.909 1.00 21.16 ? 149 ARG A CA    1 
ATOM   1220 C  C     . ARG A 1 149 ? 5.054   -1.242  -13.285 1.00 18.65 ? 149 ARG A C     1 
ATOM   1221 O  O     . ARG A 1 149 ? 4.353   -0.252  -13.057 1.00 27.44 ? 149 ARG A O     1 
ATOM   1222 C  CB    . ARG A 1 149 ? 7.322   -0.208  -13.727 1.00 13.95 ? 149 ARG A CB    1 
ATOM   1223 C  CG    . ARG A 1 149 ? 7.115   1.235   -13.242 1.00 22.47 ? 149 ARG A CG    1 
ATOM   1224 C  CD    . ARG A 1 149 ? 8.432   1.858   -12.795 1.00 29.68 ? 149 ARG A CD    1 
ATOM   1225 N  NE    . ARG A 1 149 ? 8.278   3.106   -12.026 1.00 17.74 ? 149 ARG A NE    1 
ATOM   1226 C  CZ    . ARG A 1 149 ? 7.509   4.142   -12.372 1.00 11.58 ? 149 ARG A CZ    1 
ATOM   1227 N  NH1   . ARG A 1 149 ? 6.770   4.090   -13.470 1.00 24.36 ? 149 ARG A NH1   1 
ATOM   1228 N  NH2   . ARG A 1 149 ? 7.490   5.236   -11.616 1.00 11.66 ? 149 ARG A NH2   1 
ATOM   1229 N  N     . GLN A 1 150 ? 4.541   -2.410  -13.657 1.00 18.69 ? 150 GLN A N     1 
ATOM   1230 C  CA    . GLN A 1 150 ? 3.127   -2.599  -13.974 1.00 18.92 ? 150 GLN A CA    1 
ATOM   1231 C  C     . GLN A 1 150 ? 2.209   -2.234  -12.807 1.00 15.98 ? 150 GLN A C     1 
ATOM   1232 O  O     . GLN A 1 150 ? 2.420   -2.656  -11.671 1.00 17.92 ? 150 GLN A O     1 
ATOM   1233 C  CB    . GLN A 1 150 ? 2.874   -4.056  -14.354 1.00 22.93 ? 150 GLN A CB    1 
ATOM   1234 C  CG    . GLN A 1 150 ? 2.329   -4.262  -15.757 1.00 45.66 ? 150 GLN A CG    1 
ATOM   1235 C  CD    . GLN A 1 150 ? 3.425   -4.592  -16.766 1.00 54.82 ? 150 GLN A CD    1 
ATOM   1236 O  OE1   . GLN A 1 150 ? 3.850   -3.730  -17.557 1.00 58.13 ? 150 GLN A OE1   1 
ATOM   1237 N  NE2   . GLN A 1 150 ? 3.887   -5.846  -16.749 1.00 56.70 ? 150 GLN A NE2   1 
ATOM   1238 N  N     . GLY A 1 151 ? 1.204   -1.425  -13.088 1.00 11.01 ? 151 GLY A N     1 
ATOM   1239 C  CA    . GLY A 1 151 ? 0.238   -1.080  -12.061 1.00 9.53  ? 151 GLY A CA    1 
ATOM   1240 C  C     . GLY A 1 151 ? 0.710   -0.122  -10.985 1.00 11.58 ? 151 GLY A C     1 
ATOM   1241 O  O     . GLY A 1 151 ? -0.075  0.321   -10.158 1.00 10.11 ? 151 GLY A O     1 
ATOM   1242 N  N     . VAL A 1 152 ? 1.996   0.192   -10.968 1.00 14.68 ? 152 VAL A N     1 
ATOM   1243 C  CA    . VAL A 1 152 ? 2.527   0.967   -9.858  1.00 12.03 ? 152 VAL A CA    1 
ATOM   1244 C  C     . VAL A 1 152 ? 1.958   2.377   -9.725  1.00 13.44 ? 152 VAL A C     1 
ATOM   1245 O  O     . VAL A 1 152 ? 1.479   2.760   -8.653  1.00 8.27  ? 152 VAL A O     1 
ATOM   1246 C  CB    . VAL A 1 152 ? 4.043   1.042   -9.909  1.00 14.58 ? 152 VAL A CB    1 
ATOM   1247 C  CG1   . VAL A 1 152 ? 4.543   1.895   -8.761  1.00 18.45 ? 152 VAL A CG1   1 
ATOM   1248 C  CG2   . VAL A 1 152 ? 4.641   -0.381  -9.811  1.00 9.22  ? 152 VAL A CG2   1 
ATOM   1249 N  N     . GLU A 1 153 ? 1.991   3.151   -10.806 1.00 15.42 ? 153 GLU A N     1 
ATOM   1250 C  CA    . GLU A 1 153 ? 1.492   4.522   -10.731 1.00 19.40 ? 153 GLU A CA    1 
ATOM   1251 C  C     . GLU A 1 153 ? -0.017  4.536   -10.653 1.00 10.78 ? 153 GLU A C     1 
ATOM   1252 O  O     . GLU A 1 153 ? -0.589  5.292   -9.868  1.00 9.05  ? 153 GLU A O     1 
ATOM   1253 C  CB    . GLU A 1 153 ? 1.994   5.354   -11.911 1.00 24.04 ? 153 GLU A CB    1 
ATOM   1254 C  CG    . GLU A 1 153 ? 3.162   6.205   -11.511 1.00 23.10 ? 153 GLU A CG    1 
ATOM   1255 C  CD    . GLU A 1 153 ? 3.950   6.674   -12.682 1.00 32.64 ? 153 GLU A CD    1 
ATOM   1256 O  OE1   . GLU A 1 153 ? 3.356   7.329   -13.564 1.00 33.85 ? 153 GLU A OE1   1 
ATOM   1257 O  OE2   . GLU A 1 153 ? 5.162   6.384   -12.729 1.00 34.71 ? 153 GLU A OE2   1 
ATOM   1258 N  N     . ASP A 1 154 ? -0.623  3.554   -11.323 1.00 11.88 ? 154 ASP A N     1 
ATOM   1259 C  CA    . ASP A 1 154 ? -2.049  3.217   -11.173 1.00 13.10 ? 154 ASP A CA    1 
ATOM   1260 C  C     . ASP A 1 154 ? -2.502  3.141   -9.714  1.00 13.53 ? 154 ASP A C     1 
ATOM   1261 O  O     . ASP A 1 154 ? -3.414  3.861   -9.294  1.00 16.01 ? 154 ASP A O     1 
ATOM   1262 C  CB    . ASP A 1 154 ? -2.325  1.868   -11.833 1.00 18.60 ? 154 ASP A CB    1 
ATOM   1263 C  CG    . ASP A 1 154 ? -3.078  1.994   -13.130 1.00 30.41 ? 154 ASP A CG    1 
ATOM   1264 O  OD1   . ASP A 1 154 ? -2.642  2.782   -14.001 1.00 31.99 ? 154 ASP A OD1   1 
ATOM   1265 O  OD2   . ASP A 1 154 ? -4.070  1.249   -13.310 1.00 32.99 ? 154 ASP A OD2   1 
ATOM   1266 N  N     . ALA A 1 155 ? -1.911  2.212   -8.964  1.00 7.32  ? 155 ALA A N     1 
ATOM   1267 C  CA    . ALA A 1 155 ? -2.242  1.998   -7.560  1.00 5.00  ? 155 ALA A CA    1 
ATOM   1268 C  C     . ALA A 1 155 ? -2.115  3.286   -6.740  1.00 10.88 ? 155 ALA A C     1 
ATOM   1269 O  O     . ALA A 1 155 ? -3.053  3.691   -6.045  1.00 5.47  ? 155 ALA A O     1 
ATOM   1270 C  CB    . ALA A 1 155 ? -1.339  0.904   -6.984  1.00 5.00  ? 155 ALA A CB    1 
ATOM   1271 N  N     . PHE A 1 156 ? -0.996  3.983   -6.900  1.00 5.58  ? 156 PHE A N     1 
ATOM   1272 C  CA    . PHE A 1 156 ? -0.725  5.174   -6.098  1.00 9.78  ? 156 PHE A CA    1 
ATOM   1273 C  C     . PHE A 1 156 ? -1.628  6.341   -6.479  1.00 5.26  ? 156 PHE A C     1 
ATOM   1274 O  O     . PHE A 1 156 ? -2.140  7.051   -5.611  1.00 6.74  ? 156 PHE A O     1 
ATOM   1275 C  CB    . PHE A 1 156 ? 0.770   5.574   -6.186  1.00 7.95  ? 156 PHE A CB    1 
ATOM   1276 C  CG    . PHE A 1 156 ? 1.651   4.869   -5.201  1.00 10.18 ? 156 PHE A CG    1 
ATOM   1277 C  CD1   . PHE A 1 156 ? 1.747   5.311   -3.894  1.00 11.34 ? 156 PHE A CD1   1 
ATOM   1278 C  CD2   . PHE A 1 156 ? 2.385   3.738   -5.564  1.00 11.29 ? 156 PHE A CD2   1 
ATOM   1279 C  CE1   . PHE A 1 156 ? 2.557   4.649   -2.957  1.00 5.00  ? 156 PHE A CE1   1 
ATOM   1280 C  CE2   . PHE A 1 156 ? 3.196   3.066   -4.632  1.00 10.92 ? 156 PHE A CE2   1 
ATOM   1281 C  CZ    . PHE A 1 156 ? 3.279   3.529   -3.331  1.00 5.00  ? 156 PHE A CZ    1 
ATOM   1282 N  N     . TYR A 1 157 ? -1.892  6.492   -7.771  1.00 7.58  ? 157 TYR A N     1 
ATOM   1283 C  CA    . TYR A 1 157 ? -2.701  7.609   -8.258  1.00 8.96  ? 157 TYR A CA    1 
ATOM   1284 C  C     . TYR A 1 157 ? -4.181  7.381   -8.000  1.00 10.40 ? 157 TYR A C     1 
ATOM   1285 O  O     . TYR A 1 157 ? -4.899  8.304   -7.602  1.00 8.59  ? 157 TYR A O     1 
ATOM   1286 C  CB    . TYR A 1 157 ? -2.491  7.816   -9.755  1.00 13.08 ? 157 TYR A CB    1 
ATOM   1287 C  CG    . TYR A 1 157 ? -1.151  8.416   -10.174 1.00 22.96 ? 157 TYR A CG    1 
ATOM   1288 C  CD1   . TYR A 1 157 ? -0.169  8.758   -9.243  1.00 18.57 ? 157 TYR A CD1   1 
ATOM   1289 C  CD2   . TYR A 1 157 ? -0.873  8.624   -11.522 1.00 25.38 ? 157 TYR A CD2   1 
ATOM   1290 C  CE1   . TYR A 1 157 ? 1.042   9.289   -9.657  1.00 22.30 ? 157 TYR A CE1   1 
ATOM   1291 C  CE2   . TYR A 1 157 ? 0.321   9.142   -11.934 1.00 24.88 ? 157 TYR A CE2   1 
ATOM   1292 C  CZ    . TYR A 1 157 ? 1.272   9.475   -11.012 1.00 21.97 ? 157 TYR A CZ    1 
ATOM   1293 O  OH    . TYR A 1 157 ? 2.458   9.992   -11.484 1.00 30.35 ? 157 TYR A OH    1 
ATOM   1294 N  N     . THR A 1 158 ? -4.619  6.132   -8.115  1.00 10.91 ? 158 THR A N     1 
ATOM   1295 C  CA    . THR A 1 158 ? -6.008  5.796   -7.788  1.00 11.83 ? 158 THR A CA    1 
ATOM   1296 C  C     . THR A 1 158 ? -6.312  6.142   -6.341  1.00 10.99 ? 158 THR A C     1 
ATOM   1297 O  O     . THR A 1 158 ? -7.325  6.772   -6.048  1.00 8.51  ? 158 THR A O     1 
ATOM   1298 C  CB    . THR A 1 158 ? -6.315  4.299   -8.047  1.00 13.24 ? 158 THR A CB    1 
ATOM   1299 O  OG1   . THR A 1 158 ? -6.299  4.061   -9.459  1.00 11.67 ? 158 THR A OG1   1 
ATOM   1300 C  CG2   . THR A 1 158 ? -7.680  3.901   -7.462  1.00 5.19  ? 158 THR A CG2   1 
ATOM   1301 N  N     . LEU A 1 159 ? -5.412  5.774   -5.437  1.00 9.37  ? 159 LEU A N     1 
ATOM   1302 C  CA    . LEU A 1 159 ? -5.588  6.135   -4.038  1.00 9.77  ? 159 LEU A CA    1 
ATOM   1303 C  C     . LEU A 1 159 ? -5.687  7.653   -3.814  1.00 8.37  ? 159 LEU A C     1 
ATOM   1304 O  O     . LEU A 1 159 ? -6.524  8.113   -3.033  1.00 13.33 ? 159 LEU A O     1 
ATOM   1305 C  CB    . LEU A 1 159 ? -4.445  5.564   -3.209  1.00 5.00  ? 159 LEU A CB    1 
ATOM   1306 C  CG    . LEU A 1 159 ? -4.496  6.039   -1.761  1.00 10.46 ? 159 LEU A CG    1 
ATOM   1307 C  CD1   . LEU A 1 159 ? -5.797  5.586   -1.135  1.00 5.22  ? 159 LEU A CD1   1 
ATOM   1308 C  CD2   . LEU A 1 159 ? -3.285  5.499   -0.999  1.00 5.28  ? 159 LEU A CD2   1 
ATOM   1309 N  N     . VAL A 1 160 ? -4.836  8.428   -4.486  1.00 10.15 ? 160 VAL A N     1 
ATOM   1310 C  CA    . VAL A 1 160 ? -4.910  9.898   -4.417  1.00 9.61  ? 160 VAL A CA    1 
ATOM   1311 C  C     . VAL A 1 160 ? -6.261  10.466  -4.878  1.00 12.93 ? 160 VAL A C     1 
ATOM   1312 O  O     . VAL A 1 160 ? -6.799  11.365  -4.245  1.00 13.66 ? 160 VAL A O     1 
ATOM   1313 C  CB    . VAL A 1 160 ? -3.769  10.560  -5.234  1.00 10.05 ? 160 VAL A CB    1 
ATOM   1314 C  CG1   . VAL A 1 160 ? -4.023  12.065  -5.417  1.00 8.25  ? 160 VAL A CG1   1 
ATOM   1315 C  CG2   . VAL A 1 160 ? -2.436  10.325  -4.528  1.00 10.14 ? 160 VAL A CG2   1 
ATOM   1316 N  N     . ARG A 1 161 ? -6.863  9.864   -5.900  1.00 8.88  ? 161 ARG A N     1 
ATOM   1317 C  CA    . ARG A 1 161 ? -8.197  10.265  -6.343  1.00 9.62  ? 161 ARG A CA    1 
ATOM   1318 C  C     . ARG A 1 161 ? -9.300  9.798   -5.380  1.00 15.24 ? 161 ARG A C     1 
ATOM   1319 O  O     . ARG A 1 161 ? -10.292 10.507  -5.181  1.00 11.87 ? 161 ARG A O     1 
ATOM   1320 C  CB    . ARG A 1 161 ? -8.452  9.727   -7.746  1.00 15.90 ? 161 ARG A CB    1 
ATOM   1321 C  CG    . ARG A 1 161 ? -7.407  10.159  -8.744  1.00 9.43  ? 161 ARG A CG    1 
ATOM   1322 C  CD    . ARG A 1 161 ? -7.855  9.921   -10.171 1.00 10.84 ? 161 ARG A CD    1 
ATOM   1323 N  NE    . ARG A 1 161 ? -7.238  8.730   -10.731 1.00 17.89 ? 161 ARG A NE    1 
ATOM   1324 C  CZ    . ARG A 1 161 ? -6.188  8.711   -11.545 1.00 15.84 ? 161 ARG A CZ    1 
ATOM   1325 N  NH1   . ARG A 1 161 ? -5.607  9.822   -11.957 1.00 11.35 ? 161 ARG A NH1   1 
ATOM   1326 N  NH2   . ARG A 1 161 ? -5.758  7.555   -12.006 1.00 13.69 ? 161 ARG A NH2   1 
ATOM   1327 N  N     . GLU A 1 162 ? -9.080  8.656   -4.728  1.00 11.82 ? 162 GLU A N     1 
ATOM   1328 C  CA    . GLU A 1 162 ? -9.960  8.178   -3.661  1.00 14.60 ? 162 GLU A CA    1 
ATOM   1329 C  C     . GLU A 1 162 ? -10.084 9.199   -2.538  1.00 14.60 ? 162 GLU A C     1 
ATOM   1330 O  O     . GLU A 1 162 ? -11.187 9.473   -2.042  1.00 20.22 ? 162 GLU A O     1 
ATOM   1331 C  CB    . GLU A 1 162 ? -9.447  6.851   -3.085  1.00 15.42 ? 162 GLU A CB    1 
ATOM   1332 C  CG    . GLU A 1 162 ? -9.815  5.627   -3.911  1.00 17.67 ? 162 GLU A CG    1 
ATOM   1333 C  CD    . GLU A 1 162 ? -11.302 5.549   -4.242  1.00 19.06 ? 162 GLU A CD    1 
ATOM   1334 O  OE1   . GLU A 1 162 ? -12.120 5.779   -3.333  1.00 27.79 ? 162 GLU A OE1   1 
ATOM   1335 O  OE2   . GLU A 1 162 ? -11.653 5.223   -5.401  1.00 19.86 ? 162 GLU A OE2   1 
ATOM   1336 N  N     . ILE A 1 163 ? -8.943  9.765   -2.154  1.00 6.90  ? 163 ILE A N     1 
ATOM   1337 C  CA    . ILE A 1 163 ? -8.893  10.781  -1.111  1.00 8.38  ? 163 ILE A CA    1 
ATOM   1338 C  C     . ILE A 1 163 ? -9.580  12.033  -1.631  1.00 17.64 ? 163 ILE A C     1 
ATOM   1339 O  O     . ILE A 1 163 ? -10.267 12.719  -0.880  1.00 23.70 ? 163 ILE A O     1 
ATOM   1340 C  CB    . ILE A 1 163 ? -7.445  11.149  -0.730  1.00 8.68  ? 163 ILE A CB    1 
ATOM   1341 C  CG1   . ILE A 1 163 ? -6.730  9.925   -0.149  1.00 6.94  ? 163 ILE A CG1   1 
ATOM   1342 C  CG2   . ILE A 1 163 ? -7.438  12.312  0.288   1.00 11.26 ? 163 ILE A CG2   1 
ATOM   1343 C  CD1   . ILE A 1 163 ? -5.213  10.002  -0.236  1.00 8.56  ? 163 ILE A CD1   1 
ATOM   1344 N  N     . ARG A 1 164 ? -9.412  12.333  -2.917  1.00 20.88 ? 164 ARG A N     1 
ATOM   1345 C  CA    . ARG A 1 164 ? -10.040 13.528  -3.490  1.00 19.56 ? 164 ARG A CA    1 
ATOM   1346 C  C     . ARG A 1 164 ? -11.574 13.558  -3.412  1.00 24.06 ? 164 ARG A C     1 
ATOM   1347 O  O     . ARG A 1 164 ? -12.156 14.554  -2.993  1.00 20.23 ? 164 ARG A O     1 
ATOM   1348 C  CB    . ARG A 1 164 ? -9.546  13.741  -4.927  1.00 19.91 ? 164 ARG A CB    1 
ATOM   1349 C  CG    . ARG A 1 164 ? -8.077  14.216  -4.911  1.00 18.37 ? 164 ARG A CG    1 
ATOM   1350 C  CD    . ARG A 1 164 ? -7.674  15.073  -6.107  1.00 26.67 ? 164 ARG A CD    1 
ATOM   1351 N  NE    . ARG A 1 164 ? -7.338  14.239  -7.245  1.00 27.54 ? 164 ARG A NE    1 
ATOM   1352 C  CZ    . ARG A 1 164 ? -6.383  14.444  -8.156  1.00 26.65 ? 164 ARG A CZ    1 
ATOM   1353 N  NH1   . ARG A 1 164 ? -5.561  15.479  -8.085  1.00 40.50 ? 164 ARG A NH1   1 
ATOM   1354 N  NH2   . ARG A 1 164 ? -6.278  13.590  -9.171  1.00 28.81 ? 164 ARG A NH2   1 
ATOM   1355 N  N     . GLN A 1 165 ? -12.214 12.418  -3.627  1.00 24.73 ? 165 GLN A N     1 
ATOM   1356 C  CA    . GLN A 1 165 ? -13.663 12.359  -3.524  1.00 27.86 ? 165 GLN A CA    1 
ATOM   1357 C  C     . GLN A 1 165 ? -14.161 12.201  -2.088  1.00 31.07 ? 165 GLN A C     1 
ATOM   1358 O  O     . GLN A 1 165 ? -15.363 12.235  -1.851  1.00 36.99 ? 165 GLN A O     1 
ATOM   1359 C  CB    . GLN A 1 165 ? -14.217 11.222  -4.378  1.00 30.76 ? 165 GLN A CB    1 
ATOM   1360 C  CG    . GLN A 1 165 ? -14.273 11.525  -5.872  1.00 35.82 ? 165 GLN A CG    1 
ATOM   1361 C  CD    . GLN A 1 165 ? -13.782 10.357  -6.706  1.00 38.28 ? 165 GLN A CD    1 
ATOM   1362 O  OE1   . GLN A 1 165 ? -14.504 9.369   -6.886  1.00 34.96 ? 165 GLN A OE1   1 
ATOM   1363 N  NE2   . GLN A 1 165 ? -12.514 10.408  -7.125  1.00 26.32 ? 165 GLN A NE2   1 
ATOM   1364 N  N     . HIS A 1 166 ? -13.252 11.991  -1.140  1.00 32.82 ? 166 HIS A N     1 
ATOM   1365 C  CA    . HIS A 1 166 ? -13.608 12.003  0.276   1.00 36.49 ? 166 HIS A CA    1 
ATOM   1366 C  C     . HIS A 1 166 ? -13.737 13.455  0.744   1.00 37.83 ? 166 HIS A C     1 
ATOM   1367 O  O     . HIS A 1 166 ? -14.685 13.698  1.498   1.00 42.51 ? 166 HIS A O     1 
ATOM   1368 C  CB    . HIS A 1 166 ? -12.548 11.259  1.113   1.00 40.64 ? 166 HIS A CB    1 
ATOM   1369 C  CG    . HIS A 1 166 ? -13.041 10.763  2.439   1.00 45.05 ? 166 HIS A CG    1 
ATOM   1370 N  ND1   . HIS A 1 166 ? -13.726 9.564   2.586   1.00 45.34 ? 166 HIS A ND1   1 
ATOM   1371 C  CD2   . HIS A 1 166 ? -12.843 11.220  3.699   1.00 44.93 ? 166 HIS A CD2   1 
ATOM   1372 C  CE1   . HIS A 1 166 ? -13.916 9.314   3.861   1.00 39.40 ? 166 HIS A CE1   1 
ATOM   1373 N  NE2   . HIS A 1 166 ? -13.386 10.305  4.567   1.00 37.24 ? 166 HIS A NE2   1 
ATOM   1374 O  OXT   . HIS A 1 166 ? -13.019 14.349  0.234   1.00 39.14 ? 166 HIS A OXT   1 
HETATM 1375 MG MG    . MG  B 2 .   ? 10.068  -2.826  3.642   1.00 22.78 ? 168 MG  A MG    1 
HETATM 1376 P  PG    . CAG C 3 .   ? 8.927   -6.042  4.890   1.00 16.01 ? 167 CAG A PG    1 
HETATM 1377 O  O1G   . CAG C 3 .   ? 9.224   -4.613  4.898   1.00 16.71 ? 167 CAG A O1G   1 
HETATM 1378 O  O2G   . CAG C 3 .   ? 7.734   -6.528  5.589   1.00 15.63 ? 167 CAG A O2G   1 
HETATM 1379 O  O3G   . CAG C 3 .   ? 10.222  -6.866  5.354   1.00 19.82 ? 167 CAG A O3G   1 
HETATM 1380 P  PB    . CAG C 3 .   ? 8.302   -5.528  2.218   1.00 18.92 ? 167 CAG A PB    1 
HETATM 1381 O  O1B   . CAG C 3 .   ? 6.834   -5.746  2.207   1.00 20.33 ? 167 CAG A O1B   1 
HETATM 1382 O  O2B   . CAG C 3 .   ? 8.822   -4.148  2.293   1.00 17.44 ? 167 CAG A O2B   1 
HETATM 1383 O  O3B   . CAG C 3 .   ? 8.922   -6.519  3.349   1.00 19.43 ? 167 CAG A O3B   1 
HETATM 1384 P  PA    . CAG C 3 .   ? 10.172  -5.638  0.056   1.00 17.51 ? 167 CAG A PA    1 
HETATM 1385 O  O1A   . CAG C 3 .   ? 9.811   -4.444  -0.747  1.00 12.59 ? 167 CAG A O1A   1 
HETATM 1386 O  O2A   . CAG C 3 .   ? 11.360  -5.588  0.929   1.00 20.33 ? 167 CAG A O2A   1 
HETATM 1387 O  O3A   . CAG C 3 .   ? 8.911   -6.227  0.898   1.00 13.95 ? 167 CAG A O3A   1 
HETATM 1388 O  "O5'" . CAG C 3 .   ? 10.318  -6.835  -1.006  1.00 15.67 ? 167 CAG A "O5'" 1 
HETATM 1389 C  C5B   . CAG C 3 .   ? 10.332  -8.173  -0.522  1.00 18.35 ? 167 CAG A C5B   1 
HETATM 1390 C  C4B   . CAG C 3 .   ? 10.876  -9.156  -1.545  1.00 16.33 ? 167 CAG A C4B   1 
HETATM 1391 O  "O4'" . CAG C 3 .   ? 9.915   -9.440  -2.567  1.00 17.48 ? 167 CAG A "O4'" 1 
HETATM 1392 C  C3B   . CAG C 3 .   ? 12.131  -8.582  -2.198  1.00 24.64 ? 167 CAG A C3B   1 
HETATM 1393 O  "O3'" . CAG C 3 .   ? 13.102  -9.610  -2.447  1.00 27.52 ? 167 CAG A "O3'" 1 
HETATM 1394 C  C2B   . CAG C 3 .   ? 11.543  -7.964  -3.455  1.00 20.74 ? 167 CAG A C2B   1 
HETATM 1395 O  "O2'" . CAG C 3 .   ? 12.409  -7.766  -4.574  1.00 23.05 ? 167 CAG A "O2'" 1 
HETATM 1396 C  C1B   . CAG C 3 .   ? 10.460  -8.959  -3.788  1.00 13.49 ? 167 CAG A C1B   1 
HETATM 1397 N  N9    . CAG C 3 .   ? 9.439   -8.240  -4.529  1.00 23.22 ? 167 CAG A N9    1 
HETATM 1398 C  C8    . CAG C 3 .   ? 8.748   -7.098  -4.226  1.00 19.75 ? 167 CAG A C8    1 
HETATM 1399 N  N7    . CAG C 3 .   ? 7.985   -6.671  -5.193  1.00 26.44 ? 167 CAG A N7    1 
HETATM 1400 C  C5    . CAG C 3 .   ? 8.121   -7.662  -6.166  1.00 17.56 ? 167 CAG A C5    1 
HETATM 1401 C  C6    . CAG C 3 .   ? 7.488   -7.799  -7.421  1.00 17.22 ? 167 CAG A C6    1 
HETATM 1402 O  O6    . CAG C 3 .   ? 6.514   -7.195  -7.867  1.00 19.60 ? 167 CAG A O6    1 
HETATM 1403 N  N1    . CAG C 3 .   ? 8.005   -8.873  -8.112  1.00 17.40 ? 167 CAG A N1    1 
HETATM 1404 C  C2    . CAG C 3 .   ? 8.878   -9.802  -7.608  1.00 13.09 ? 167 CAG A C2    1 
HETATM 1405 N  N2    . CAG C 3 .   ? 9.220   -10.782 -8.423  1.00 16.41 ? 167 CAG A N2    1 
HETATM 1406 N  N3    . CAG C 3 .   ? 9.388   -9.756  -6.388  1.00 17.57 ? 167 CAG A N3    1 
HETATM 1407 C  C4    . CAG C 3 .   ? 8.990   -8.636  -5.743  1.00 21.76 ? 167 CAG A C4    1 
HETATM 1408 C  "C'"  . CAG C 3 .   ? 10.236  -8.081  6.099   1.00 25.73 ? 167 CAG A "C'"  1 
HETATM 1409 C  "CM'" . CAG C 3 .   ? 11.563  -8.135  6.824   1.00 24.75 ? 167 CAG A "CM'" 1 
HETATM 1410 C  "C1'" . CAG C 3 .   ? 10.027  -9.366  5.342   1.00 29.00 ? 167 CAG A "C1'" 1 
HETATM 1411 C  "C2'" . CAG C 3 .   ? 10.719  -9.745  4.229   1.00 27.05 ? 167 CAG A "C2'" 1 
HETATM 1412 N  "N2'" . CAG C 3 .   ? 11.700  -8.980  3.611   1.00 30.87 ? 167 CAG A "N2'" 1 
HETATM 1413 O  "O'L" . CAG C 3 .   ? 11.799  -7.603  3.822   1.00 33.56 ? 167 CAG A "O'L" 1 
HETATM 1414 O  "O'M" . CAG C 3 .   ? 12.533  -9.596  2.665   1.00 31.27 ? 167 CAG A "O'M" 1 
HETATM 1415 C  "C3'" . CAG C 3 .   ? 10.569  -10.991 3.723   1.00 24.74 ? 167 CAG A "C3'" 1 
HETATM 1416 C  "C4'" . CAG C 3 .   ? 9.823   -11.919 4.363   1.00 25.99 ? 167 CAG A "C4'" 1 
HETATM 1417 C  "C5'" . CAG C 3 .   ? 9.151   -11.567 5.479   1.00 27.53 ? 167 CAG A "C5'" 1 
HETATM 1418 C  "C6'" . CAG C 3 .   ? 9.249   -10.299 5.946   1.00 18.01 ? 167 CAG A "C6'" 1 
HETATM 1419 O  O     . HOH D 4 .   ? 9.167   -6.019  9.625   1.00 32.39 ? 170 HOH A O     1 
HETATM 1420 O  O     . HOH D 4 .   ? 11.941  -3.835  2.620   1.00 25.08 ? 172 HOH A O     1 
HETATM 1421 O  O     . HOH D 4 .   ? 7.986   -1.970  4.034   1.00 7.70  ? 173 HOH A O     1 
HETATM 1422 O  O     . HOH D 4 .   ? -3.237  22.057  -5.279  1.00 51.97 ? 177 HOH A O     1 
HETATM 1423 O  O     . HOH D 4 .   ? 4.025   -19.943 -2.575  1.00 49.02 ? 178 HOH A O     1 
HETATM 1424 O  O     . HOH D 4 .   ? 12.325  14.664  -3.360  1.00 34.12 ? 179 HOH A O     1 
HETATM 1425 O  O     . HOH D 4 .   ? 10.282  16.601  -5.008  1.00 14.76 ? 180 HOH A O     1 
HETATM 1426 O  O     . HOH D 4 .   ? 19.969  -0.868  -4.460  1.00 41.31 ? 181 HOH A O     1 
HETATM 1427 O  O     . HOH D 4 .   ? 11.627  -0.794  -6.007  1.00 18.74 ? 184 HOH A O     1 
HETATM 1428 O  O     . HOH D 4 .   ? 5.298   -16.110 -0.568  1.00 38.57 ? 186 HOH A O     1 
HETATM 1429 O  O     . HOH D 4 .   ? 1.965   -13.521 5.580   1.00 42.88 ? 193 HOH A O     1 
HETATM 1430 O  O     . HOH D 4 .   ? -2.530  16.741  4.399   1.00 25.49 ? 195 HOH A O     1 
HETATM 1431 O  O     . HOH D 4 .   ? -7.327  18.058  -2.548  1.00 42.50 ? 196 HOH A O     1 
HETATM 1432 O  O     . HOH D 4 .   ? -4.533  15.396  7.145   1.00 34.71 ? 201 HOH A O     1 
HETATM 1433 O  O     . HOH D 4 .   ? 2.457   -2.849  7.561   1.00 10.47 ? 202 HOH A O     1 
HETATM 1434 O  O     . HOH D 4 .   ? 5.826   -12.761 -1.248  1.00 29.08 ? 204 HOH A O     1 
HETATM 1435 O  O     . HOH D 4 .   ? 8.776   9.999   -9.418  1.00 37.97 ? 210 HOH A O     1 
HETATM 1436 O  O     . HOH D 4 .   ? 0.633   -0.638  -15.922 1.00 27.65 ? 213 HOH A O     1 
HETATM 1437 O  O     . HOH D 4 .   ? 3.458   2.243   -13.193 1.00 15.72 ? 215 HOH A O     1 
HETATM 1438 O  O     . HOH D 4 .   ? 2.051   16.766  -15.703 1.00 27.07 ? 220 HOH A O     1 
HETATM 1439 O  O     . HOH D 4 .   ? -1.074  23.593  -10.362 1.00 41.44 ? 222 HOH A O     1 
HETATM 1440 O  O     . HOH D 4 .   ? -13.270 2.087   2.891   1.00 22.10 ? 228 HOH A O     1 
HETATM 1441 O  O     . HOH D 4 .   ? -0.618  -8.250  3.581   1.00 14.92 ? 231 HOH A O     1 
HETATM 1442 O  O     . HOH D 4 .   ? -17.834 5.707   8.178   1.00 35.21 ? 235 HOH A O     1 
HETATM 1443 O  O     . HOH D 4 .   ? 12.651  0.010   -12.800 1.00 43.53 ? 237 HOH A O     1 
HETATM 1444 O  O     . HOH D 4 .   ? -0.802  -12.699 -13.495 1.00 36.86 ? 246 HOH A O     1 
HETATM 1445 O  O     . HOH D 4 .   ? -3.840  -4.762  -15.264 1.00 24.82 ? 247 HOH A O     1 
HETATM 1446 O  O     . HOH D 4 .   ? -10.808 2.470   -9.463  1.00 29.32 ? 257 HOH A O     1 
HETATM 1447 O  O     . HOH D 4 .   ? -3.151  -3.324  -12.982 1.00 16.07 ? 259 HOH A O     1 
HETATM 1448 O  O     . HOH D 4 .   ? -2.378  -0.844  -14.537 1.00 31.66 ? 262 HOH A O     1 
HETATM 1449 O  O     . HOH D 4 .   ? -8.635  3.085   -10.954 1.00 23.90 ? 263 HOH A O     1 
HETATM 1450 O  O     . HOH D 4 .   ? -5.617  -21.573 -3.513  1.00 50.92 ? 264 HOH A O     1 
HETATM 1451 O  O     . HOH D 4 .   ? -20.754 -6.702  -8.936  1.00 56.87 ? 265 HOH A O     1 
HETATM 1452 O  O     . HOH D 4 .   ? -6.637  -15.128 -11.163 1.00 37.47 ? 267 HOH A O     1 
HETATM 1453 O  O     . HOH D 4 .   ? 5.742   14.831  -12.303 1.00 45.16 ? 273 HOH A O     1 
HETATM 1454 O  O     . HOH D 4 .   ? -1.924  17.448  -16.887 1.00 28.19 ? 276 HOH A O     1 
HETATM 1455 O  O     . HOH D 4 .   ? 6.704   15.977  7.176   1.00 53.87 ? 277 HOH A O     1 
HETATM 1456 O  O     . HOH D 4 .   ? 9.325   -11.950 -3.622  1.00 26.66 ? 281 HOH A O     1 
HETATM 1457 O  O     . HOH D 4 .   ? 8.335   -12.570 -6.254  1.00 52.21 ? 282 HOH A O     1 
HETATM 1458 O  O     . HOH D 4 .   ? 9.380   18.607  5.933   1.00 52.34 ? 305 HOH A O     1 
HETATM 1459 O  O     . HOH D 4 .   ? 1.359   14.681  12.872  1.00 36.00 ? 309 HOH A O     1 
HETATM 1460 O  O     . HOH D 4 .   ? 8.702   9.977   9.548   1.00 45.54 ? 316 HOH A O     1 
HETATM 1461 O  O     . HOH D 4 .   ? 17.537  4.850   4.488   1.00 65.15 ? 320 HOH A O     1 
HETATM 1462 O  O     . HOH D 4 .   ? 7.165   8.070   20.057  1.00 60.30 ? 335 HOH A O     1 
HETATM 1463 O  O     . HOH D 4 .   ? 3.676   9.076   11.218  1.00 46.55 ? 338 HOH A O     1 
HETATM 1464 O  O     . HOH D 4 .   ? 13.413  5.372   9.673   1.00 59.38 ? 343 HOH A O     1 
HETATM 1465 O  O     . HOH D 4 .   ? 16.112  -13.063 -2.988  1.00 42.37 ? 367 HOH A O     1 
HETATM 1466 O  O     . HOH D 4 .   ? 8.680   -14.906 -3.673  1.00 42.55 ? 378 HOH A O     1 
HETATM 1467 O  O     . HOH D 4 .   ? -11.738 -13.512 14.711  1.00 59.96 ? 381 HOH A O     1 
HETATM 1468 O  O     . HOH D 4 .   ? -10.685 -18.483 -13.565 1.00 61.43 ? 389 HOH A O     1 
HETATM 1469 O  O     . HOH D 4 .   ? -16.277 4.082   -6.677  1.00 51.63 ? 394 HOH A O     1 
HETATM 1470 O  O     . HOH D 4 .   ? 18.968  -12.495 -17.230 1.00 39.96 ? 395 HOH A O     1 
HETATM 1471 O  O     . HOH D 4 .   ? 4.063   10.268  -16.413 1.00 44.20 ? 397 HOH A O     1 
HETATM 1472 O  O     . HOH D 4 .   ? -20.393 -9.718  0.517   1.00 39.65 ? 409 HOH A O     1 
HETATM 1473 O  O     . HOH D 4 .   ? 3.454   17.155  7.068   1.00 63.90 ? 410 HOH A O     1 
HETATM 1474 O  O     . HOH D 4 .   ? -14.390 3.593   -4.554  1.00 22.43 ? 411 HOH A O     1 
HETATM 1475 O  O     . HOH D 4 .   ? 6.358   16.253  14.411  1.00 35.55 ? 414 HOH A O     1 
HETATM 1476 O  O     . HOH D 4 .   ? -6.675  4.445   19.474  1.00 59.32 ? 423 HOH A O     1 
HETATM 1477 O  O     . HOH D 4 .   ? -16.400 0.242   12.627  1.00 38.54 ? 432 HOH A O     1 
HETATM 1478 O  O     . HOH D 4 .   ? 10.784  8.379   -11.537 1.00 61.28 ? 434 HOH A O     1 
HETATM 1479 O  O     . HOH D 4 .   ? 20.723  3.245   3.976   1.00 48.91 ? 439 HOH A O     1 
HETATM 1480 O  O     . HOH D 4 .   ? 4.609   -12.939 1.819   1.00 35.93 ? 448 HOH A O     1 
HETATM 1481 O  O     . HOH D 4 .   ? 3.143   25.172  9.256   1.00 67.88 ? 450 HOH A O     1 
HETATM 1482 O  O     . HOH D 4 .   ? 13.676  8.656   -1.512  1.00 57.95 ? 452 HOH A O     1 
HETATM 1483 O  O     . HOH D 4 .   ? 8.197   20.529  -4.985  1.00 35.37 ? 455 HOH A O     1 
HETATM 1484 O  O     . HOH D 4 .   ? 0.654   9.330   8.474   1.00 60.01 ? 456 HOH A O     1 
HETATM 1485 O  O     . HOH D 4 .   ? -2.152  -9.042  10.286  1.00 53.05 ? 457 HOH A O     1 
HETATM 1486 O  O     . HOH D 4 .   ? -8.878  -23.906 -5.862  1.00 47.34 ? 460 HOH A O     1 
HETATM 1487 O  O     . HOH D 4 .   ? 6.543   8.601   -11.042 1.00 63.24 ? 461 HOH A O     1 
HETATM 1488 O  O     . HOH D 4 .   ? -2.272  8.703   17.378  1.00 41.04 ? 465 HOH A O     1 
HETATM 1489 O  O     . HOH D 4 .   ? -1.502  10.718  15.583  1.00 45.32 ? 466 HOH A O     1 
HETATM 1490 O  O     . HOH D 4 .   ? -3.161  19.523  1.882   1.00 30.79 ? 468 HOH A O     1 
HETATM 1491 O  O     . HOH D 4 .   ? 7.236   -1.011  15.922  1.00 48.12 ? 470 HOH A O     1 
HETATM 1492 O  O     . HOH D 4 .   ? 2.300   9.745   5.368   1.00 22.48 ? 471 HOH A O     1 
HETATM 1493 O  O     . HOH D 4 .   ? -4.846  15.812  1.008   1.00 47.71 ? 472 HOH A O     1 
HETATM 1494 O  O     . HOH D 4 .   ? 3.570   19.641  -7.100  1.00 64.56 ? 474 HOH A O     1 
HETATM 1495 O  O     . HOH D 4 .   ? -13.528 7.766   0.291   1.00 37.05 ? 476 HOH A O     1 
HETATM 1496 O  O     . HOH D 4 .   ? 13.557  6.239   3.509   1.00 44.54 ? 478 HOH A O     1 
HETATM 1497 O  O     . HOH D 4 .   ? 6.843   17.231  -11.322 1.00 46.83 ? 482 HOH A O     1 
HETATM 1498 O  O     . HOH D 4 .   ? -11.657 4.036   -0.973  1.00 31.67 ? 483 HOH A O     1 
HETATM 1499 O  O     . HOH D 4 .   ? -3.131  21.769  -14.704 1.00 53.13 ? 486 HOH A O     1 
HETATM 1500 O  O     . HOH D 4 .   ? -11.155 12.138  -8.619  1.00 21.31 ? 488 HOH A O     1 
HETATM 1501 O  O     . HOH D 4 .   ? -8.780  13.288  -10.164 1.00 42.86 ? 489 HOH A O     1 
HETATM 1502 O  O     . HOH D 4 .   ? -12.202 7.834   -7.561  1.00 45.59 ? 492 HOH A O     1 
HETATM 1503 O  O     . HOH D 4 .   ? -8.308  -16.517 8.682   1.00 37.93 ? 493 HOH A O     1 
HETATM 1504 O  O     . HOH D 4 .   ? 7.739   8.231   -14.206 1.00 42.17 ? 499 HOH A O     1 
HETATM 1505 O  O     . HOH D 4 .   ? -19.662 -8.016  -3.126  1.00 59.91 ? 500 HOH A O     1 
HETATM 1506 O  O     . HOH D 4 .   ? 8.952   -14.317 1.516   1.00 54.38 ? 501 HOH A O     1 
HETATM 1507 O  O     . HOH D 4 .   ? -6.799  -18.983 2.663   1.00 29.67 ? 504 HOH A O     1 
HETATM 1508 O  O     . HOH D 4 .   ? 22.400  -6.771  -6.496  1.00 37.56 ? 505 HOH A O     1 
HETATM 1509 O  O     . HOH D 4 .   ? 20.187  -3.860  -7.984  1.00 56.60 ? 506 HOH A O     1 
HETATM 1510 O  O     . HOH D 4 .   ? -17.942 -8.009  -7.460  1.00 62.04 ? 507 HOH A O     1 
HETATM 1511 O  O     . HOH D 4 .   ? -8.376  -17.991 0.565   1.00 42.19 ? 510 HOH A O     1 
HETATM 1512 O  O     . HOH D 4 .   ? -3.562  1.706   -16.492 1.00 33.49 ? 511 HOH A O     1 
HETATM 1513 O  O     . HOH D 4 .   ? 12.363  -11.421 -6.045  1.00 34.22 ? 513 HOH A O     1 
HETATM 1514 O  O     . HOH D 4 .   ? -0.454  -5.019  -14.156 1.00 50.23 ? 515 HOH A O     1 
HETATM 1515 O  O     . HOH D 4 .   ? -5.888  -20.529 -6.124  1.00 46.47 ? 518 HOH A O     1 
HETATM 1516 O  O     . HOH D 4 .   ? -10.293 -13.302 -12.258 1.00 37.39 ? 520 HOH A O     1 
HETATM 1517 O  O     . HOH D 4 .   ? 6.517   -18.033 -10.325 1.00 47.79 ? 521 HOH A O     1 
HETATM 1518 O  O     . HOH D 4 .   ? 9.869   -8.366  2.104   1.00 57.81 ? 523 HOH A O     1 
# 
